data_2VRG
#
_entry.id   2VRG
#
_cell.length_a   1.000
_cell.length_b   1.000
_cell.length_c   1.000
_cell.angle_alpha   90.00
_cell.angle_beta   90.00
_cell.angle_gamma   90.00
#
_symmetry.space_group_name_H-M   'P 1'
#
loop_
_entity.id
_entity.type
_entity.pdbx_description
1 polymer 'MULTIPLE COAGULATION FACTOR DEFICIENCY PROTEIN 2'
2 non-polymer 'CALCIUM ION'
#
_entity_poly.entity_id   1
_entity_poly.type   'polypeptide(L)'
_entity_poly.pdbx_seq_one_letter_code
;GSHMEEPAASFSQPGSMGLDKNTVHDQEHIMEHLEGVINKPEAEMSPQELQLHYFKMHDYDGNNLLDGLELSTAITHVHK
EEGSEQAPLMSEDELINIIDGVLRDDDKNNDGYIDYAEFAKSLQ
;
_entity_poly.pdbx_strand_id   A
#
loop_
_chem_comp.id
_chem_comp.type
_chem_comp.name
_chem_comp.formula
CA non-polymer 'CALCIUM ION' 'Ca 2'
#
# COMPACT_ATOMS: atom_id res chain seq x y z
N MET A 45 -12.32 -5.59 -10.18
CA MET A 45 -12.99 -4.46 -9.55
C MET A 45 -12.58 -3.14 -10.22
N SER A 46 -13.30 -2.07 -9.91
CA SER A 46 -13.04 -0.76 -10.51
C SER A 46 -11.99 0.02 -9.70
N PRO A 47 -11.18 0.86 -10.35
CA PRO A 47 -10.06 1.55 -9.69
C PRO A 47 -10.44 2.28 -8.40
N GLN A 48 -11.57 2.96 -8.43
CA GLN A 48 -12.03 3.75 -7.28
C GLN A 48 -12.17 2.89 -6.03
N GLU A 49 -12.92 1.80 -6.15
CA GLU A 49 -13.11 0.86 -5.05
C GLU A 49 -11.85 0.06 -4.79
N LEU A 50 -11.03 -0.10 -5.83
CA LEU A 50 -9.76 -0.81 -5.68
C LEU A 50 -8.82 -0.03 -4.77
N GLN A 51 -9.09 1.23 -4.57
CA GLN A 51 -8.34 2.01 -3.59
C GLN A 51 -8.73 1.50 -2.20
N LEU A 52 -10.03 1.36 -2.00
CA LEU A 52 -10.55 0.76 -0.77
C LEU A 52 -10.16 -0.71 -0.71
N HIS A 53 -9.82 -1.27 -1.88
CA HIS A 53 -9.33 -2.64 -1.93
C HIS A 53 -7.97 -2.73 -1.28
N TYR A 54 -7.13 -1.74 -1.54
CA TYR A 54 -5.81 -1.69 -0.93
C TYR A 54 -5.97 -1.45 0.56
N PHE A 55 -7.06 -0.79 0.91
CA PHE A 55 -7.36 -0.51 2.30
C PHE A 55 -7.81 -1.78 3.01
N LYS A 56 -8.83 -2.45 2.47
CA LYS A 56 -9.41 -3.61 3.13
C LYS A 56 -8.55 -4.86 2.92
N MET A 57 -7.61 -4.75 1.98
CA MET A 57 -6.76 -5.87 1.55
C MET A 57 -6.24 -6.67 2.73
N HIS A 58 -5.83 -5.98 3.77
CA HIS A 58 -5.33 -6.64 4.96
C HIS A 58 -5.80 -5.93 6.22
N ASP A 59 -6.74 -4.99 6.06
CA ASP A 59 -7.28 -4.28 7.23
C ASP A 59 -8.43 -5.07 7.82
N TYR A 60 -8.09 -5.96 8.74
CA TYR A 60 -9.09 -6.75 9.44
C TYR A 60 -9.24 -6.24 10.86
N ASP A 61 -8.69 -5.05 11.10
CA ASP A 61 -8.68 -4.46 12.43
C ASP A 61 -9.58 -3.23 12.50
N GLY A 62 -9.94 -2.71 11.32
CA GLY A 62 -10.85 -1.58 11.23
C GLY A 62 -10.36 -0.31 11.92
N ASN A 63 -9.04 -0.14 12.05
CA ASN A 63 -8.50 1.03 12.72
C ASN A 63 -8.29 2.18 11.73
N ASN A 64 -8.70 1.94 10.49
CA ASN A 64 -8.60 2.94 9.41
C ASN A 64 -7.14 3.19 9.04
N LEU A 65 -6.29 2.23 9.38
CA LEU A 65 -4.87 2.34 9.06
C LEU A 65 -4.29 0.98 8.71
N LEU A 66 -3.18 1.01 8.00
CA LEU A 66 -2.50 -0.19 7.57
C LEU A 66 -1.05 -0.16 8.02
N ASP A 67 -0.67 -1.10 8.85
CA ASP A 67 0.72 -1.27 9.26
C ASP A 67 1.45 -2.14 8.24
N GLY A 68 2.77 -2.24 8.32
CA GLY A 68 3.52 -3.08 7.38
C GLY A 68 3.00 -4.50 7.35
N LEU A 69 2.57 -5.00 8.50
CA LEU A 69 2.02 -6.36 8.61
C LEU A 69 0.80 -6.50 7.70
N GLU A 70 -0.04 -5.49 7.70
CA GLU A 70 -1.19 -5.45 6.82
C GLU A 70 -0.71 -5.22 5.39
N LEU A 71 0.12 -4.21 5.24
CA LEU A 71 0.55 -3.72 3.95
C LEU A 71 1.39 -4.71 3.17
N SER A 72 1.85 -5.76 3.82
CA SER A 72 2.67 -6.77 3.16
C SER A 72 1.97 -7.34 1.92
N THR A 73 0.65 -7.41 1.96
CA THR A 73 -0.12 -7.86 0.80
C THR A 73 -0.51 -6.69 -0.10
N ALA A 74 -0.82 -5.56 0.52
CA ALA A 74 -1.44 -4.44 -0.17
C ALA A 74 -0.41 -3.62 -0.94
N ILE A 75 0.71 -3.35 -0.30
CA ILE A 75 1.73 -2.48 -0.87
C ILE A 75 2.31 -3.04 -2.15
N THR A 76 2.15 -4.34 -2.33
CA THR A 76 2.55 -4.99 -3.57
C THR A 76 1.87 -4.33 -4.77
N HIS A 77 0.75 -3.65 -4.51
CA HIS A 77 0.06 -2.88 -5.54
C HIS A 77 0.22 -1.39 -5.30
N VAL A 78 0.06 -0.98 -4.05
CA VAL A 78 0.04 0.43 -3.71
C VAL A 78 1.34 1.13 -4.11
N HIS A 79 2.47 0.53 -3.76
CA HIS A 79 3.75 1.11 -4.12
C HIS A 79 4.08 0.75 -5.57
N LYS A 80 3.43 1.43 -6.48
CA LYS A 80 3.67 1.23 -7.91
C LYS A 80 5.15 1.51 -8.23
N GLU A 81 5.86 0.47 -8.61
CA GLU A 81 7.27 0.61 -8.94
C GLU A 81 7.45 0.49 -10.45
N GLU A 82 7.36 -0.73 -10.96
CA GLU A 82 7.44 -0.96 -12.39
C GLU A 82 6.06 -1.31 -12.93
N GLY A 83 5.08 -0.52 -12.54
CA GLY A 83 3.71 -0.75 -12.96
C GLY A 83 2.79 0.28 -12.35
N SER A 84 1.51 0.20 -12.68
CA SER A 84 0.52 1.13 -12.15
C SER A 84 -0.36 0.44 -11.10
N GLU A 85 -1.36 -0.31 -11.57
CA GLU A 85 -2.22 -1.07 -10.68
C GLU A 85 -1.74 -2.51 -10.57
N GLN A 86 -0.95 -2.94 -11.54
CA GLN A 86 -0.41 -4.28 -11.56
C GLN A 86 0.67 -4.45 -10.51
N ALA A 87 0.60 -5.57 -9.79
CA ALA A 87 1.60 -5.89 -8.78
C ALA A 87 2.90 -6.25 -9.44
N PRO A 88 3.94 -5.44 -9.24
CA PRO A 88 5.24 -5.72 -9.79
C PRO A 88 5.97 -6.77 -8.97
N LEU A 89 5.46 -8.00 -8.99
CA LEU A 89 6.14 -9.15 -8.40
C LEU A 89 7.51 -9.36 -9.04
N MET A 90 8.46 -8.61 -8.51
CA MET A 90 9.82 -8.60 -9.02
C MET A 90 10.73 -9.41 -8.12
N SER A 91 10.74 -9.08 -6.84
CA SER A 91 11.53 -9.76 -5.83
C SER A 91 10.94 -9.43 -4.48
N GLU A 92 10.50 -10.46 -3.76
CA GLU A 92 9.81 -10.31 -2.48
C GLU A 92 10.61 -9.47 -1.48
N ASP A 93 11.92 -9.69 -1.42
CA ASP A 93 12.75 -8.95 -0.47
C ASP A 93 12.91 -7.50 -0.89
N GLU A 94 13.08 -7.27 -2.18
CA GLU A 94 13.10 -5.91 -2.71
C GLU A 94 11.74 -5.26 -2.49
N LEU A 95 10.70 -6.07 -2.62
CA LEU A 95 9.34 -5.64 -2.40
C LEU A 95 9.13 -5.28 -0.93
N ILE A 96 9.85 -5.97 -0.05
CA ILE A 96 9.85 -5.66 1.38
C ILE A 96 10.36 -4.24 1.60
N ASN A 97 11.47 -3.90 0.94
CA ASN A 97 12.02 -2.55 0.99
C ASN A 97 11.07 -1.57 0.34
N ILE A 98 10.35 -2.05 -0.67
CA ILE A 98 9.30 -1.28 -1.32
C ILE A 98 8.19 -0.95 -0.31
N ILE A 99 7.82 -1.95 0.50
CA ILE A 99 6.84 -1.76 1.55
C ILE A 99 7.36 -0.77 2.58
N ASP A 100 8.60 -0.98 3.03
CA ASP A 100 9.28 -0.05 3.91
C ASP A 100 9.20 1.35 3.34
N GLY A 101 9.53 1.46 2.05
CA GLY A 101 9.49 2.74 1.36
C GLY A 101 8.15 3.43 1.50
N VAL A 102 7.10 2.66 1.68
CA VAL A 102 5.80 3.22 1.94
C VAL A 102 5.72 3.78 3.35
N LEU A 103 6.03 2.95 4.33
CA LEU A 103 5.92 3.32 5.74
C LEU A 103 6.90 4.42 6.09
N ARG A 104 7.85 4.63 5.20
CA ARG A 104 8.93 5.58 5.43
C ARG A 104 8.80 6.81 4.52
N ASP A 105 8.23 6.65 3.33
CA ASP A 105 8.11 7.78 2.40
C ASP A 105 6.67 8.02 1.92
N ASP A 106 5.97 6.96 1.51
CA ASP A 106 4.59 7.12 1.01
C ASP A 106 3.65 7.53 2.15
N ASP A 107 4.09 7.23 3.36
CA ASP A 107 3.45 7.76 4.55
C ASP A 107 3.88 9.22 4.73
N LYS A 108 3.00 10.12 4.32
CA LYS A 108 3.35 11.53 4.26
C LYS A 108 3.24 12.19 5.63
N ASN A 109 2.54 11.54 6.55
CA ASN A 109 2.24 12.16 7.84
C ASN A 109 3.21 11.67 8.92
N ASN A 110 4.13 10.80 8.53
CA ASN A 110 5.12 10.24 9.44
C ASN A 110 4.44 9.45 10.56
N ASP A 111 3.37 8.74 10.21
CA ASP A 111 2.66 7.90 11.17
C ASP A 111 3.08 6.45 11.01
N GLY A 112 3.64 6.12 9.86
CA GLY A 112 4.10 4.77 9.61
C GLY A 112 3.01 3.86 9.10
N TYR A 113 1.85 4.45 8.83
CA TYR A 113 0.73 3.69 8.28
C TYR A 113 0.24 4.37 7.02
N ILE A 114 -0.49 3.64 6.19
CA ILE A 114 -1.02 4.24 4.98
C ILE A 114 -2.55 4.37 5.06
N ASP A 115 -3.00 5.62 5.01
CA ASP A 115 -4.42 5.96 5.03
C ASP A 115 -4.97 6.01 3.61
N TYR A 116 -6.29 6.08 3.48
CA TYR A 116 -6.93 6.12 2.16
C TYR A 116 -6.32 7.23 1.31
N ALA A 117 -6.17 8.42 1.89
CA ALA A 117 -5.62 9.56 1.16
C ALA A 117 -4.14 9.33 0.83
N GLU A 118 -3.48 8.52 1.64
CA GLU A 118 -2.07 8.25 1.47
C GLU A 118 -1.86 7.29 0.31
N PHE A 119 -2.54 6.16 0.35
CA PHE A 119 -2.39 5.18 -0.72
C PHE A 119 -3.07 5.67 -1.99
N ALA A 120 -4.09 6.52 -1.86
CA ALA A 120 -4.71 7.12 -3.02
C ALA A 120 -3.70 7.95 -3.79
N LYS A 121 -2.88 8.68 -3.06
CA LYS A 121 -1.81 9.46 -3.69
C LYS A 121 -0.70 8.54 -4.18
N SER A 122 -0.54 7.40 -3.51
CA SER A 122 0.57 6.52 -3.80
C SER A 122 0.29 5.68 -5.04
N LEU A 123 -0.95 5.22 -5.18
CA LEU A 123 -1.34 4.37 -6.30
C LEU A 123 -1.70 5.21 -7.53
N GLN A 124 -1.91 6.51 -7.33
CA GLN A 124 -2.13 7.43 -8.45
C GLN A 124 -0.91 8.32 -8.63
CA CA B . -5.54 -1.96 10.11
CA CA C . 0.24 7.73 7.34
N MET A 45 -12.32 -5.21 -10.18
CA MET A 45 -13.00 -4.07 -9.55
C MET A 45 -12.73 -2.78 -10.32
N SER A 46 -13.41 -1.70 -9.92
CA SER A 46 -13.24 -0.40 -10.57
C SER A 46 -12.15 0.43 -9.89
N PRO A 47 -11.54 1.40 -10.59
CA PRO A 47 -10.39 2.16 -10.08
C PRO A 47 -10.62 2.79 -8.72
N GLN A 48 -11.71 3.52 -8.59
CA GLN A 48 -12.01 4.30 -7.38
C GLN A 48 -12.16 3.40 -6.15
N GLU A 49 -12.86 2.28 -6.32
CA GLU A 49 -13.03 1.32 -5.25
C GLU A 49 -11.77 0.49 -5.05
N LEU A 50 -11.00 0.31 -6.11
CA LEU A 50 -9.76 -0.45 -6.00
C LEU A 50 -8.73 0.27 -5.16
N GLN A 51 -8.93 1.55 -4.97
CA GLN A 51 -8.09 2.28 -4.04
C GLN A 51 -8.47 1.83 -2.64
N LEU A 52 -9.78 1.75 -2.39
CA LEU A 52 -10.30 1.22 -1.15
C LEU A 52 -9.94 -0.26 -1.06
N HIS A 53 -9.65 -0.87 -2.19
CA HIS A 53 -9.21 -2.26 -2.23
C HIS A 53 -7.84 -2.40 -1.62
N TYR A 54 -7.00 -1.39 -1.78
CA TYR A 54 -5.69 -1.39 -1.15
C TYR A 54 -5.86 -1.17 0.34
N PHE A 55 -6.89 -0.41 0.70
CA PHE A 55 -7.21 -0.13 2.08
C PHE A 55 -7.69 -1.40 2.78
N LYS A 56 -8.70 -2.04 2.18
CA LYS A 56 -9.31 -3.23 2.77
C LYS A 56 -8.48 -4.49 2.48
N MET A 57 -7.49 -4.34 1.60
CA MET A 57 -6.70 -5.46 1.06
C MET A 57 -6.28 -6.45 2.14
N HIS A 58 -5.91 -5.95 3.29
CA HIS A 58 -5.48 -6.80 4.37
C HIS A 58 -5.93 -6.25 5.70
N ASP A 59 -6.79 -5.23 5.67
CA ASP A 59 -7.24 -4.58 6.91
C ASP A 59 -8.23 -5.46 7.65
N TYR A 60 -7.70 -6.22 8.60
CA TYR A 60 -8.48 -7.14 9.42
C TYR A 60 -8.33 -6.81 10.89
N ASP A 61 -7.89 -5.60 11.18
CA ASP A 61 -7.66 -5.17 12.55
C ASP A 61 -8.71 -4.16 12.99
N GLY A 62 -9.45 -3.64 12.02
CA GLY A 62 -10.51 -2.69 12.29
C GLY A 62 -10.00 -1.33 12.73
N ASN A 63 -8.71 -1.05 12.51
CA ASN A 63 -8.13 0.21 12.97
C ASN A 63 -8.13 1.24 11.87
N ASN A 64 -8.54 0.83 10.67
CA ASN A 64 -8.66 1.72 9.51
C ASN A 64 -7.31 2.29 9.10
N LEU A 65 -6.26 1.63 9.53
CA LEU A 65 -4.91 1.94 9.11
C LEU A 65 -4.24 0.65 8.65
N LEU A 66 -3.15 0.78 7.92
CA LEU A 66 -2.43 -0.39 7.43
C LEU A 66 -1.00 -0.40 7.94
N ASP A 67 -0.70 -1.40 8.79
CA ASP A 67 0.62 -1.54 9.41
C ASP A 67 1.54 -2.32 8.47
N GLY A 68 2.81 -2.47 8.84
CA GLY A 68 3.79 -3.12 7.97
C GLY A 68 3.35 -4.47 7.44
N LEU A 69 2.96 -5.39 8.33
CA LEU A 69 2.68 -6.76 7.91
C LEU A 69 1.28 -6.89 7.29
N GLU A 70 0.37 -6.03 7.71
CA GLU A 70 -0.95 -5.95 7.10
C GLU A 70 -0.82 -5.36 5.70
N LEU A 71 -0.15 -4.23 5.66
CA LEU A 71 0.09 -3.48 4.44
C LEU A 71 0.98 -4.25 3.48
N SER A 72 1.59 -5.32 3.99
CA SER A 72 2.45 -6.19 3.19
C SER A 72 1.75 -6.69 1.93
N THR A 73 0.43 -6.88 2.00
CA THR A 73 -0.31 -7.38 0.85
C THR A 73 -0.75 -6.23 -0.06
N ALA A 74 -0.84 -5.03 0.50
CA ALA A 74 -1.41 -3.90 -0.23
C ALA A 74 -0.35 -3.10 -0.96
N ILE A 75 0.81 -2.90 -0.33
CA ILE A 75 1.89 -2.13 -0.96
C ILE A 75 2.39 -2.83 -2.21
N THR A 76 2.15 -4.12 -2.29
CA THR A 76 2.46 -4.88 -3.48
C THR A 76 1.73 -4.29 -4.69
N HIS A 77 0.62 -3.61 -4.44
CA HIS A 77 -0.14 -2.95 -5.50
C HIS A 77 -0.06 -1.43 -5.36
N VAL A 78 0.14 -0.94 -4.14
CA VAL A 78 0.33 0.49 -3.91
C VAL A 78 1.58 0.97 -4.63
N HIS A 79 2.74 0.40 -4.30
CA HIS A 79 3.96 0.72 -5.01
C HIS A 79 4.01 -0.04 -6.33
N LYS A 80 3.30 0.48 -7.32
CA LYS A 80 3.33 -0.08 -8.66
C LYS A 80 4.57 0.38 -9.40
N GLU A 81 5.36 -0.57 -9.87
CA GLU A 81 6.64 -0.26 -10.51
C GLU A 81 6.43 0.04 -11.99
N GLU A 82 5.83 -0.90 -12.72
CA GLU A 82 5.60 -0.72 -14.15
C GLU A 82 4.11 -0.86 -14.50
N GLY A 83 3.27 -0.19 -13.73
CA GLY A 83 1.84 -0.24 -13.98
C GLY A 83 1.08 0.59 -12.96
N SER A 84 -0.21 0.34 -12.83
CA SER A 84 -1.02 1.00 -11.82
C SER A 84 -1.59 -0.02 -10.84
N GLU A 85 -2.13 -1.08 -11.41
CA GLU A 85 -2.73 -2.15 -10.67
C GLU A 85 -1.70 -3.24 -10.42
N GLN A 86 -0.89 -3.49 -11.44
CA GLN A 86 0.04 -4.61 -11.46
C GLN A 86 0.99 -4.61 -10.29
N ALA A 87 0.88 -5.66 -9.46
CA ALA A 87 1.81 -5.92 -8.39
C ALA A 87 3.13 -6.37 -8.95
N PRO A 88 4.18 -5.59 -8.75
CA PRO A 88 5.49 -5.96 -9.23
C PRO A 88 6.16 -6.98 -8.31
N LEU A 89 5.59 -8.18 -8.28
CA LEU A 89 6.21 -9.30 -7.59
C LEU A 89 7.53 -9.67 -8.24
N MET A 90 8.52 -8.88 -7.90
CA MET A 90 9.87 -9.01 -8.44
C MET A 90 10.76 -9.79 -7.49
N SER A 91 10.86 -9.31 -6.26
CA SER A 91 11.63 -9.96 -5.22
C SER A 91 11.05 -9.53 -3.88
N GLU A 92 10.58 -10.50 -3.12
CA GLU A 92 9.82 -10.25 -1.90
C GLU A 92 10.60 -9.40 -0.89
N ASP A 93 11.90 -9.60 -0.79
CA ASP A 93 12.69 -8.83 0.16
C ASP A 93 12.75 -7.37 -0.26
N GLU A 94 13.00 -7.15 -1.54
CA GLU A 94 13.02 -5.82 -2.11
C GLU A 94 11.64 -5.20 -1.97
N LEU A 95 10.63 -6.03 -2.20
CA LEU A 95 9.25 -5.63 -2.09
C LEU A 95 8.93 -5.21 -0.65
N ILE A 96 9.52 -5.94 0.31
CA ILE A 96 9.40 -5.58 1.71
C ILE A 96 10.07 -4.23 1.98
N ASN A 97 11.23 -4.00 1.37
CA ASN A 97 11.90 -2.71 1.46
C ASN A 97 11.09 -1.64 0.75
N ILE A 98 10.38 -2.05 -0.29
CA ILE A 98 9.45 -1.20 -0.99
C ILE A 98 8.32 -0.75 -0.06
N ILE A 99 7.81 -1.70 0.72
CA ILE A 99 6.80 -1.42 1.72
C ILE A 99 7.37 -0.47 2.77
N ASP A 100 8.57 -0.80 3.26
CA ASP A 100 9.30 0.02 4.21
C ASP A 100 9.40 1.44 3.69
N GLY A 101 9.80 1.58 2.43
CA GLY A 101 9.89 2.88 1.81
C GLY A 101 8.59 3.66 1.92
N VAL A 102 7.49 2.94 1.87
CA VAL A 102 6.18 3.54 2.06
C VAL A 102 6.04 4.05 3.49
N LEU A 103 6.32 3.18 4.46
CA LEU A 103 6.17 3.51 5.87
C LEU A 103 7.20 4.55 6.31
N ARG A 104 8.04 4.97 5.39
CA ARG A 104 9.07 5.96 5.68
C ARG A 104 8.88 7.23 4.85
N ASP A 105 8.38 7.09 3.63
CA ASP A 105 8.24 8.25 2.74
C ASP A 105 6.81 8.45 2.24
N ASP A 106 6.15 7.37 1.82
CA ASP A 106 4.77 7.47 1.32
C ASP A 106 3.81 7.74 2.47
N ASP A 107 4.28 7.47 3.68
CA ASP A 107 3.60 7.92 4.87
C ASP A 107 3.87 9.40 5.06
N LYS A 108 2.96 10.21 4.54
CA LYS A 108 3.16 11.65 4.40
C LYS A 108 2.94 12.37 5.72
N ASN A 109 2.27 11.70 6.64
CA ASN A 109 1.80 12.34 7.86
C ASN A 109 2.48 11.77 9.10
N ASN A 110 3.48 10.93 8.88
CA ASN A 110 4.32 10.40 9.96
C ASN A 110 3.51 9.59 10.95
N ASP A 111 2.51 8.86 10.47
CA ASP A 111 1.74 7.99 11.36
C ASP A 111 2.25 6.56 11.24
N GLY A 112 3.20 6.36 10.33
CA GLY A 112 3.85 5.07 10.19
C GLY A 112 3.06 4.09 9.36
N TYR A 113 1.79 4.39 9.16
CA TYR A 113 0.92 3.53 8.38
C TYR A 113 0.45 4.24 7.13
N ILE A 114 -0.25 3.53 6.27
CA ILE A 114 -0.78 4.19 5.09
C ILE A 114 -2.30 4.34 5.18
N ASP A 115 -2.75 5.58 5.10
CA ASP A 115 -4.16 5.93 5.09
C ASP A 115 -4.67 5.97 3.66
N TYR A 116 -5.98 6.08 3.47
CA TYR A 116 -6.57 6.08 2.14
C TYR A 116 -5.90 7.14 1.27
N ALA A 117 -5.78 8.36 1.80
CA ALA A 117 -5.22 9.47 1.04
C ALA A 117 -3.76 9.23 0.66
N GLU A 118 -3.07 8.44 1.47
CA GLU A 118 -1.64 8.24 1.31
C GLU A 118 -1.38 7.27 0.16
N PHE A 119 -2.07 6.13 0.15
CA PHE A 119 -1.89 5.18 -0.94
C PHE A 119 -2.63 5.66 -2.19
N ALA A 120 -3.70 6.43 -2.01
CA ALA A 120 -4.46 6.95 -3.13
C ALA A 120 -3.60 7.86 -3.99
N LYS A 121 -2.75 8.63 -3.34
CA LYS A 121 -1.80 9.48 -4.06
C LYS A 121 -0.63 8.63 -4.57
N SER A 122 -0.33 7.56 -3.86
CA SER A 122 0.82 6.73 -4.18
C SER A 122 0.53 5.86 -5.41
N LEU A 123 -0.73 5.43 -5.54
CA LEU A 123 -1.13 4.56 -6.64
C LEU A 123 -1.39 5.38 -7.92
N GLN A 124 -1.04 6.66 -7.88
CA GLN A 124 -1.15 7.50 -9.06
C GLN A 124 0.09 7.37 -9.92
CA CA B . -5.37 -2.42 9.76
CA CA C . 0.29 7.59 7.32
N MET A 45 -11.65 -5.63 -10.76
CA MET A 45 -12.20 -4.35 -10.30
C MET A 45 -11.59 -3.19 -11.07
N SER A 46 -11.93 -1.97 -10.69
CA SER A 46 -11.39 -0.78 -11.32
C SER A 46 -10.56 0.04 -10.30
N PRO A 47 -9.71 0.97 -10.77
CA PRO A 47 -8.76 1.70 -9.92
C PRO A 47 -9.36 2.35 -8.67
N GLN A 48 -10.46 3.08 -8.84
CA GLN A 48 -11.04 3.86 -7.73
C GLN A 48 -11.43 2.98 -6.55
N GLU A 49 -12.14 1.88 -6.80
CA GLU A 49 -12.50 0.95 -5.73
C GLU A 49 -11.28 0.16 -5.29
N LEU A 50 -10.34 -0.06 -6.20
CA LEU A 50 -9.14 -0.81 -5.85
C LEU A 50 -8.27 -0.05 -4.87
N GLN A 51 -8.50 1.25 -4.77
CA GLN A 51 -7.84 2.04 -3.75
C GLN A 51 -8.39 1.62 -2.40
N LEU A 52 -9.72 1.55 -2.32
CA LEU A 52 -10.39 1.03 -1.14
C LEU A 52 -10.07 -0.45 -0.97
N HIS A 53 -9.63 -1.08 -2.06
CA HIS A 53 -9.28 -2.48 -2.04
C HIS A 53 -7.99 -2.67 -1.26
N TYR A 54 -7.03 -1.79 -1.49
CA TYR A 54 -5.76 -1.84 -0.78
C TYR A 54 -5.99 -1.54 0.67
N PHE A 55 -7.01 -0.74 0.92
CA PHE A 55 -7.39 -0.32 2.25
C PHE A 55 -8.01 -1.48 3.00
N LYS A 56 -8.98 -2.13 2.39
CA LYS A 56 -9.71 -3.19 3.06
C LYS A 56 -8.96 -4.53 3.04
N MET A 57 -8.11 -4.70 2.02
CA MET A 57 -7.47 -6.00 1.74
C MET A 57 -6.92 -6.67 3.00
N HIS A 58 -6.10 -5.97 3.75
CA HIS A 58 -5.46 -6.58 4.89
C HIS A 58 -5.78 -5.84 6.17
N ASP A 59 -6.72 -4.91 6.11
CA ASP A 59 -7.12 -4.16 7.29
C ASP A 59 -8.17 -4.96 8.06
N TYR A 60 -7.71 -6.02 8.71
CA TYR A 60 -8.58 -6.91 9.46
C TYR A 60 -8.54 -6.57 10.95
N ASP A 61 -7.65 -5.66 11.31
CA ASP A 61 -7.50 -5.24 12.70
C ASP A 61 -8.62 -4.29 13.11
N GLY A 62 -9.35 -3.80 12.11
CA GLY A 62 -10.49 -2.94 12.35
C GLY A 62 -10.12 -1.53 12.79
N ASN A 63 -8.91 -1.08 12.43
CA ASN A 63 -8.48 0.26 12.85
C ASN A 63 -8.53 1.26 11.69
N ASN A 64 -8.75 0.73 10.49
CA ASN A 64 -8.86 1.56 9.28
C ASN A 64 -7.52 2.20 8.92
N LEU A 65 -6.46 1.51 9.27
CA LEU A 65 -5.11 1.89 8.89
C LEU A 65 -4.34 0.66 8.48
N LEU A 66 -3.23 0.85 7.80
CA LEU A 66 -2.45 -0.27 7.30
C LEU A 66 -1.00 -0.17 7.77
N ASP A 67 -0.57 -1.16 8.55
CA ASP A 67 0.82 -1.21 9.01
C ASP A 67 1.63 -2.16 8.14
N GLY A 68 2.85 -2.46 8.57
CA GLY A 68 3.77 -3.28 7.78
C GLY A 68 3.21 -4.62 7.36
N LEU A 69 2.65 -5.38 8.31
CA LEU A 69 2.20 -6.73 8.01
C LEU A 69 0.91 -6.71 7.20
N GLU A 70 0.10 -5.68 7.40
CA GLU A 70 -1.10 -5.50 6.58
C GLU A 70 -0.69 -5.16 5.17
N LEU A 71 0.19 -4.17 5.08
CA LEU A 71 0.70 -3.68 3.82
C LEU A 71 1.55 -4.72 3.10
N SER A 72 1.93 -5.77 3.81
CA SER A 72 2.74 -6.82 3.22
C SER A 72 2.05 -7.44 2.00
N THR A 73 0.72 -7.47 2.02
CA THR A 73 -0.03 -7.92 0.85
C THR A 73 -0.40 -6.75 -0.04
N ALA A 74 -0.65 -5.60 0.59
CA ALA A 74 -1.24 -4.47 -0.10
C ALA A 74 -0.22 -3.68 -0.89
N ILE A 75 0.89 -3.31 -0.24
CA ILE A 75 1.91 -2.45 -0.83
C ILE A 75 2.48 -3.03 -2.11
N THR A 76 2.38 -4.34 -2.23
CA THR A 76 2.82 -5.03 -3.42
C THR A 76 2.05 -4.52 -4.66
N HIS A 77 0.89 -3.94 -4.42
CA HIS A 77 0.12 -3.31 -5.49
C HIS A 77 0.18 -1.80 -5.39
N VAL A 78 0.54 -1.31 -4.20
CA VAL A 78 0.44 0.11 -3.91
C VAL A 78 1.67 0.89 -4.35
N HIS A 79 2.83 0.53 -3.80
CA HIS A 79 4.04 1.33 -3.98
C HIS A 79 4.31 1.64 -5.44
N LYS A 80 4.46 2.93 -5.75
CA LYS A 80 4.59 3.40 -7.13
C LYS A 80 5.91 2.99 -7.76
N GLU A 81 5.98 1.73 -8.16
CA GLU A 81 7.03 1.27 -9.05
C GLU A 81 6.39 0.88 -10.37
N GLU A 82 5.54 -0.13 -10.30
CA GLU A 82 4.63 -0.47 -11.39
C GLU A 82 3.24 -0.65 -10.78
N GLY A 83 3.02 0.07 -9.68
CA GLY A 83 1.84 -0.15 -8.88
C GLY A 83 0.77 0.89 -9.11
N SER A 84 -0.40 0.41 -9.49
CA SER A 84 -1.59 1.23 -9.59
C SER A 84 -2.79 0.32 -9.40
N GLU A 85 -2.99 -0.57 -10.36
CA GLU A 85 -3.89 -1.68 -10.24
C GLU A 85 -3.07 -2.97 -10.09
N GLN A 86 -2.14 -3.14 -11.03
CA GLN A 86 -1.28 -4.31 -11.08
C GLN A 86 -0.24 -4.31 -9.96
N ALA A 87 0.23 -5.51 -9.63
CA ALA A 87 1.30 -5.68 -8.67
C ALA A 87 2.61 -5.92 -9.40
N PRO A 88 3.62 -5.07 -9.16
CA PRO A 88 4.96 -5.32 -9.64
C PRO A 88 5.63 -6.47 -8.88
N LEU A 89 5.06 -7.66 -9.04
CA LEU A 89 5.64 -8.88 -8.48
C LEU A 89 7.00 -9.18 -9.08
N MET A 90 7.99 -8.48 -8.59
CA MET A 90 9.36 -8.66 -9.01
C MET A 90 10.03 -9.70 -8.10
N SER A 91 10.05 -9.40 -6.81
CA SER A 91 10.60 -10.28 -5.78
C SER A 91 10.16 -9.72 -4.44
N GLU A 92 9.60 -10.58 -3.60
CA GLU A 92 9.04 -10.16 -2.32
C GLU A 92 10.09 -9.55 -1.41
N ASP A 93 11.34 -9.96 -1.54
CA ASP A 93 12.40 -9.39 -0.70
C ASP A 93 12.67 -7.94 -1.11
N GLU A 94 12.70 -7.71 -2.42
CA GLU A 94 12.80 -6.35 -2.94
C GLU A 94 11.55 -5.58 -2.54
N LEU A 95 10.44 -6.28 -2.64
CA LEU A 95 9.14 -5.76 -2.32
C LEU A 95 9.06 -5.38 -0.84
N ILE A 96 9.72 -6.17 0.01
CA ILE A 96 9.81 -5.86 1.44
C ILE A 96 10.49 -4.52 1.65
N ASN A 97 11.57 -4.28 0.91
CA ASN A 97 12.25 -2.97 0.94
C ASN A 97 11.29 -1.90 0.46
N ILE A 98 10.50 -2.25 -0.54
CA ILE A 98 9.51 -1.37 -1.13
C ILE A 98 8.42 -1.01 -0.12
N ILE A 99 8.01 -1.99 0.68
CA ILE A 99 7.01 -1.78 1.72
C ILE A 99 7.55 -0.84 2.79
N ASP A 100 8.80 -1.05 3.17
CA ASP A 100 9.45 -0.23 4.17
C ASP A 100 9.51 1.20 3.67
N GLY A 101 9.87 1.34 2.39
CA GLY A 101 9.93 2.66 1.77
C GLY A 101 8.61 3.39 1.87
N VAL A 102 7.51 2.65 1.88
CA VAL A 102 6.19 3.23 2.05
C VAL A 102 6.06 3.86 3.43
N LEU A 103 6.42 3.11 4.46
CA LEU A 103 6.31 3.59 5.84
C LEU A 103 7.28 4.73 6.11
N ARG A 104 8.20 4.96 5.17
CA ARG A 104 9.20 6.00 5.34
C ARG A 104 8.92 7.19 4.42
N ASP A 105 8.38 6.92 3.24
CA ASP A 105 8.24 7.95 2.21
C ASP A 105 6.79 8.13 1.77
N ASP A 106 6.10 7.03 1.49
CA ASP A 106 4.71 7.09 1.01
C ASP A 106 3.77 7.52 2.14
N ASP A 107 4.21 7.34 3.37
CA ASP A 107 3.54 7.92 4.52
C ASP A 107 3.88 9.40 4.59
N LYS A 108 3.04 10.21 3.96
CA LYS A 108 3.34 11.60 3.69
C LYS A 108 3.14 12.46 4.92
N ASN A 109 2.40 11.93 5.86
CA ASN A 109 1.94 12.70 7.01
C ASN A 109 2.51 12.15 8.31
N ASN A 110 3.54 11.32 8.19
CA ASN A 110 4.33 10.85 9.34
C ASN A 110 3.46 10.15 10.39
N ASP A 111 2.55 9.29 9.96
CA ASP A 111 1.71 8.57 10.91
C ASP A 111 2.17 7.11 11.05
N GLY A 112 3.00 6.66 10.11
CA GLY A 112 3.57 5.32 10.21
C GLY A 112 2.69 4.25 9.57
N TYR A 113 1.58 4.68 9.01
CA TYR A 113 0.67 3.81 8.28
C TYR A 113 0.31 4.47 6.95
N ILE A 114 -0.36 3.73 6.09
CA ILE A 114 -0.85 4.30 4.85
C ILE A 114 -2.37 4.37 4.88
N ASP A 115 -2.91 5.58 4.71
CA ASP A 115 -4.34 5.77 4.64
C ASP A 115 -4.77 5.99 3.19
N TYR A 116 -6.06 6.24 3.00
CA TYR A 116 -6.65 6.30 1.66
C TYR A 116 -5.93 7.29 0.77
N ALA A 117 -5.70 8.49 1.27
CA ALA A 117 -5.10 9.55 0.46
C ALA A 117 -3.65 9.24 0.14
N GLU A 118 -3.03 8.42 0.96
CA GLU A 118 -1.61 8.14 0.85
C GLU A 118 -1.37 7.13 -0.23
N PHE A 119 -2.06 6.00 -0.16
CA PHE A 119 -1.93 4.99 -1.19
C PHE A 119 -2.55 5.50 -2.49
N ALA A 120 -3.60 6.31 -2.38
CA ALA A 120 -4.24 6.90 -3.56
C ALA A 120 -3.23 7.68 -4.38
N LYS A 121 -2.37 8.42 -3.71
CA LYS A 121 -1.32 9.17 -4.39
C LYS A 121 -0.23 8.24 -4.91
N SER A 122 -0.03 7.12 -4.23
CA SER A 122 1.06 6.25 -4.58
C SER A 122 0.64 5.42 -5.79
N LEU A 123 -0.68 5.26 -5.91
CA LEU A 123 -1.28 4.55 -7.01
C LEU A 123 -1.37 5.46 -8.23
N GLN A 124 -2.04 6.59 -8.05
CA GLN A 124 -2.24 7.53 -9.14
C GLN A 124 -1.32 8.73 -8.97
CA CA B . -5.22 -2.16 10.10
CA CA C . 0.11 7.82 6.87
N MET A 45 -12.36 -4.76 -10.53
CA MET A 45 -13.06 -3.63 -9.93
C MET A 45 -12.55 -2.31 -10.51
N SER A 46 -13.31 -1.24 -10.28
CA SER A 46 -12.93 0.09 -10.73
C SER A 46 -12.02 0.75 -9.70
N PRO A 47 -11.17 1.69 -10.17
CA PRO A 47 -10.06 2.26 -9.37
C PRO A 47 -10.50 2.95 -8.08
N GLN A 48 -11.72 3.47 -8.05
CA GLN A 48 -12.22 4.22 -6.90
C GLN A 48 -12.40 3.27 -5.72
N GLU A 49 -13.18 2.22 -5.95
CA GLU A 49 -13.37 1.17 -4.97
C GLU A 49 -12.07 0.39 -4.78
N LEU A 50 -11.23 0.36 -5.80
CA LEU A 50 -9.95 -0.32 -5.68
C LEU A 50 -9.05 0.38 -4.69
N GLN A 51 -9.33 1.62 -4.41
CA GLN A 51 -8.60 2.32 -3.37
C GLN A 51 -9.07 1.77 -2.02
N LEU A 52 -10.37 1.55 -1.91
CA LEU A 52 -10.93 0.87 -0.75
C LEU A 52 -10.48 -0.59 -0.75
N HIS A 53 -10.15 -1.09 -1.93
CA HIS A 53 -9.62 -2.45 -2.07
C HIS A 53 -8.23 -2.52 -1.47
N TYR A 54 -7.44 -1.48 -1.67
CA TYR A 54 -6.12 -1.39 -1.06
C TYR A 54 -6.26 -1.26 0.45
N PHE A 55 -7.31 -0.56 0.84
CA PHE A 55 -7.59 -0.31 2.26
C PHE A 55 -8.00 -1.61 2.94
N LYS A 56 -8.98 -2.29 2.38
CA LYS A 56 -9.51 -3.50 2.99
C LYS A 56 -8.63 -4.71 2.69
N MET A 57 -7.71 -4.55 1.75
CA MET A 57 -6.88 -5.64 1.21
C MET A 57 -6.33 -6.54 2.31
N HIS A 58 -5.94 -5.93 3.42
CA HIS A 58 -5.40 -6.69 4.52
C HIS A 58 -5.79 -6.04 5.85
N ASP A 59 -6.71 -5.08 5.80
CA ASP A 59 -7.14 -4.39 7.01
C ASP A 59 -8.19 -5.21 7.74
N TYR A 60 -7.72 -6.05 8.64
CA TYR A 60 -8.58 -6.91 9.45
C TYR A 60 -8.69 -6.40 10.88
N ASP A 61 -7.85 -5.43 11.20
CA ASP A 61 -7.75 -4.93 12.58
C ASP A 61 -8.82 -3.87 12.86
N GLY A 62 -9.46 -3.37 11.81
CA GLY A 62 -10.50 -2.37 11.94
C GLY A 62 -10.01 -1.06 12.52
N ASN A 63 -8.73 -0.76 12.37
CA ASN A 63 -8.15 0.46 12.94
C ASN A 63 -8.13 1.57 11.91
N ASN A 64 -8.70 1.30 10.74
CA ASN A 64 -8.80 2.26 9.64
C ASN A 64 -7.41 2.73 9.21
N LEU A 65 -6.44 1.83 9.32
CA LEU A 65 -5.07 2.09 8.91
C LEU A 65 -4.42 0.79 8.49
N LEU A 66 -3.34 0.89 7.74
CA LEU A 66 -2.58 -0.28 7.33
C LEU A 66 -1.15 -0.18 7.80
N ASP A 67 -0.72 -1.18 8.55
CA ASP A 67 0.66 -1.25 9.03
C ASP A 67 1.50 -2.06 8.04
N GLY A 68 2.80 -2.19 8.29
CA GLY A 68 3.66 -2.94 7.39
C GLY A 68 3.17 -4.37 7.13
N LEU A 69 2.57 -4.99 8.14
CA LEU A 69 2.11 -6.37 8.03
C LEU A 69 0.91 -6.45 7.10
N GLU A 70 -0.05 -5.56 7.32
CA GLU A 70 -1.20 -5.45 6.44
C GLU A 70 -0.74 -5.06 5.05
N LEU A 71 0.20 -4.15 5.00
CA LEU A 71 0.69 -3.59 3.76
C LEU A 71 1.47 -4.59 2.93
N SER A 72 1.88 -5.70 3.52
CA SER A 72 2.61 -6.72 2.78
C SER A 72 1.75 -7.23 1.62
N THR A 73 0.45 -7.27 1.80
CA THR A 73 -0.45 -7.69 0.75
C THR A 73 -0.89 -6.49 -0.09
N ALA A 74 -0.94 -5.33 0.55
CA ALA A 74 -1.52 -4.14 -0.06
C ALA A 74 -0.50 -3.39 -0.89
N ILE A 75 0.63 -3.01 -0.28
CA ILE A 75 1.64 -2.17 -0.91
C ILE A 75 2.18 -2.82 -2.18
N THR A 76 2.11 -4.14 -2.24
CA THR A 76 2.51 -4.86 -3.43
C THR A 76 1.68 -4.42 -4.65
N HIS A 77 0.57 -3.74 -4.39
CA HIS A 77 -0.25 -3.15 -5.46
C HIS A 77 -0.17 -1.63 -5.44
N VAL A 78 0.17 -1.07 -4.29
CA VAL A 78 0.14 0.38 -4.12
C VAL A 78 1.43 1.03 -4.61
N HIS A 79 2.57 0.47 -4.22
CA HIS A 79 3.83 1.08 -4.58
C HIS A 79 4.21 0.73 -6.01
N LYS A 80 4.31 1.76 -6.84
CA LYS A 80 4.70 1.60 -8.23
C LYS A 80 6.18 1.26 -8.34
N GLU A 81 6.52 0.57 -9.41
CA GLU A 81 7.91 0.21 -9.69
C GLU A 81 8.03 -0.18 -11.15
N GLU A 82 7.79 -1.45 -11.44
CA GLU A 82 7.68 -1.93 -12.80
C GLU A 82 6.22 -1.85 -13.24
N GLY A 83 5.35 -2.12 -12.29
CA GLY A 83 3.93 -1.94 -12.48
C GLY A 83 3.44 -0.73 -11.71
N SER A 84 2.15 -0.48 -11.76
CA SER A 84 1.58 0.67 -11.05
C SER A 84 0.30 0.29 -10.34
N GLU A 85 -0.48 -0.57 -10.97
CA GLU A 85 -1.68 -1.10 -10.40
C GLU A 85 -1.48 -2.55 -9.97
N GLN A 86 -0.89 -3.35 -10.84
CA GLN A 86 -0.70 -4.76 -10.58
C GLN A 86 0.53 -5.00 -9.71
N ALA A 87 0.53 -6.13 -9.03
CA ALA A 87 1.62 -6.51 -8.15
C ALA A 87 2.84 -6.88 -8.95
N PRO A 88 3.90 -6.10 -8.84
CA PRO A 88 5.14 -6.41 -9.50
C PRO A 88 5.98 -7.35 -8.65
N LEU A 89 5.51 -8.59 -8.53
CA LEU A 89 6.26 -9.65 -7.86
C LEU A 89 7.58 -9.92 -8.56
N MET A 90 8.52 -9.05 -8.28
CA MET A 90 9.86 -9.11 -8.85
C MET A 90 10.79 -9.89 -7.92
N SER A 91 10.89 -9.44 -6.69
CA SER A 91 11.69 -10.08 -5.66
C SER A 91 11.17 -9.62 -4.31
N GLU A 92 10.83 -10.59 -3.46
CA GLU A 92 10.25 -10.34 -2.15
C GLU A 92 11.12 -9.42 -1.31
N ASP A 93 12.44 -9.58 -1.41
CA ASP A 93 13.36 -8.72 -0.67
C ASP A 93 13.17 -7.27 -1.07
N GLU A 94 13.16 -7.04 -2.37
CA GLU A 94 12.99 -5.71 -2.91
C GLU A 94 11.59 -5.20 -2.58
N LEU A 95 10.61 -6.09 -2.71
CA LEU A 95 9.22 -5.79 -2.41
C LEU A 95 9.07 -5.37 -0.95
N ILE A 96 9.79 -6.06 -0.06
CA ILE A 96 9.81 -5.74 1.36
C ILE A 96 10.30 -4.30 1.57
N ASN A 97 11.36 -3.93 0.86
CA ASN A 97 11.88 -2.58 0.93
C ASN A 97 10.93 -1.59 0.27
N ILE A 98 10.22 -2.06 -0.74
CA ILE A 98 9.18 -1.27 -1.40
C ILE A 98 8.08 -0.91 -0.40
N ILE A 99 7.65 -1.90 0.37
CA ILE A 99 6.65 -1.67 1.41
C ILE A 99 7.18 -0.72 2.47
N ASP A 100 8.40 -0.97 2.92
CA ASP A 100 9.04 -0.16 3.93
C ASP A 100 9.18 1.27 3.44
N GLY A 101 9.56 1.42 2.18
CA GLY A 101 9.66 2.72 1.55
C GLY A 101 8.37 3.52 1.68
N VAL A 102 7.24 2.83 1.67
CA VAL A 102 5.96 3.48 1.93
C VAL A 102 5.94 4.07 3.33
N LEU A 103 6.31 3.27 4.32
CA LEU A 103 6.33 3.73 5.71
C LEU A 103 7.41 4.78 5.93
N ARG A 104 8.26 4.95 4.93
CA ARG A 104 9.35 5.91 5.01
C ARG A 104 9.03 7.21 4.28
N ASP A 105 8.26 7.12 3.21
CA ASP A 105 8.04 8.26 2.34
C ASP A 105 6.58 8.41 1.91
N ASP A 106 5.94 7.30 1.56
CA ASP A 106 4.55 7.33 1.06
C ASP A 106 3.58 7.61 2.22
N ASP A 107 4.03 7.33 3.43
CA ASP A 107 3.34 7.76 4.63
C ASP A 107 3.62 9.23 4.85
N LYS A 108 2.66 10.05 4.49
CA LYS A 108 2.85 11.49 4.39
C LYS A 108 2.81 12.15 5.77
N ASN A 109 2.05 11.55 6.68
CA ASN A 109 1.82 12.15 7.99
C ASN A 109 2.92 11.75 8.96
N ASN A 110 3.82 10.89 8.48
CA ASN A 110 4.91 10.36 9.29
C ASN A 110 4.34 9.63 10.50
N ASP A 111 3.22 8.94 10.29
CA ASP A 111 2.55 8.26 11.39
C ASP A 111 2.93 6.79 11.41
N GLY A 112 3.43 6.30 10.28
CA GLY A 112 3.87 4.92 10.19
C GLY A 112 2.91 4.04 9.42
N TYR A 113 1.66 4.48 9.29
CA TYR A 113 0.66 3.71 8.58
C TYR A 113 0.21 4.44 7.33
N ILE A 114 -0.39 3.71 6.42
CA ILE A 114 -0.95 4.30 5.22
C ILE A 114 -2.48 4.30 5.32
N ASP A 115 -3.08 5.48 5.15
CA ASP A 115 -4.53 5.61 5.18
C ASP A 115 -5.08 5.77 3.77
N TYR A 116 -6.40 5.96 3.67
CA TYR A 116 -7.08 6.01 2.38
C TYR A 116 -6.46 7.04 1.44
N ALA A 117 -6.15 8.21 1.98
CA ALA A 117 -5.61 9.29 1.17
C ALA A 117 -4.22 8.96 0.66
N GLU A 118 -3.44 8.30 1.49
CA GLU A 118 -2.03 8.09 1.20
C GLU A 118 -1.85 7.09 0.09
N PHE A 119 -2.45 5.91 0.21
CA PHE A 119 -2.29 4.89 -0.81
C PHE A 119 -3.02 5.28 -2.09
N ALA A 120 -4.02 6.15 -1.96
CA ALA A 120 -4.75 6.64 -3.12
C ALA A 120 -3.97 7.72 -3.84
N LYS A 121 -3.23 8.51 -3.06
CA LYS A 121 -2.37 9.53 -3.62
C LYS A 121 -1.19 8.91 -4.36
N SER A 122 -0.72 7.77 -3.88
CA SER A 122 0.37 7.09 -4.54
C SER A 122 -0.17 6.29 -5.73
N LEU A 123 -1.41 5.82 -5.57
CA LEU A 123 -2.18 5.21 -6.66
C LEU A 123 -2.22 6.12 -7.88
N GLN A 124 -2.50 7.39 -7.65
CA GLN A 124 -2.60 8.35 -8.72
C GLN A 124 -1.24 8.63 -9.35
CA CA B . -5.30 -2.19 9.91
CA CA C . 0.06 7.82 7.09
N MET A 45 -11.50 -5.32 -10.42
CA MET A 45 -12.15 -4.13 -9.87
C MET A 45 -11.56 -2.86 -10.50
N SER A 46 -12.23 -1.73 -10.30
CA SER A 46 -11.77 -0.45 -10.86
C SER A 46 -10.91 0.30 -9.83
N PRO A 47 -10.05 1.24 -10.28
CA PRO A 47 -9.07 1.93 -9.43
C PRO A 47 -9.68 2.54 -8.15
N GLN A 48 -10.80 3.23 -8.33
CA GLN A 48 -11.42 4.01 -7.25
C GLN A 48 -11.73 3.12 -6.04
N GLU A 49 -12.47 2.05 -6.31
CA GLU A 49 -12.81 1.07 -5.29
C GLU A 49 -11.59 0.27 -4.88
N LEU A 50 -10.68 0.01 -5.82
CA LEU A 50 -9.49 -0.75 -5.51
C LEU A 50 -8.63 -0.04 -4.48
N GLN A 51 -8.82 1.25 -4.36
CA GLN A 51 -8.15 2.01 -3.32
C GLN A 51 -8.72 1.55 -1.99
N LEU A 52 -10.04 1.50 -1.91
CA LEU A 52 -10.72 0.95 -0.76
C LEU A 52 -10.38 -0.53 -0.61
N HIS A 53 -9.97 -1.15 -1.72
CA HIS A 53 -9.58 -2.54 -1.72
C HIS A 53 -8.25 -2.71 -1.01
N TYR A 54 -7.31 -1.82 -1.29
CA TYR A 54 -6.01 -1.84 -0.62
C TYR A 54 -6.22 -1.60 0.86
N PHE A 55 -7.23 -0.79 1.15
CA PHE A 55 -7.57 -0.40 2.50
C PHE A 55 -8.14 -1.58 3.25
N LYS A 56 -9.17 -2.22 2.69
CA LYS A 56 -9.86 -3.28 3.38
C LYS A 56 -9.10 -4.60 3.29
N MET A 57 -8.22 -4.71 2.29
CA MET A 57 -7.50 -5.95 1.99
C MET A 57 -6.95 -6.62 3.24
N HIS A 58 -6.20 -5.87 4.03
CA HIS A 58 -5.56 -6.45 5.20
C HIS A 58 -5.96 -5.74 6.47
N ASP A 59 -6.95 -4.87 6.39
CA ASP A 59 -7.40 -4.11 7.57
C ASP A 59 -8.38 -4.97 8.38
N TYR A 60 -7.92 -6.16 8.77
CA TYR A 60 -8.72 -7.10 9.55
C TYR A 60 -8.88 -6.58 10.98
N ASP A 61 -7.93 -5.75 11.37
CA ASP A 61 -7.90 -5.13 12.69
C ASP A 61 -9.00 -4.06 12.80
N GLY A 62 -9.53 -3.68 11.64
CA GLY A 62 -10.62 -2.71 11.57
C GLY A 62 -10.28 -1.37 12.17
N ASN A 63 -8.99 -0.99 12.16
CA ASN A 63 -8.57 0.25 12.82
C ASN A 63 -8.49 1.41 11.84
N ASN A 64 -8.88 1.16 10.58
CA ASN A 64 -8.90 2.20 9.54
C ASN A 64 -7.49 2.69 9.23
N LEU A 65 -6.51 1.82 9.47
CA LEU A 65 -5.11 2.10 9.17
C LEU A 65 -4.41 0.81 8.80
N LEU A 66 -3.32 0.91 8.05
CA LEU A 66 -2.60 -0.26 7.60
C LEU A 66 -1.14 -0.22 8.04
N ASP A 67 -0.75 -1.23 8.79
CA ASP A 67 0.64 -1.43 9.18
C ASP A 67 1.38 -2.16 8.05
N GLY A 68 2.70 -2.23 8.12
CA GLY A 68 3.48 -2.92 7.09
C GLY A 68 3.01 -4.35 6.87
N LEU A 69 2.61 -5.02 7.95
CA LEU A 69 2.12 -6.39 7.87
C LEU A 69 0.87 -6.46 7.01
N GLU A 70 -0.01 -5.50 7.20
CA GLU A 70 -1.22 -5.40 6.39
C GLU A 70 -0.82 -5.03 4.96
N LEU A 71 0.06 -4.04 4.88
CA LEU A 71 0.46 -3.44 3.62
C LEU A 71 1.24 -4.39 2.72
N SER A 72 1.62 -5.54 3.25
CA SER A 72 2.36 -6.52 2.48
C SER A 72 1.62 -6.89 1.20
N THR A 73 0.28 -6.91 1.25
CA THR A 73 -0.50 -7.22 0.07
C THR A 73 -0.86 -5.94 -0.70
N ALA A 74 -1.02 -4.84 0.02
CA ALA A 74 -1.54 -3.62 -0.56
C ALA A 74 -0.45 -2.84 -1.28
N ILE A 75 0.71 -2.69 -0.64
CA ILE A 75 1.79 -1.88 -1.17
C ILE A 75 2.34 -2.48 -2.47
N THR A 76 2.12 -3.77 -2.65
CA THR A 76 2.53 -4.45 -3.87
C THR A 76 1.79 -3.89 -5.09
N HIS A 77 0.73 -3.12 -4.84
CA HIS A 77 0.03 -2.41 -5.91
C HIS A 77 0.16 -0.91 -5.72
N VAL A 78 0.36 -0.48 -4.48
CA VAL A 78 0.48 0.94 -4.14
C VAL A 78 1.74 1.55 -4.76
N HIS A 79 2.90 1.05 -4.38
CA HIS A 79 4.16 1.59 -4.90
C HIS A 79 4.33 1.22 -6.36
N LYS A 80 4.41 2.24 -7.21
CA LYS A 80 4.65 2.03 -8.62
C LYS A 80 6.12 1.69 -8.84
N GLU A 81 6.38 0.54 -9.43
CA GLU A 81 7.75 0.14 -9.72
C GLU A 81 7.83 -0.52 -11.09
N GLU A 82 7.36 -1.75 -11.16
CA GLU A 82 7.29 -2.47 -12.43
C GLU A 82 5.82 -2.66 -12.80
N GLY A 83 4.97 -1.87 -12.14
CA GLY A 83 3.54 -1.93 -12.36
C GLY A 83 2.83 -0.92 -11.48
N SER A 84 1.51 -1.03 -11.42
CA SER A 84 0.69 -0.14 -10.59
C SER A 84 -0.63 -0.84 -10.25
N GLU A 85 -1.55 -0.87 -11.20
CA GLU A 85 -2.80 -1.58 -11.03
C GLU A 85 -2.50 -3.06 -10.86
N GLN A 86 -1.66 -3.55 -11.74
CA GLN A 86 -1.16 -4.91 -11.65
C GLN A 86 0.02 -4.93 -10.69
N ALA A 87 0.15 -6.01 -9.95
CA ALA A 87 1.19 -6.11 -8.94
C ALA A 87 2.50 -6.51 -9.58
N PRO A 88 3.51 -5.68 -9.46
CA PRO A 88 4.83 -6.03 -9.93
C PRO A 88 5.52 -7.03 -9.00
N LEU A 89 5.04 -8.27 -9.03
CA LEU A 89 5.72 -9.36 -8.36
C LEU A 89 7.10 -9.60 -8.96
N MET A 90 8.00 -8.72 -8.61
CA MET A 90 9.37 -8.74 -9.13
C MET A 90 10.25 -9.61 -8.22
N SER A 91 10.34 -9.22 -6.96
CA SER A 91 11.13 -9.92 -5.97
C SER A 91 10.67 -9.47 -4.59
N GLU A 92 10.15 -10.40 -3.81
CA GLU A 92 9.55 -10.12 -2.52
C GLU A 92 10.50 -9.38 -1.59
N ASP A 93 11.79 -9.70 -1.67
CA ASP A 93 12.77 -9.07 -0.80
C ASP A 93 12.87 -7.58 -1.10
N GLU A 94 12.97 -7.25 -2.38
CA GLU A 94 12.99 -5.85 -2.80
C GLU A 94 11.64 -5.21 -2.55
N LEU A 95 10.60 -5.98 -2.80
CA LEU A 95 9.22 -5.58 -2.57
C LEU A 95 9.03 -5.21 -1.09
N ILE A 96 9.66 -5.98 -0.21
CA ILE A 96 9.66 -5.70 1.23
C ILE A 96 10.28 -4.34 1.52
N ASN A 97 11.43 -4.07 0.90
CA ASN A 97 12.09 -2.78 1.06
C ASN A 97 11.23 -1.67 0.47
N ILE A 98 10.51 -2.00 -0.59
CA ILE A 98 9.56 -1.09 -1.21
C ILE A 98 8.45 -0.72 -0.22
N ILE A 99 7.89 -1.74 0.44
CA ILE A 99 6.84 -1.53 1.43
C ILE A 99 7.34 -0.68 2.59
N ASP A 100 8.55 -0.99 3.06
CA ASP A 100 9.13 -0.29 4.20
C ASP A 100 9.34 1.18 3.84
N GLY A 101 9.76 1.41 2.61
CA GLY A 101 9.94 2.77 2.11
C GLY A 101 8.66 3.57 2.20
N VAL A 102 7.52 2.87 2.10
CA VAL A 102 6.23 3.51 2.29
C VAL A 102 6.10 4.08 3.70
N LEU A 103 6.39 3.25 4.69
CA LEU A 103 6.31 3.67 6.09
C LEU A 103 7.37 4.71 6.42
N ARG A 104 8.32 4.86 5.52
CA ARG A 104 9.42 5.80 5.73
C ARG A 104 9.13 7.16 5.08
N ASP A 105 8.73 7.16 3.80
CA ASP A 105 8.57 8.42 3.06
C ASP A 105 7.18 8.56 2.43
N ASP A 106 6.58 7.44 2.05
CA ASP A 106 5.30 7.47 1.33
C ASP A 106 4.15 7.80 2.29
N ASP A 107 4.37 7.53 3.57
CA ASP A 107 3.50 8.03 4.63
C ASP A 107 3.75 9.52 4.82
N LYS A 108 2.84 10.32 4.32
CA LYS A 108 3.02 11.76 4.33
C LYS A 108 2.64 12.36 5.68
N ASN A 109 1.88 11.62 6.46
CA ASN A 109 1.32 12.15 7.71
C ASN A 109 2.33 12.05 8.83
N ASN A 110 3.38 11.27 8.62
CA ASN A 110 4.38 10.96 9.65
C ASN A 110 3.74 10.11 10.75
N ASP A 111 2.82 9.23 10.35
CA ASP A 111 2.19 8.34 11.32
C ASP A 111 2.79 6.93 11.23
N GLY A 112 3.40 6.63 10.10
CA GLY A 112 4.03 5.33 9.92
C GLY A 112 3.08 4.28 9.38
N TYR A 113 1.86 4.72 9.06
CA TYR A 113 0.86 3.84 8.47
C TYR A 113 0.32 4.48 7.22
N ILE A 114 -0.40 3.72 6.43
CA ILE A 114 -0.98 4.26 5.22
C ILE A 114 -2.49 4.44 5.38
N ASP A 115 -2.92 5.66 5.19
CA ASP A 115 -4.32 6.04 5.23
C ASP A 115 -4.89 6.05 3.82
N TYR A 116 -6.22 6.09 3.68
CA TYR A 116 -6.87 6.08 2.38
C TYR A 116 -6.23 7.10 1.45
N ALA A 117 -6.03 8.32 1.94
CA ALA A 117 -5.45 9.39 1.14
C ALA A 117 -4.02 9.05 0.71
N GLU A 118 -3.27 8.46 1.62
CA GLU A 118 -1.86 8.20 1.38
C GLU A 118 -1.68 7.17 0.27
N PHE A 119 -2.39 6.05 0.36
CA PHE A 119 -2.24 5.03 -0.67
C PHE A 119 -2.95 5.45 -1.95
N ALA A 120 -4.07 6.16 -1.82
CA ALA A 120 -4.81 6.62 -2.99
C ALA A 120 -3.97 7.59 -3.80
N LYS A 121 -3.20 8.41 -3.10
CA LYS A 121 -2.28 9.33 -3.75
C LYS A 121 -1.10 8.59 -4.36
N SER A 122 -0.70 7.50 -3.72
CA SER A 122 0.50 6.79 -4.10
C SER A 122 0.24 5.81 -5.25
N LEU A 123 -0.94 5.18 -5.23
CA LEU A 123 -1.27 4.16 -6.23
C LEU A 123 -1.74 4.81 -7.53
N GLN A 124 -2.20 6.05 -7.44
CA GLN A 124 -2.66 6.79 -8.61
C GLN A 124 -1.52 7.61 -9.20
CA CA B . -5.37 -2.16 10.12
CA CA C . 0.05 7.84 7.40
N MET A 45 -12.64 -4.30 -10.14
CA MET A 45 -13.15 -3.05 -9.58
C MET A 45 -12.47 -1.86 -10.27
N SER A 46 -13.06 -0.68 -10.15
CA SER A 46 -12.48 0.53 -10.75
C SER A 46 -11.64 1.31 -9.73
N PRO A 47 -10.87 2.34 -10.14
CA PRO A 47 -9.80 2.92 -9.31
C PRO A 47 -10.29 3.53 -8.00
N GLN A 48 -11.45 4.18 -8.05
CA GLN A 48 -11.98 4.91 -6.90
C GLN A 48 -12.11 3.98 -5.70
N GLU A 49 -12.82 2.87 -5.93
CA GLU A 49 -13.03 1.87 -4.89
C GLU A 49 -11.78 1.02 -4.72
N LEU A 50 -10.98 0.85 -5.77
CA LEU A 50 -9.77 0.05 -5.66
C LEU A 50 -8.78 0.66 -4.68
N GLN A 51 -8.95 1.93 -4.41
CA GLN A 51 -8.17 2.58 -3.38
C GLN A 51 -8.66 2.07 -2.03
N LEU A 52 -9.98 2.03 -1.88
CA LEU A 52 -10.59 1.43 -0.69
C LEU A 52 -10.28 -0.07 -0.66
N HIS A 53 -9.99 -0.63 -1.83
CA HIS A 53 -9.60 -2.03 -1.93
C HIS A 53 -8.25 -2.23 -1.27
N TYR A 54 -7.35 -1.27 -1.48
CA TYR A 54 -6.03 -1.32 -0.86
C TYR A 54 -6.13 -1.13 0.63
N PHE A 55 -7.19 -0.44 1.04
CA PHE A 55 -7.48 -0.22 2.43
C PHE A 55 -8.02 -1.49 3.06
N LYS A 56 -9.07 -2.05 2.47
CA LYS A 56 -9.78 -3.19 3.07
C LYS A 56 -9.08 -4.51 2.79
N MET A 57 -8.18 -4.51 1.81
CA MET A 57 -7.50 -5.72 1.31
C MET A 57 -6.95 -6.61 2.41
N HIS A 58 -6.69 -6.01 3.56
CA HIS A 58 -5.89 -6.65 4.58
C HIS A 58 -6.16 -6.04 5.94
N ASP A 59 -7.18 -5.19 6.01
CA ASP A 59 -7.48 -4.49 7.25
C ASP A 59 -8.43 -5.33 8.10
N TYR A 60 -7.96 -6.51 8.48
CA TYR A 60 -8.74 -7.46 9.25
C TYR A 60 -8.80 -7.01 10.71
N ASP A 61 -7.80 -6.23 11.09
CA ASP A 61 -7.62 -5.79 12.48
C ASP A 61 -8.70 -4.79 12.91
N GLY A 62 -9.41 -4.24 11.91
CA GLY A 62 -10.45 -3.28 12.18
C GLY A 62 -9.94 -2.00 12.82
N ASN A 63 -8.69 -1.64 12.56
CA ASN A 63 -8.13 -0.42 13.13
C ASN A 63 -8.23 0.73 12.14
N ASN A 64 -8.73 0.40 10.95
CA ASN A 64 -8.93 1.38 9.87
C ASN A 64 -7.60 2.04 9.48
N LEU A 65 -6.55 1.25 9.55
CA LEU A 65 -5.22 1.69 9.16
C LEU A 65 -4.43 0.49 8.67
N LEU A 66 -3.44 0.77 7.84
CA LEU A 66 -2.63 -0.30 7.28
C LEU A 66 -1.19 -0.22 7.78
N ASP A 67 -0.81 -1.20 8.57
CA ASP A 67 0.58 -1.33 9.01
C ASP A 67 1.37 -2.05 7.92
N GLY A 68 2.70 -1.95 7.96
CA GLY A 68 3.52 -2.64 6.98
C GLY A 68 3.23 -4.13 6.95
N LEU A 69 2.87 -4.68 8.10
CA LEU A 69 2.54 -6.10 8.22
C LEU A 69 1.35 -6.43 7.34
N GLU A 70 0.31 -5.62 7.43
CA GLU A 70 -0.84 -5.74 6.53
C GLU A 70 -0.38 -5.46 5.10
N LEU A 71 0.32 -4.34 4.96
CA LEU A 71 0.70 -3.79 3.66
C LEU A 71 1.55 -4.74 2.83
N SER A 72 2.09 -5.77 3.46
CA SER A 72 2.94 -6.73 2.78
C SER A 72 2.27 -7.29 1.51
N THR A 73 0.94 -7.44 1.55
CA THR A 73 0.21 -7.98 0.41
C THR A 73 -0.24 -6.88 -0.56
N ALA A 74 -0.53 -5.70 -0.04
CA ALA A 74 -1.17 -4.66 -0.85
C ALA A 74 -0.17 -3.70 -1.47
N ILE A 75 0.93 -3.44 -0.77
CA ILE A 75 1.94 -2.50 -1.26
C ILE A 75 2.56 -3.01 -2.54
N THR A 76 2.40 -4.30 -2.78
CA THR A 76 2.80 -4.93 -4.02
C THR A 76 2.05 -4.29 -5.21
N HIS A 77 0.99 -3.55 -4.91
CA HIS A 77 0.27 -2.80 -5.92
C HIS A 77 0.37 -1.30 -5.66
N VAL A 78 0.29 -0.91 -4.39
CA VAL A 78 0.28 0.50 -4.02
C VAL A 78 1.55 1.19 -4.47
N HIS A 79 2.70 0.65 -4.09
CA HIS A 79 3.96 1.16 -4.62
C HIS A 79 4.15 0.66 -6.04
N LYS A 80 3.34 1.21 -6.94
CA LYS A 80 3.40 0.85 -8.35
C LYS A 80 4.80 1.10 -8.91
N GLU A 81 5.35 0.09 -9.56
CA GLU A 81 6.69 0.19 -10.12
C GLU A 81 6.65 -0.09 -11.61
N GLU A 82 6.28 -1.32 -11.98
CA GLU A 82 6.14 -1.68 -13.38
C GLU A 82 4.72 -1.39 -13.87
N GLY A 83 3.75 -1.52 -12.98
CA GLY A 83 2.36 -1.25 -13.34
C GLY A 83 1.53 -0.93 -12.12
N SER A 84 0.29 -0.50 -12.34
CA SER A 84 -0.59 -0.15 -11.24
C SER A 84 -1.34 -1.36 -10.72
N GLU A 85 -2.04 -2.05 -11.60
CA GLU A 85 -2.73 -3.26 -11.22
C GLU A 85 -1.73 -4.34 -10.90
N GLN A 86 -0.86 -4.61 -11.87
CA GLN A 86 0.07 -5.73 -11.81
C GLN A 86 1.02 -5.61 -10.63
N ALA A 87 1.52 -6.74 -10.18
CA ALA A 87 2.39 -6.79 -9.04
C ALA A 87 3.83 -6.91 -9.49
N PRO A 88 4.66 -5.90 -9.19
CA PRO A 88 6.10 -5.97 -9.43
C PRO A 88 6.78 -6.95 -8.48
N LEU A 89 6.37 -8.20 -8.56
CA LEU A 89 6.98 -9.27 -7.80
C LEU A 89 8.38 -9.54 -8.34
N MET A 90 9.27 -8.65 -7.96
CA MET A 90 10.67 -8.73 -8.33
C MET A 90 11.42 -9.67 -7.39
N SER A 91 11.28 -9.38 -6.11
CA SER A 91 11.82 -10.19 -5.03
C SER A 91 11.13 -9.76 -3.76
N GLU A 92 10.65 -10.73 -3.00
CA GLU A 92 9.85 -10.47 -1.80
C GLU A 92 10.63 -9.68 -0.77
N ASP A 93 11.94 -9.91 -0.70
CA ASP A 93 12.77 -9.21 0.28
C ASP A 93 12.92 -7.74 -0.11
N GLU A 94 13.09 -7.49 -1.41
CA GLU A 94 13.13 -6.12 -1.90
C GLU A 94 11.76 -5.47 -1.75
N LEU A 95 10.73 -6.27 -1.97
CA LEU A 95 9.37 -5.84 -1.82
C LEU A 95 9.09 -5.44 -0.38
N ILE A 96 9.62 -6.24 0.56
CA ILE A 96 9.51 -5.93 1.99
C ILE A 96 10.11 -4.56 2.30
N ASN A 97 11.25 -4.26 1.68
CA ASN A 97 11.89 -2.97 1.85
C ASN A 97 11.11 -1.88 1.13
N ILE A 98 10.52 -2.24 0.00
CA ILE A 98 9.69 -1.34 -0.78
C ILE A 98 8.46 -0.92 0.02
N ILE A 99 7.93 -1.86 0.81
CA ILE A 99 6.82 -1.59 1.69
C ILE A 99 7.23 -0.61 2.78
N ASP A 100 8.41 -0.83 3.35
CA ASP A 100 8.94 0.06 4.37
C ASP A 100 9.17 1.44 3.78
N GLY A 101 9.60 1.46 2.51
CA GLY A 101 9.76 2.72 1.80
C GLY A 101 8.46 3.51 1.77
N VAL A 102 7.34 2.79 1.75
CA VAL A 102 6.03 3.41 1.88
C VAL A 102 5.89 4.06 3.24
N LEU A 103 6.22 3.30 4.29
CA LEU A 103 6.16 3.80 5.65
C LEU A 103 7.17 4.91 5.88
N ARG A 104 8.06 5.10 4.92
CA ARG A 104 9.09 6.13 5.01
C ARG A 104 8.70 7.39 4.23
N ASP A 105 8.27 7.21 2.98
CA ASP A 105 8.02 8.35 2.10
C ASP A 105 6.57 8.45 1.65
N ASP A 106 5.93 7.31 1.40
CA ASP A 106 4.54 7.30 0.94
C ASP A 106 3.59 7.61 2.09
N ASP A 107 4.07 7.44 3.31
CA ASP A 107 3.39 7.94 4.49
C ASP A 107 3.68 9.42 4.62
N LYS A 108 2.77 10.23 4.07
CA LYS A 108 2.99 11.67 3.98
C LYS A 108 2.69 12.34 5.30
N ASN A 109 1.93 11.65 6.15
CA ASN A 109 1.50 12.22 7.42
C ASN A 109 2.58 12.07 8.47
N ASN A 110 3.54 11.20 8.18
CA ASN A 110 4.56 10.80 9.15
C ASN A 110 3.92 10.10 10.34
N ASP A 111 2.89 9.29 10.05
CA ASP A 111 2.19 8.56 11.11
C ASP A 111 2.59 7.10 11.11
N GLY A 112 3.40 6.71 10.12
CA GLY A 112 3.93 5.37 10.09
C GLY A 112 3.06 4.40 9.31
N TYR A 113 1.80 4.75 9.12
CA TYR A 113 0.88 3.88 8.40
C TYR A 113 0.44 4.54 7.12
N ILE A 114 -0.18 3.76 6.24
CA ILE A 114 -0.71 4.31 5.03
C ILE A 114 -2.23 4.43 5.15
N ASP A 115 -2.70 5.65 4.98
CA ASP A 115 -4.11 5.97 5.07
C ASP A 115 -4.70 6.08 3.68
N TYR A 116 -6.02 6.21 3.59
CA TYR A 116 -6.71 6.30 2.31
C TYR A 116 -6.08 7.37 1.42
N ALA A 117 -5.84 8.55 2.00
CA ALA A 117 -5.26 9.65 1.26
C ALA A 117 -3.86 9.32 0.76
N GLU A 118 -3.16 8.49 1.52
CA GLU A 118 -1.75 8.24 1.25
C GLU A 118 -1.58 7.21 0.15
N PHE A 119 -2.26 6.08 0.26
CA PHE A 119 -2.13 5.07 -0.77
C PHE A 119 -2.81 5.51 -2.06
N ALA A 120 -3.91 6.24 -1.94
CA ALA A 120 -4.63 6.74 -3.11
C ALA A 120 -3.80 7.78 -3.84
N LYS A 121 -3.00 8.52 -3.09
CA LYS A 121 -2.09 9.49 -3.67
C LYS A 121 -0.88 8.81 -4.27
N SER A 122 -0.51 7.64 -3.75
CA SER A 122 0.61 6.92 -4.29
C SER A 122 0.15 6.20 -5.55
N LEU A 123 -1.17 6.07 -5.66
CA LEU A 123 -1.82 5.49 -6.82
C LEU A 123 -2.08 6.56 -7.88
N GLN A 124 -2.58 7.71 -7.44
CA GLN A 124 -2.91 8.80 -8.34
C GLN A 124 -2.27 10.09 -7.85
CA CA B . -5.31 -2.66 9.88
CA CA C . 0.15 7.92 7.25
N MET A 45 -12.11 -5.74 -9.78
CA MET A 45 -12.70 -4.54 -9.20
C MET A 45 -12.23 -3.31 -9.97
N SER A 46 -13.01 -2.24 -9.90
CA SER A 46 -12.67 -1.00 -10.59
C SER A 46 -11.70 -0.16 -9.75
N PRO A 47 -10.94 0.75 -10.39
CA PRO A 47 -9.86 1.51 -9.73
C PRO A 47 -10.27 2.20 -8.44
N GLN A 48 -11.41 2.87 -8.47
CA GLN A 48 -11.84 3.72 -7.36
C GLN A 48 -12.08 2.90 -6.09
N GLU A 49 -12.74 1.75 -6.19
CA GLU A 49 -12.89 0.88 -5.04
C GLU A 49 -11.60 0.12 -4.78
N LEU A 50 -10.79 -0.09 -5.81
CA LEU A 50 -9.52 -0.79 -5.64
C LEU A 50 -8.57 -0.02 -4.74
N GLN A 51 -8.79 1.27 -4.61
CA GLN A 51 -8.01 2.04 -3.66
C GLN A 51 -8.41 1.61 -2.25
N LEU A 52 -9.71 1.48 -2.05
CA LEU A 52 -10.23 0.95 -0.81
C LEU A 52 -9.88 -0.53 -0.69
N HIS A 53 -9.54 -1.15 -1.83
CA HIS A 53 -9.09 -2.53 -1.84
C HIS A 53 -7.72 -2.64 -1.19
N TYR A 54 -6.91 -1.61 -1.37
CA TYR A 54 -5.59 -1.58 -0.74
C TYR A 54 -5.74 -1.33 0.74
N PHE A 55 -6.83 -0.66 1.08
CA PHE A 55 -7.17 -0.41 2.47
C PHE A 55 -7.68 -1.69 3.12
N LYS A 56 -8.66 -2.33 2.49
CA LYS A 56 -9.29 -3.52 3.07
C LYS A 56 -8.46 -4.78 2.83
N MET A 57 -7.47 -4.68 1.94
CA MET A 57 -6.66 -5.84 1.51
C MET A 57 -6.22 -6.71 2.67
N HIS A 58 -5.88 -6.07 3.77
CA HIS A 58 -5.42 -6.79 4.94
C HIS A 58 -5.92 -6.13 6.21
N ASP A 59 -6.85 -5.20 6.08
CA ASP A 59 -7.38 -4.50 7.25
C ASP A 59 -8.41 -5.37 7.97
N TYR A 60 -7.91 -6.25 8.81
CA TYR A 60 -8.73 -7.16 9.59
C TYR A 60 -8.53 -6.91 11.08
N ASP A 61 -8.09 -5.70 11.41
CA ASP A 61 -7.74 -5.35 12.79
C ASP A 61 -8.74 -4.34 13.37
N GLY A 62 -9.53 -3.73 12.50
CA GLY A 62 -10.50 -2.75 12.93
C GLY A 62 -9.86 -1.46 13.43
N ASN A 63 -8.65 -1.15 12.96
CA ASN A 63 -7.95 0.05 13.43
C ASN A 63 -8.06 1.19 12.42
N ASN A 64 -8.73 0.91 11.30
CA ASN A 64 -8.99 1.91 10.25
C ASN A 64 -7.68 2.43 9.64
N LEU A 65 -6.65 1.59 9.67
CA LEU A 65 -5.35 1.95 9.11
C LEU A 65 -4.60 0.70 8.68
N LEU A 66 -3.53 0.89 7.93
CA LEU A 66 -2.72 -0.21 7.43
C LEU A 66 -1.27 -0.04 7.84
N ASP A 67 -0.74 -1.02 8.56
CA ASP A 67 0.67 -0.99 8.93
C ASP A 67 1.45 -1.98 8.07
N GLY A 68 2.75 -2.09 8.29
CA GLY A 68 3.60 -2.96 7.48
C GLY A 68 3.08 -4.39 7.35
N LEU A 69 2.48 -4.92 8.41
CA LEU A 69 1.98 -6.30 8.39
C LEU A 69 0.85 -6.44 7.37
N GLU A 70 -0.14 -5.58 7.50
CA GLU A 70 -1.27 -5.57 6.59
C GLU A 70 -0.77 -5.23 5.19
N LEU A 71 0.03 -4.17 5.11
CA LEU A 71 0.50 -3.63 3.85
C LEU A 71 1.42 -4.57 3.10
N SER A 72 1.85 -5.65 3.75
CA SER A 72 2.72 -6.62 3.10
C SER A 72 2.08 -7.15 1.82
N THR A 73 0.77 -7.30 1.83
CA THR A 73 0.04 -7.75 0.65
C THR A 73 -0.43 -6.58 -0.21
N ALA A 74 -0.67 -5.44 0.43
CA ALA A 74 -1.29 -4.31 -0.23
C ALA A 74 -0.28 -3.47 -0.99
N ILE A 75 0.83 -3.16 -0.34
CA ILE A 75 1.86 -2.28 -0.90
C ILE A 75 2.42 -2.85 -2.19
N THR A 76 2.25 -4.15 -2.37
CA THR A 76 2.63 -4.82 -3.60
C THR A 76 2.04 -4.11 -4.82
N HIS A 77 0.88 -3.49 -4.63
CA HIS A 77 0.21 -2.77 -5.70
C HIS A 77 0.39 -1.26 -5.51
N VAL A 78 0.44 -0.83 -4.26
CA VAL A 78 0.47 0.58 -3.95
C VAL A 78 1.77 1.23 -4.40
N HIS A 79 2.91 0.65 -4.02
CA HIS A 79 4.19 1.16 -4.48
C HIS A 79 4.40 0.75 -5.93
N LYS A 80 3.93 1.58 -6.85
CA LYS A 80 4.06 1.28 -8.26
C LYS A 80 5.17 2.10 -8.89
N GLU A 81 5.71 1.58 -9.98
CA GLU A 81 6.73 2.27 -10.76
C GLU A 81 6.87 1.58 -12.11
N GLU A 82 6.96 0.25 -12.08
CA GLU A 82 6.96 -0.54 -13.29
C GLU A 82 5.56 -1.04 -13.59
N GLY A 83 4.58 -0.16 -13.42
CA GLY A 83 3.20 -0.52 -13.63
C GLY A 83 2.28 0.65 -13.34
N SER A 84 1.12 0.37 -12.80
CA SER A 84 0.16 1.42 -12.47
C SER A 84 -0.61 1.04 -11.21
N GLU A 85 -1.60 0.18 -11.37
CA GLU A 85 -2.35 -0.34 -10.23
C GLU A 85 -2.10 -1.84 -10.11
N GLN A 86 -1.29 -2.35 -11.02
CA GLN A 86 -0.93 -3.75 -11.04
C GLN A 86 0.32 -3.96 -10.19
N ALA A 87 0.44 -5.15 -9.61
CA ALA A 87 1.54 -5.44 -8.70
C ALA A 87 2.78 -5.84 -9.48
N PRO A 88 3.85 -5.08 -9.37
CA PRO A 88 5.12 -5.45 -9.96
C PRO A 88 5.84 -6.49 -9.13
N LEU A 89 5.22 -7.66 -9.01
CA LEU A 89 5.79 -8.80 -8.30
C LEU A 89 7.15 -9.17 -8.85
N MET A 90 8.16 -8.56 -8.28
CA MET A 90 9.55 -8.81 -8.64
C MET A 90 10.14 -9.87 -7.73
N SER A 91 10.13 -9.57 -6.44
CA SER A 91 10.61 -10.46 -5.39
C SER A 91 10.09 -9.93 -4.07
N GLU A 92 9.39 -10.80 -3.35
CA GLU A 92 8.71 -10.44 -2.10
C GLU A 92 9.63 -9.78 -1.09
N ASP A 93 10.89 -10.21 -1.05
CA ASP A 93 11.84 -9.68 -0.08
C ASP A 93 12.23 -8.25 -0.44
N GLU A 94 12.46 -8.01 -1.73
CA GLU A 94 12.71 -6.65 -2.22
C GLU A 94 11.47 -5.81 -1.98
N LEU A 95 10.32 -6.45 -2.17
CA LEU A 95 9.03 -5.85 -1.94
C LEU A 95 8.89 -5.44 -0.48
N ILE A 96 9.43 -6.27 0.42
CA ILE A 96 9.46 -5.98 1.84
C ILE A 96 10.16 -4.64 2.10
N ASN A 97 11.28 -4.43 1.42
CA ASN A 97 12.01 -3.17 1.52
C ASN A 97 11.17 -2.05 0.93
N ILE A 98 10.48 -2.37 -0.17
CA ILE A 98 9.59 -1.44 -0.84
C ILE A 98 8.44 -1.00 0.08
N ILE A 99 7.90 -1.96 0.82
CA ILE A 99 6.82 -1.68 1.77
C ILE A 99 7.33 -0.78 2.89
N ASP A 100 8.58 -1.02 3.31
CA ASP A 100 9.21 -0.22 4.34
C ASP A 100 9.36 1.21 3.83
N GLY A 101 9.76 1.32 2.56
CA GLY A 101 9.89 2.62 1.91
C GLY A 101 8.60 3.42 1.97
N VAL A 102 7.48 2.72 1.96
CA VAL A 102 6.17 3.36 2.12
C VAL A 102 6.08 4.03 3.49
N LEU A 103 6.47 3.28 4.51
CA LEU A 103 6.44 3.78 5.88
C LEU A 103 7.46 4.90 6.08
N ARG A 104 8.30 5.12 5.06
CA ARG A 104 9.34 6.12 5.13
C ARG A 104 8.95 7.36 4.33
N ASP A 105 8.47 7.15 3.11
CA ASP A 105 8.16 8.26 2.21
C ASP A 105 6.66 8.38 1.95
N ASP A 106 6.01 7.27 1.60
CA ASP A 106 4.60 7.28 1.20
C ASP A 106 3.70 7.62 2.38
N ASP A 107 4.21 7.38 3.58
CA ASP A 107 3.57 7.85 4.80
C ASP A 107 3.84 9.35 4.93
N LYS A 108 3.05 10.13 4.21
CA LYS A 108 3.28 11.56 4.02
C LYS A 108 3.05 12.35 5.29
N ASN A 109 2.33 11.73 6.22
CA ASN A 109 1.89 12.43 7.42
C ASN A 109 2.49 11.82 8.68
N ASN A 110 3.46 10.93 8.47
CA ASN A 110 4.25 10.36 9.56
C ASN A 110 3.39 9.72 10.64
N ASP A 111 2.38 8.96 10.22
CA ASP A 111 1.54 8.26 11.18
C ASP A 111 1.99 6.80 11.28
N GLY A 112 2.81 6.37 10.34
CA GLY A 112 3.33 5.01 10.36
C GLY A 112 2.42 4.05 9.64
N TYR A 113 1.36 4.59 9.04
CA TYR A 113 0.42 3.79 8.29
C TYR A 113 0.13 4.47 6.96
N ILE A 114 -0.67 3.82 6.14
CA ILE A 114 -1.09 4.41 4.89
C ILE A 114 -2.62 4.57 4.89
N ASP A 115 -3.07 5.82 4.77
CA ASP A 115 -4.49 6.10 4.69
C ASP A 115 -4.91 6.26 3.25
N TYR A 116 -6.19 6.55 3.03
CA TYR A 116 -6.75 6.61 1.69
C TYR A 116 -5.98 7.60 0.81
N ALA A 117 -5.74 8.78 1.33
CA ALA A 117 -5.07 9.84 0.56
C ALA A 117 -3.62 9.48 0.28
N GLU A 118 -3.03 8.69 1.17
CA GLU A 118 -1.63 8.32 1.05
C GLU A 118 -1.45 7.30 -0.06
N PHE A 119 -2.20 6.21 0.00
CA PHE A 119 -2.09 5.19 -1.02
C PHE A 119 -2.71 5.65 -2.33
N ALA A 120 -3.72 6.52 -2.25
CA ALA A 120 -4.35 7.06 -3.44
C ALA A 120 -3.35 7.86 -4.26
N LYS A 121 -2.45 8.56 -3.58
CA LYS A 121 -1.39 9.28 -4.27
C LYS A 121 -0.33 8.33 -4.80
N SER A 122 -0.12 7.24 -4.08
CA SER A 122 0.98 6.35 -4.37
C SER A 122 0.63 5.40 -5.52
N LEU A 123 -0.60 4.92 -5.56
CA LEU A 123 -1.03 3.94 -6.55
C LEU A 123 -1.40 4.60 -7.87
N GLN A 124 -1.55 5.92 -7.87
CA GLN A 124 -1.91 6.63 -9.08
C GLN A 124 -0.67 7.07 -9.84
CA CA B . -5.53 -2.37 9.99
CA CA C . 0.25 7.74 7.07
N MET A 45 -12.03 -4.81 -10.29
CA MET A 45 -12.62 -3.61 -9.69
C MET A 45 -12.03 -2.35 -10.32
N SER A 46 -12.77 -1.24 -10.22
CA SER A 46 -12.33 0.01 -10.81
C SER A 46 -11.36 0.73 -9.87
N PRO A 47 -10.52 1.65 -10.39
CA PRO A 47 -9.45 2.29 -9.63
C PRO A 47 -9.91 2.90 -8.30
N GLN A 48 -10.98 3.67 -8.34
CA GLN A 48 -11.45 4.41 -7.17
C GLN A 48 -11.80 3.48 -6.00
N GLU A 49 -12.59 2.44 -6.25
CA GLU A 49 -12.91 1.46 -5.22
C GLU A 49 -11.71 0.60 -4.90
N LEU A 50 -10.82 0.39 -5.87
CA LEU A 50 -9.64 -0.42 -5.63
C LEU A 50 -8.73 0.23 -4.62
N GLN A 51 -8.87 1.52 -4.43
CA GLN A 51 -8.13 2.20 -3.39
C GLN A 51 -8.69 1.73 -2.06
N LEU A 52 -10.02 1.71 -1.97
CA LEU A 52 -10.70 1.17 -0.81
C LEU A 52 -10.45 -0.33 -0.72
N HIS A 53 -10.06 -0.94 -1.83
CA HIS A 53 -9.71 -2.35 -1.85
C HIS A 53 -8.41 -2.55 -1.10
N TYR A 54 -7.45 -1.67 -1.35
CA TYR A 54 -6.17 -1.72 -0.64
C TYR A 54 -6.40 -1.43 0.83
N PHE A 55 -7.48 -0.71 1.11
CA PHE A 55 -7.83 -0.35 2.46
C PHE A 55 -8.42 -1.55 3.18
N LYS A 56 -9.44 -2.17 2.58
CA LYS A 56 -10.17 -3.23 3.25
C LYS A 56 -9.44 -4.56 3.18
N MET A 57 -8.68 -4.76 2.10
CA MET A 57 -8.08 -6.07 1.78
C MET A 57 -7.37 -6.70 2.98
N HIS A 58 -6.74 -5.90 3.80
CA HIS A 58 -5.84 -6.43 4.80
C HIS A 58 -6.05 -5.76 6.16
N ASP A 59 -7.09 -4.95 6.28
CA ASP A 59 -7.37 -4.30 7.56
C ASP A 59 -8.28 -5.21 8.38
N TYR A 60 -7.69 -6.29 8.89
CA TYR A 60 -8.41 -7.30 9.64
C TYR A 60 -8.82 -6.77 11.01
N ASP A 61 -8.10 -5.76 11.45
CA ASP A 61 -8.29 -5.19 12.78
C ASP A 61 -9.38 -4.11 12.78
N GLY A 62 -9.71 -3.64 11.58
CA GLY A 62 -10.78 -2.67 11.40
C GLY A 62 -10.54 -1.33 12.09
N ASN A 63 -9.28 -0.92 12.25
CA ASN A 63 -8.97 0.32 12.94
C ASN A 63 -8.83 1.49 11.96
N ASN A 64 -9.14 1.21 10.68
CA ASN A 64 -9.11 2.23 9.62
C ASN A 64 -7.68 2.64 9.28
N LEU A 65 -6.71 1.88 9.76
CA LEU A 65 -5.32 2.11 9.44
C LEU A 65 -4.65 0.81 8.99
N LEU A 66 -3.62 0.95 8.17
CA LEU A 66 -2.90 -0.19 7.64
C LEU A 66 -1.43 -0.14 8.06
N ASP A 67 -1.05 -1.03 8.96
CA ASP A 67 0.34 -1.16 9.41
C ASP A 67 1.16 -1.85 8.33
N GLY A 68 2.49 -1.73 8.36
CA GLY A 68 3.34 -2.45 7.43
C GLY A 68 3.07 -3.95 7.43
N LEU A 69 2.63 -4.46 8.58
CA LEU A 69 2.24 -5.86 8.70
C LEU A 69 1.10 -6.17 7.75
N GLU A 70 0.02 -5.41 7.87
CA GLU A 70 -1.09 -5.51 6.95
C GLU A 70 -0.61 -5.22 5.53
N LEU A 71 0.06 -4.08 5.39
CA LEU A 71 0.48 -3.53 4.10
C LEU A 71 1.33 -4.50 3.29
N SER A 72 1.86 -5.52 3.94
CA SER A 72 2.73 -6.49 3.29
C SER A 72 2.09 -7.07 2.03
N THR A 73 0.76 -7.21 2.02
CA THR A 73 0.08 -7.75 0.85
C THR A 73 -0.35 -6.65 -0.14
N ALA A 74 -0.62 -5.45 0.37
CA ALA A 74 -1.27 -4.42 -0.45
C ALA A 74 -0.26 -3.43 -1.04
N ILE A 75 0.86 -3.23 -0.36
CA ILE A 75 1.86 -2.29 -0.84
C ILE A 75 2.48 -2.80 -2.13
N THR A 76 2.28 -4.08 -2.38
CA THR A 76 2.65 -4.69 -3.63
C THR A 76 1.87 -4.07 -4.79
N HIS A 77 0.77 -3.39 -4.47
CA HIS A 77 0.00 -2.66 -5.46
C HIS A 77 0.10 -1.16 -5.22
N VAL A 78 0.45 -0.80 -3.99
CA VAL A 78 0.57 0.62 -3.62
C VAL A 78 1.87 1.21 -4.14
N HIS A 79 3.01 0.64 -3.72
CA HIS A 79 4.30 1.17 -4.17
C HIS A 79 4.61 0.65 -5.57
N LYS A 80 3.92 1.21 -6.55
CA LYS A 80 4.00 0.82 -7.95
C LYS A 80 5.42 0.94 -8.52
N GLU A 81 5.69 0.12 -9.53
CA GLU A 81 7.00 0.10 -10.18
C GLU A 81 6.84 -0.10 -11.69
N GLU A 82 6.55 -1.34 -12.11
CA GLU A 82 6.39 -1.65 -13.54
C GLU A 82 5.13 -0.97 -14.08
N GLY A 83 4.05 -1.07 -13.31
CA GLY A 83 2.82 -0.40 -13.66
C GLY A 83 2.29 0.37 -12.48
N SER A 84 1.00 0.61 -12.44
CA SER A 84 0.39 1.29 -11.32
C SER A 84 -0.21 0.30 -10.32
N GLU A 85 -1.44 -0.13 -10.59
CA GLU A 85 -2.14 -1.04 -9.69
C GLU A 85 -1.64 -2.46 -9.82
N GLN A 86 -1.02 -2.77 -10.96
CA GLN A 86 -0.50 -4.11 -11.20
C GLN A 86 0.71 -4.39 -10.31
N ALA A 87 0.65 -5.50 -9.57
CA ALA A 87 1.70 -5.86 -8.64
C ALA A 87 2.97 -6.19 -9.36
N PRO A 88 4.03 -5.43 -9.11
CA PRO A 88 5.32 -5.72 -9.66
C PRO A 88 6.05 -6.76 -8.83
N LEU A 89 5.56 -7.99 -8.85
CA LEU A 89 6.23 -9.11 -8.21
C LEU A 89 7.55 -9.41 -8.92
N MET A 90 8.50 -8.54 -8.66
CA MET A 90 9.82 -8.60 -9.26
C MET A 90 10.76 -9.43 -8.40
N SER A 91 10.81 -9.09 -7.12
CA SER A 91 11.62 -9.80 -6.14
C SER A 91 11.07 -9.53 -4.76
N GLU A 92 10.78 -10.60 -4.03
CA GLU A 92 10.17 -10.51 -2.70
C GLU A 92 10.99 -9.67 -1.74
N ASP A 93 12.31 -9.83 -1.76
CA ASP A 93 13.18 -9.09 -0.84
C ASP A 93 13.14 -7.61 -1.17
N GLU A 94 13.34 -7.29 -2.43
CA GLU A 94 13.24 -5.92 -2.93
C GLU A 94 11.86 -5.35 -2.61
N LEU A 95 10.84 -6.18 -2.80
CA LEU A 95 9.46 -5.82 -2.52
C LEU A 95 9.27 -5.53 -1.03
N ILE A 96 9.96 -6.31 -0.19
CA ILE A 96 9.96 -6.07 1.25
C ILE A 96 10.53 -4.68 1.56
N ASN A 97 11.63 -4.34 0.89
CA ASN A 97 12.21 -3.00 1.03
C ASN A 97 11.27 -1.95 0.46
N ILE A 98 10.54 -2.33 -0.57
CA ILE A 98 9.52 -1.47 -1.16
C ILE A 98 8.45 -1.11 -0.11
N ILE A 99 8.10 -2.07 0.72
CA ILE A 99 7.14 -1.83 1.81
C ILE A 99 7.78 -1.04 2.93
N ASP A 100 9.10 -1.02 3.00
CA ASP A 100 9.75 -0.16 3.96
C ASP A 100 9.64 1.27 3.45
N GLY A 101 9.83 1.41 2.14
CA GLY A 101 9.73 2.69 1.48
C GLY A 101 8.39 3.37 1.72
N VAL A 102 7.31 2.60 1.79
CA VAL A 102 6.00 3.20 2.04
C VAL A 102 5.98 3.88 3.41
N LEU A 103 6.46 3.18 4.42
CA LEU A 103 6.48 3.74 5.78
C LEU A 103 7.51 4.86 5.90
N ARG A 104 8.35 5.01 4.89
CA ARG A 104 9.35 6.06 4.90
C ARG A 104 8.84 7.31 4.19
N ASP A 105 8.30 7.14 2.99
CA ASP A 105 8.00 8.27 2.13
C ASP A 105 6.54 8.31 1.66
N ASP A 106 5.89 7.15 1.57
CA ASP A 106 4.49 7.12 1.09
C ASP A 106 3.54 7.54 2.21
N ASP A 107 3.94 7.29 3.45
CA ASP A 107 3.21 7.80 4.61
C ASP A 107 3.50 9.29 4.77
N LYS A 108 2.61 10.09 4.24
CA LYS A 108 2.80 11.54 4.20
C LYS A 108 2.43 12.16 5.55
N ASN A 109 1.67 11.43 6.35
CA ASN A 109 1.18 11.94 7.63
C ASN A 109 2.29 11.88 8.67
N ASN A 110 3.31 11.10 8.35
CA ASN A 110 4.40 10.79 9.28
C ASN A 110 3.82 10.10 10.52
N ASP A 111 2.77 9.31 10.32
CA ASP A 111 2.11 8.61 11.40
C ASP A 111 2.62 7.19 11.47
N GLY A 112 3.24 6.76 10.38
CA GLY A 112 3.79 5.43 10.32
C GLY A 112 3.02 4.52 9.40
N TYR A 113 1.70 4.68 9.34
CA TYR A 113 0.87 3.76 8.58
C TYR A 113 0.21 4.45 7.40
N ILE A 114 -0.37 3.65 6.53
CA ILE A 114 -1.04 4.17 5.34
C ILE A 114 -2.55 4.32 5.57
N ASP A 115 -3.05 5.52 5.30
CA ASP A 115 -4.48 5.75 5.24
C ASP A 115 -4.92 5.87 3.78
N TYR A 116 -6.20 6.16 3.57
CA TYR A 116 -6.77 6.20 2.24
C TYR A 116 -6.02 7.13 1.31
N ALA A 117 -5.74 8.34 1.78
CA ALA A 117 -5.14 9.38 0.94
C ALA A 117 -3.73 9.01 0.49
N GLU A 118 -3.05 8.21 1.30
CA GLU A 118 -1.66 7.90 1.05
C GLU A 118 -1.52 6.80 0.02
N PHE A 119 -2.28 5.72 0.17
CA PHE A 119 -2.23 4.67 -0.84
C PHE A 119 -2.91 5.17 -2.11
N ALA A 120 -3.90 6.05 -1.94
CA ALA A 120 -4.64 6.60 -3.07
C ALA A 120 -3.70 7.31 -4.02
N LYS A 121 -2.83 8.13 -3.47
CA LYS A 121 -1.88 8.87 -4.29
C LYS A 121 -0.73 7.98 -4.75
N SER A 122 -0.40 6.97 -3.97
CA SER A 122 0.78 6.18 -4.25
C SER A 122 0.48 5.14 -5.34
N LEU A 123 -0.76 4.63 -5.37
CA LEU A 123 -1.15 3.63 -6.35
C LEU A 123 -1.45 4.26 -7.71
N GLN A 124 -1.42 5.58 -7.76
CA GLN A 124 -1.76 6.30 -8.99
C GLN A 124 -0.51 6.67 -9.76
CA CA B . -5.53 -2.19 10.53
CA CA C . -0.20 7.79 7.07
N MET A 45 -11.91 -4.85 -10.67
CA MET A 45 -12.44 -3.66 -10.02
C MET A 45 -11.79 -2.40 -10.61
N SER A 46 -12.52 -1.30 -10.57
CA SER A 46 -12.01 -0.03 -11.08
C SER A 46 -11.14 0.68 -10.04
N PRO A 47 -10.22 1.56 -10.47
CA PRO A 47 -9.22 2.18 -9.57
C PRO A 47 -9.82 2.77 -8.29
N GLN A 48 -10.96 3.44 -8.43
CA GLN A 48 -11.62 4.08 -7.29
C GLN A 48 -11.93 3.04 -6.20
N GLU A 49 -12.35 1.86 -6.62
CA GLU A 49 -12.60 0.74 -5.70
C GLU A 49 -11.29 0.29 -5.11
N LEU A 50 -10.29 0.16 -5.97
CA LEU A 50 -9.06 -0.51 -5.57
C LEU A 50 -8.36 0.20 -4.44
N GLN A 51 -8.67 1.45 -4.27
CA GLN A 51 -8.16 2.19 -3.12
C GLN A 51 -8.72 1.53 -1.88
N LEU A 52 -10.04 1.33 -1.88
CA LEU A 52 -10.71 0.60 -0.81
C LEU A 52 -10.30 -0.87 -0.84
N HIS A 53 -9.87 -1.34 -2.02
CA HIS A 53 -9.41 -2.72 -2.16
C HIS A 53 -8.11 -2.91 -1.37
N TYR A 54 -7.25 -1.91 -1.46
CA TYR A 54 -5.99 -1.92 -0.74
C TYR A 54 -6.24 -1.69 0.74
N PHE A 55 -7.20 -0.82 1.01
CA PHE A 55 -7.57 -0.48 2.37
C PHE A 55 -8.11 -1.69 3.08
N LYS A 56 -9.08 -2.35 2.45
CA LYS A 56 -9.76 -3.46 3.08
C LYS A 56 -8.91 -4.74 3.00
N MET A 57 -7.96 -4.73 2.07
CA MET A 57 -7.15 -5.92 1.77
C MET A 57 -6.67 -6.65 3.02
N HIS A 58 -6.10 -5.90 3.94
CA HIS A 58 -5.59 -6.52 5.14
C HIS A 58 -6.07 -5.79 6.39
N ASP A 59 -7.02 -4.87 6.22
CA ASP A 59 -7.53 -4.12 7.36
C ASP A 59 -8.59 -4.93 8.09
N TYR A 60 -8.12 -5.95 8.79
CA TYR A 60 -8.98 -6.83 9.58
C TYR A 60 -8.81 -6.52 11.06
N ASP A 61 -8.18 -5.39 11.33
CA ASP A 61 -7.90 -4.97 12.70
C ASP A 61 -8.90 -3.91 13.16
N GLY A 62 -9.63 -3.36 12.19
CA GLY A 62 -10.63 -2.34 12.47
C GLY A 62 -10.04 -1.05 13.01
N ASN A 63 -8.83 -0.70 12.58
CA ASN A 63 -8.18 0.50 13.09
C ASN A 63 -8.14 1.61 12.04
N ASN A 64 -8.60 1.30 10.83
CA ASN A 64 -8.70 2.27 9.72
C ASN A 64 -7.32 2.70 9.23
N LEU A 65 -6.29 1.99 9.64
CA LEU A 65 -4.94 2.22 9.15
C LEU A 65 -4.35 0.90 8.68
N LEU A 66 -3.26 0.99 7.93
CA LEU A 66 -2.55 -0.21 7.51
C LEU A 66 -1.08 -0.09 7.89
N ASP A 67 -0.60 -1.02 8.72
CA ASP A 67 0.81 -1.06 9.07
C ASP A 67 1.50 -2.12 8.22
N GLY A 68 2.79 -2.34 8.45
CA GLY A 68 3.56 -3.27 7.64
C GLY A 68 2.94 -4.66 7.53
N LEU A 69 2.33 -5.12 8.61
CA LEU A 69 1.74 -6.47 8.64
C LEU A 69 0.61 -6.56 7.63
N GLU A 70 -0.26 -5.57 7.64
CA GLU A 70 -1.35 -5.49 6.69
C GLU A 70 -0.81 -5.19 5.31
N LEU A 71 0.05 -4.18 5.25
CA LEU A 71 0.56 -3.66 3.99
C LEU A 71 1.43 -4.65 3.23
N SER A 72 1.84 -5.72 3.88
CA SER A 72 2.69 -6.71 3.24
C SER A 72 2.04 -7.25 1.96
N THR A 73 0.73 -7.43 2.00
CA THR A 73 0.01 -7.90 0.82
C THR A 73 -0.50 -6.72 -0.02
N ALA A 74 -0.73 -5.59 0.64
CA ALA A 74 -1.38 -4.46 0.00
C ALA A 74 -0.38 -3.63 -0.80
N ILE A 75 0.74 -3.31 -0.18
CA ILE A 75 1.74 -2.42 -0.78
C ILE A 75 2.27 -2.96 -2.09
N THR A 76 2.21 -4.26 -2.25
CA THR A 76 2.56 -4.91 -3.50
C THR A 76 1.75 -4.35 -4.66
N HIS A 77 0.60 -3.77 -4.33
CA HIS A 77 -0.26 -3.15 -5.34
C HIS A 77 -0.29 -1.64 -5.19
N VAL A 78 0.25 -1.14 -4.08
CA VAL A 78 0.18 0.29 -3.82
C VAL A 78 1.43 1.03 -4.29
N HIS A 79 2.61 0.52 -3.92
CA HIS A 79 3.85 1.22 -4.21
C HIS A 79 4.19 1.12 -5.69
N LYS A 80 3.86 2.16 -6.44
CA LYS A 80 4.29 2.27 -7.82
C LYS A 80 5.81 2.25 -7.90
N GLU A 81 6.34 1.47 -8.82
CA GLU A 81 7.78 1.32 -8.97
C GLU A 81 8.08 0.74 -10.35
N GLU A 82 7.82 -0.56 -10.49
CA GLU A 82 7.83 -1.19 -11.80
C GLU A 82 6.45 -1.08 -12.40
N GLY A 83 5.47 -1.60 -11.68
CA GLY A 83 4.08 -1.38 -12.04
C GLY A 83 3.48 -0.30 -11.17
N SER A 84 2.17 -0.28 -11.04
CA SER A 84 1.51 0.67 -10.17
C SER A 84 0.37 0.00 -9.42
N GLU A 85 -0.80 -0.09 -10.03
CA GLU A 85 -1.93 -0.79 -9.44
C GLU A 85 -1.66 -2.29 -9.45
N GLN A 86 -1.27 -2.79 -10.61
CA GLN A 86 -0.94 -4.19 -10.77
C GLN A 86 0.34 -4.51 -10.01
N ALA A 87 0.36 -5.67 -9.37
CA ALA A 87 1.46 -6.03 -8.49
C ALA A 87 2.67 -6.43 -9.28
N PRO A 88 3.76 -5.69 -9.14
CA PRO A 88 4.99 -6.05 -9.79
C PRO A 88 5.76 -7.06 -8.96
N LEU A 89 5.24 -8.29 -8.89
CA LEU A 89 5.95 -9.40 -8.28
C LEU A 89 7.25 -9.67 -8.99
N MET A 90 8.23 -8.87 -8.65
CA MET A 90 9.55 -8.93 -9.24
C MET A 90 10.46 -9.83 -8.40
N SER A 91 10.61 -9.48 -7.14
CA SER A 91 11.39 -10.23 -6.17
C SER A 91 10.93 -9.84 -4.78
N GLU A 92 10.48 -10.84 -4.01
CA GLU A 92 9.82 -10.60 -2.74
C GLU A 92 10.64 -9.78 -1.76
N ASP A 93 11.97 -9.93 -1.76
CA ASP A 93 12.81 -9.19 -0.81
C ASP A 93 12.90 -7.72 -1.22
N GLU A 94 12.92 -7.47 -2.52
CA GLU A 94 12.87 -6.10 -3.03
C GLU A 94 11.48 -5.52 -2.75
N LEU A 95 10.48 -6.36 -2.92
CA LEU A 95 9.10 -6.01 -2.65
C LEU A 95 8.93 -5.62 -1.19
N ILE A 96 9.63 -6.33 -0.31
CA ILE A 96 9.63 -6.00 1.11
C ILE A 96 10.22 -4.60 1.34
N ASN A 97 11.33 -4.30 0.67
CA ASN A 97 11.92 -2.97 0.76
C ASN A 97 10.98 -1.93 0.16
N ILE A 98 10.25 -2.35 -0.86
CA ILE A 98 9.23 -1.52 -1.49
C ILE A 98 8.17 -1.10 -0.46
N ILE A 99 7.82 -2.04 0.42
CA ILE A 99 6.87 -1.77 1.48
C ILE A 99 7.45 -0.79 2.50
N ASP A 100 8.74 -0.96 2.79
CA ASP A 100 9.44 -0.09 3.71
C ASP A 100 9.45 1.32 3.16
N GLY A 101 9.74 1.41 1.86
CA GLY A 101 9.72 2.68 1.16
C GLY A 101 8.40 3.41 1.32
N VAL A 102 7.31 2.66 1.39
CA VAL A 102 6.01 3.24 1.65
C VAL A 102 5.97 3.85 3.04
N LEU A 103 6.41 3.08 4.03
CA LEU A 103 6.43 3.54 5.40
C LEU A 103 7.45 4.67 5.59
N ARG A 104 8.21 4.97 4.53
CA ARG A 104 9.18 6.04 4.55
C ARG A 104 8.65 7.28 3.81
N ASP A 105 8.15 7.06 2.60
CA ASP A 105 7.82 8.17 1.69
C ASP A 105 6.34 8.20 1.31
N ASP A 106 5.72 7.04 1.15
CA ASP A 106 4.31 6.99 0.76
C ASP A 106 3.42 7.27 1.96
N ASP A 107 4.01 7.16 3.14
CA ASP A 107 3.40 7.68 4.37
C ASP A 107 3.57 9.19 4.39
N LYS A 108 2.58 9.87 3.83
CA LYS A 108 2.68 11.28 3.52
C LYS A 108 2.55 12.15 4.77
N ASN A 109 2.03 11.56 5.83
CA ASN A 109 1.70 12.33 7.03
C ASN A 109 2.46 11.83 8.25
N ASN A 110 3.54 11.10 8.01
CA ASN A 110 4.47 10.69 9.07
C ASN A 110 3.77 9.96 10.21
N ASP A 111 2.81 9.10 9.89
CA ASP A 111 2.12 8.34 10.92
C ASP A 111 2.65 6.91 10.96
N GLY A 112 3.42 6.55 9.94
CA GLY A 112 4.01 5.23 9.90
C GLY A 112 3.06 4.19 9.33
N TYR A 113 1.87 4.62 8.95
CA TYR A 113 0.92 3.75 8.28
C TYR A 113 0.45 4.38 6.99
N ILE A 114 -0.40 3.68 6.28
CA ILE A 114 -1.02 4.25 5.09
C ILE A 114 -2.54 4.24 5.26
N ASP A 115 -3.15 5.41 5.09
CA ASP A 115 -4.61 5.52 5.14
C ASP A 115 -5.16 5.66 3.73
N TYR A 116 -6.48 5.82 3.62
CA TYR A 116 -7.16 5.86 2.32
C TYR A 116 -6.56 6.96 1.45
N ALA A 117 -6.43 8.16 2.00
CA ALA A 117 -5.95 9.30 1.23
C ALA A 117 -4.48 9.13 0.86
N GLU A 118 -3.76 8.30 1.61
CA GLU A 118 -2.34 8.13 1.39
C GLU A 118 -2.09 7.23 0.20
N PHE A 119 -2.65 6.02 0.23
CA PHE A 119 -2.48 5.12 -0.88
C PHE A 119 -3.21 5.65 -2.09
N ALA A 120 -4.33 6.35 -1.88
CA ALA A 120 -5.10 6.94 -2.97
C ALA A 120 -4.22 7.89 -3.77
N LYS A 121 -3.39 8.65 -3.07
CA LYS A 121 -2.45 9.53 -3.73
C LYS A 121 -1.28 8.74 -4.32
N SER A 122 -0.97 7.60 -3.72
CA SER A 122 0.19 6.85 -4.13
C SER A 122 -0.15 6.08 -5.40
N LEU A 123 -1.45 5.91 -5.62
CA LEU A 123 -1.99 5.24 -6.78
C LEU A 123 -2.15 6.21 -7.95
N GLN A 124 -1.63 7.42 -7.75
CA GLN A 124 -1.71 8.45 -8.76
C GLN A 124 -0.33 9.04 -9.03
CA CA B . -5.54 -2.02 9.95
CA CA C . 0.34 7.62 7.08
N MET A 45 -12.39 -4.42 -10.42
CA MET A 45 -12.91 -3.21 -9.76
C MET A 45 -12.36 -1.94 -10.37
N SER A 46 -12.99 -0.82 -10.05
CA SER A 46 -12.60 0.48 -10.58
C SER A 46 -11.63 1.18 -9.64
N PRO A 47 -10.91 2.22 -10.11
CA PRO A 47 -9.83 2.86 -9.34
C PRO A 47 -10.23 3.31 -7.95
N GLN A 48 -11.34 4.03 -7.86
CA GLN A 48 -11.77 4.58 -6.57
C GLN A 48 -12.06 3.46 -5.56
N GLU A 49 -12.85 2.46 -5.97
CA GLU A 49 -13.10 1.31 -5.10
C GLU A 49 -11.82 0.58 -4.82
N LEU A 50 -10.99 0.40 -5.83
CA LEU A 50 -9.80 -0.42 -5.68
C LEU A 50 -8.85 0.18 -4.65
N GLN A 51 -8.98 1.46 -4.42
CA GLN A 51 -8.19 2.10 -3.40
C GLN A 51 -8.73 1.65 -2.04
N LEU A 52 -10.05 1.55 -1.94
CA LEU A 52 -10.68 0.95 -0.78
C LEU A 52 -10.34 -0.54 -0.73
N HIS A 53 -10.04 -1.12 -1.90
CA HIS A 53 -9.62 -2.52 -1.96
C HIS A 53 -8.28 -2.67 -1.26
N TYR A 54 -7.35 -1.77 -1.57
CA TYR A 54 -6.03 -1.78 -0.95
C TYR A 54 -6.17 -1.53 0.54
N PHE A 55 -7.16 -0.71 0.88
CA PHE A 55 -7.46 -0.37 2.26
C PHE A 55 -7.95 -1.61 3.01
N LYS A 56 -8.94 -2.29 2.44
CA LYS A 56 -9.52 -3.45 3.08
C LYS A 56 -8.66 -4.70 2.89
N MET A 57 -7.73 -4.61 1.93
CA MET A 57 -6.94 -5.76 1.46
C MET A 57 -6.42 -6.61 2.60
N HIS A 58 -5.89 -5.98 3.62
CA HIS A 58 -5.31 -6.70 4.73
C HIS A 58 -5.72 -6.07 6.06
N ASP A 59 -6.67 -5.13 6.01
CA ASP A 59 -7.13 -4.46 7.21
C ASP A 59 -8.18 -5.30 7.92
N TYR A 60 -7.72 -6.18 8.80
CA TYR A 60 -8.61 -7.05 9.55
C TYR A 60 -8.63 -6.63 11.02
N ASP A 61 -7.85 -5.61 11.34
CA ASP A 61 -7.67 -5.17 12.73
C ASP A 61 -8.74 -4.15 13.14
N GLY A 62 -9.45 -3.63 12.14
CA GLY A 62 -10.50 -2.67 12.41
C GLY A 62 -9.99 -1.30 12.86
N ASN A 63 -8.71 -1.01 12.61
CA ASN A 63 -8.13 0.26 13.06
C ASN A 63 -8.17 1.31 11.96
N ASN A 64 -8.61 0.90 10.77
CA ASN A 64 -8.74 1.79 9.60
C ASN A 64 -7.40 2.34 9.14
N LEU A 65 -6.34 1.69 9.55
CA LEU A 65 -5.00 2.00 9.07
C LEU A 65 -4.31 0.72 8.63
N LEU A 66 -3.20 0.87 7.94
CA LEU A 66 -2.46 -0.28 7.45
C LEU A 66 -0.99 -0.15 7.81
N ASP A 67 -0.49 -1.08 8.60
CA ASP A 67 0.91 -1.13 8.95
C ASP A 67 1.66 -2.05 8.01
N GLY A 68 2.96 -2.23 8.21
CA GLY A 68 3.76 -3.05 7.31
C GLY A 68 3.25 -4.47 7.19
N LEU A 69 2.69 -5.01 8.26
CA LEU A 69 2.23 -6.39 8.28
C LEU A 69 1.00 -6.54 7.39
N GLU A 70 0.06 -5.64 7.58
CA GLU A 70 -1.11 -5.59 6.70
C GLU A 70 -0.67 -5.28 5.28
N LEU A 71 0.14 -4.25 5.17
CA LEU A 71 0.54 -3.70 3.88
C LEU A 71 1.39 -4.64 3.05
N SER A 72 1.84 -5.73 3.65
CA SER A 72 2.65 -6.70 2.93
C SER A 72 1.95 -7.17 1.65
N THR A 73 0.62 -7.22 1.68
CA THR A 73 -0.14 -7.60 0.50
C THR A 73 -0.51 -6.39 -0.35
N ALA A 74 -0.81 -5.27 0.32
CA ALA A 74 -1.40 -4.12 -0.35
C ALA A 74 -0.35 -3.26 -1.03
N ILE A 75 0.79 -3.10 -0.38
CA ILE A 75 1.85 -2.23 -0.88
C ILE A 75 2.47 -2.79 -2.15
N THR A 76 2.22 -4.07 -2.40
CA THR A 76 2.68 -4.69 -3.63
C THR A 76 1.98 -4.06 -4.84
N HIS A 77 0.81 -3.47 -4.60
CA HIS A 77 0.11 -2.73 -5.64
C HIS A 77 0.29 -1.22 -5.42
N VAL A 78 0.57 -0.83 -4.18
CA VAL A 78 0.73 0.57 -3.83
C VAL A 78 2.10 1.11 -4.25
N HIS A 79 3.16 0.58 -3.67
CA HIS A 79 4.50 1.08 -3.97
C HIS A 79 5.03 0.44 -5.26
N LYS A 80 4.70 1.06 -6.37
CA LYS A 80 5.07 0.55 -7.67
C LYS A 80 6.08 1.49 -8.34
N GLU A 81 6.56 1.10 -9.50
CA GLU A 81 7.45 1.94 -10.28
C GLU A 81 6.89 2.19 -11.68
N GLU A 82 6.31 1.16 -12.28
CA GLU A 82 5.75 1.28 -13.62
C GLU A 82 4.26 0.93 -13.65
N GLY A 83 3.86 -0.13 -12.96
CA GLY A 83 2.48 -0.56 -12.98
C GLY A 83 1.61 0.25 -12.04
N SER A 84 0.32 -0.06 -12.01
CA SER A 84 -0.59 0.54 -11.05
C SER A 84 -1.43 -0.53 -10.37
N GLU A 85 -2.52 -0.94 -11.00
CA GLU A 85 -3.36 -2.00 -10.46
C GLU A 85 -2.71 -3.36 -10.68
N GLN A 86 -1.57 -3.35 -11.36
CA GLN A 86 -0.81 -4.55 -11.62
C GLN A 86 0.37 -4.63 -10.66
N ALA A 87 0.37 -5.65 -9.81
CA ALA A 87 1.44 -5.85 -8.85
C ALA A 87 2.69 -6.31 -9.55
N PRO A 88 3.76 -5.54 -9.46
CA PRO A 88 5.03 -5.92 -10.00
C PRO A 88 5.85 -6.70 -8.99
N LEU A 89 5.38 -7.91 -8.66
CA LEU A 89 6.10 -8.83 -7.79
C LEU A 89 7.47 -9.15 -8.38
N MET A 90 8.41 -8.28 -8.10
CA MET A 90 9.77 -8.39 -8.59
C MET A 90 10.59 -9.34 -7.71
N SER A 91 10.63 -9.04 -6.43
CA SER A 91 11.36 -9.83 -5.45
C SER A 91 10.84 -9.48 -4.07
N GLU A 92 10.29 -10.48 -3.38
CA GLU A 92 9.63 -10.26 -2.09
C GLU A 92 10.52 -9.60 -1.05
N ASP A 93 11.82 -9.91 -1.06
CA ASP A 93 12.73 -9.35 -0.07
C ASP A 93 12.92 -7.86 -0.33
N GLU A 94 13.08 -7.52 -1.59
CA GLU A 94 13.17 -6.12 -1.99
C GLU A 94 11.84 -5.45 -1.76
N LEU A 95 10.77 -6.19 -2.03
CA LEU A 95 9.41 -5.71 -1.83
C LEU A 95 9.18 -5.40 -0.36
N ILE A 96 9.78 -6.21 0.50
CA ILE A 96 9.76 -5.98 1.94
C ILE A 96 10.34 -4.60 2.26
N ASN A 97 11.50 -4.30 1.68
CA ASN A 97 12.13 -3.00 1.85
C ASN A 97 11.29 -1.91 1.19
N ILE A 98 10.54 -2.30 0.18
CA ILE A 98 9.61 -1.40 -0.51
C ILE A 98 8.42 -1.07 0.41
N ILE A 99 7.98 -2.06 1.16
CA ILE A 99 6.90 -1.87 2.13
C ILE A 99 7.43 -1.13 3.36
N ASP A 100 8.74 -1.12 3.53
CA ASP A 100 9.35 -0.22 4.49
C ASP A 100 9.34 1.19 3.89
N GLY A 101 9.67 1.25 2.60
CA GLY A 101 9.70 2.51 1.87
C GLY A 101 8.39 3.26 1.95
N VAL A 102 7.27 2.55 1.90
CA VAL A 102 5.97 3.21 2.04
C VAL A 102 5.90 3.92 3.38
N LEU A 103 6.25 3.20 4.44
CA LEU A 103 6.20 3.74 5.79
C LEU A 103 7.28 4.82 6.00
N ARG A 104 8.16 4.95 5.02
CA ARG A 104 9.24 5.92 5.09
C ARG A 104 8.93 7.16 4.27
N ASP A 105 8.19 7.01 3.18
CA ASP A 105 7.98 8.10 2.25
C ASP A 105 6.52 8.25 1.81
N ASP A 106 5.89 7.15 1.40
CA ASP A 106 4.50 7.20 0.92
C ASP A 106 3.57 7.59 2.06
N ASP A 107 4.00 7.28 3.27
CA ASP A 107 3.38 7.78 4.48
C ASP A 107 3.70 9.26 4.63
N LYS A 108 2.82 10.08 4.07
CA LYS A 108 3.09 11.51 3.91
C LYS A 108 2.89 12.26 5.22
N ASN A 109 2.00 11.76 6.05
CA ASN A 109 1.67 12.41 7.32
C ASN A 109 2.55 11.89 8.44
N ASN A 110 3.35 10.88 8.10
CA ASN A 110 4.23 10.22 9.05
C ASN A 110 3.46 9.68 10.25
N ASP A 111 2.38 8.97 9.95
CA ASP A 111 1.59 8.31 10.98
C ASP A 111 2.04 6.86 11.11
N GLY A 112 2.91 6.45 10.18
CA GLY A 112 3.46 5.11 10.23
C GLY A 112 2.59 4.11 9.50
N TYR A 113 1.47 4.56 8.97
CA TYR A 113 0.58 3.70 8.21
C TYR A 113 0.21 4.37 6.89
N ILE A 114 -0.53 3.66 6.07
CA ILE A 114 -1.00 4.23 4.83
C ILE A 114 -2.54 4.41 4.87
N ASP A 115 -2.95 5.66 4.76
CA ASP A 115 -4.36 6.02 4.72
C ASP A 115 -4.82 6.10 3.27
N TYR A 116 -6.13 6.23 3.07
CA TYR A 116 -6.74 6.28 1.75
C TYR A 116 -5.98 7.25 0.84
N ALA A 117 -5.82 8.49 1.28
CA ALA A 117 -5.18 9.52 0.47
C ALA A 117 -3.72 9.18 0.16
N GLU A 118 -3.11 8.40 1.04
CA GLU A 118 -1.70 8.07 0.92
C GLU A 118 -1.50 7.01 -0.16
N PHE A 119 -2.23 5.90 -0.06
CA PHE A 119 -2.10 4.87 -1.07
C PHE A 119 -2.76 5.31 -2.37
N ALA A 120 -3.82 6.12 -2.26
CA ALA A 120 -4.51 6.63 -3.45
C ALA A 120 -3.56 7.38 -4.35
N LYS A 121 -2.68 8.16 -3.75
CA LYS A 121 -1.69 8.89 -4.53
C LYS A 121 -0.56 7.98 -4.98
N SER A 122 -0.29 6.95 -4.20
CA SER A 122 0.89 6.14 -4.42
C SER A 122 0.64 5.08 -5.50
N LEU A 123 -0.56 4.51 -5.50
CA LEU A 123 -0.90 3.41 -6.39
C LEU A 123 -1.17 3.88 -7.81
N GLN A 124 -1.60 5.13 -7.95
CA GLN A 124 -1.97 5.68 -9.24
C GLN A 124 -0.75 5.79 -10.17
CA CA B . -5.35 -2.21 10.04
CA CA C . 0.14 7.66 6.98
N MET A 45 -12.24 -5.52 -10.39
CA MET A 45 -12.83 -4.29 -9.89
C MET A 45 -12.27 -3.10 -10.68
N SER A 46 -12.70 -1.89 -10.33
CA SER A 46 -12.20 -0.69 -11.00
C SER A 46 -11.44 0.21 -10.02
N PRO A 47 -10.58 1.12 -10.54
CA PRO A 47 -9.61 1.89 -9.73
C PRO A 47 -10.18 2.58 -8.49
N GLN A 48 -11.37 3.14 -8.61
CA GLN A 48 -11.98 3.90 -7.50
C GLN A 48 -12.09 3.03 -6.25
N GLU A 49 -12.74 1.89 -6.41
CA GLU A 49 -12.89 0.94 -5.32
C GLU A 49 -11.60 0.15 -5.10
N LEU A 50 -10.79 0.00 -6.14
CA LEU A 50 -9.55 -0.75 -6.02
C LEU A 50 -8.57 -0.05 -5.09
N GLN A 51 -8.80 1.21 -4.84
CA GLN A 51 -8.04 1.90 -3.83
C GLN A 51 -8.49 1.38 -2.47
N LEU A 52 -9.80 1.31 -2.29
CA LEU A 52 -10.38 0.69 -1.09
C LEU A 52 -9.96 -0.78 -1.02
N HIS A 53 -9.61 -1.35 -2.18
CA HIS A 53 -9.11 -2.72 -2.24
C HIS A 53 -7.77 -2.82 -1.54
N TYR A 54 -6.94 -1.79 -1.69
CA TYR A 54 -5.64 -1.76 -1.02
C TYR A 54 -5.85 -1.56 0.48
N PHE A 55 -6.88 -0.80 0.79
CA PHE A 55 -7.23 -0.51 2.17
C PHE A 55 -7.71 -1.78 2.86
N LYS A 56 -8.68 -2.44 2.26
CA LYS A 56 -9.28 -3.62 2.87
C LYS A 56 -8.40 -4.85 2.69
N MET A 57 -7.43 -4.74 1.78
CA MET A 57 -6.56 -5.86 1.40
C MET A 57 -6.05 -6.63 2.61
N HIS A 58 -5.74 -5.92 3.67
CA HIS A 58 -5.27 -6.55 4.88
C HIS A 58 -5.80 -5.86 6.12
N ASP A 59 -6.74 -4.93 5.96
CA ASP A 59 -7.30 -4.25 7.13
C ASP A 59 -8.43 -5.08 7.71
N TYR A 60 -8.05 -6.09 8.46
CA TYR A 60 -8.98 -6.96 9.15
C TYR A 60 -9.13 -6.49 10.60
N ASP A 61 -8.24 -5.60 10.99
CA ASP A 61 -8.22 -5.07 12.35
C ASP A 61 -9.10 -3.83 12.45
N GLY A 62 -9.45 -3.29 11.30
CA GLY A 62 -10.42 -2.21 11.21
C GLY A 62 -10.01 -0.93 11.92
N ASN A 63 -8.72 -0.68 12.09
CA ASN A 63 -8.28 0.55 12.75
C ASN A 63 -8.12 1.69 11.75
N ASN A 64 -8.50 1.41 10.50
CA ASN A 64 -8.43 2.40 9.40
C ASN A 64 -7.00 2.71 9.01
N LEU A 65 -6.06 1.98 9.59
CA LEU A 65 -4.66 2.10 9.25
C LEU A 65 -4.13 0.77 8.77
N LEU A 66 -3.22 0.83 7.82
CA LEU A 66 -2.54 -0.35 7.34
C LEU A 66 -1.09 -0.33 7.84
N ASP A 67 -0.75 -1.23 8.77
CA ASP A 67 0.61 -1.30 9.28
C ASP A 67 1.48 -2.14 8.37
N GLY A 68 2.72 -2.39 8.77
CA GLY A 68 3.67 -3.11 7.95
C GLY A 68 3.17 -4.46 7.47
N LEU A 69 2.61 -5.26 8.37
CA LEU A 69 2.19 -6.61 8.00
C LEU A 69 0.89 -6.57 7.21
N GLU A 70 0.07 -5.55 7.47
CA GLU A 70 -1.12 -5.34 6.65
C GLU A 70 -0.68 -4.97 5.25
N LEU A 71 0.13 -3.94 5.18
CA LEU A 71 0.64 -3.42 3.92
C LEU A 71 1.51 -4.42 3.19
N SER A 72 1.91 -5.48 3.87
CA SER A 72 2.73 -6.51 3.25
C SER A 72 2.09 -7.06 1.98
N THR A 73 0.77 -7.14 1.96
CA THR A 73 0.05 -7.54 0.76
C THR A 73 -0.36 -6.33 -0.08
N ALA A 74 -0.62 -5.22 0.60
CA ALA A 74 -1.22 -4.05 -0.04
C ALA A 74 -0.19 -3.23 -0.80
N ILE A 75 0.98 -3.04 -0.20
CA ILE A 75 2.04 -2.21 -0.78
C ILE A 75 2.51 -2.79 -2.11
N THR A 76 2.34 -4.10 -2.26
CA THR A 76 2.68 -4.77 -3.49
C THR A 76 1.89 -4.18 -4.66
N HIS A 77 0.80 -3.47 -4.35
CA HIS A 77 0.05 -2.73 -5.34
C HIS A 77 0.12 -1.23 -5.05
N VAL A 78 0.17 -0.86 -3.77
CA VAL A 78 0.24 0.54 -3.35
C VAL A 78 1.47 1.25 -3.94
N HIS A 79 2.66 0.71 -3.69
CA HIS A 79 3.88 1.36 -4.16
C HIS A 79 4.02 1.15 -5.66
N LYS A 80 3.31 1.98 -6.40
CA LYS A 80 3.29 1.96 -7.85
C LYS A 80 4.68 2.14 -8.43
N GLU A 81 5.03 1.32 -9.41
CA GLU A 81 6.35 1.37 -10.03
C GLU A 81 6.29 0.83 -11.45
N GLU A 82 6.01 -0.46 -11.58
CA GLU A 82 6.05 -1.13 -12.86
C GLU A 82 4.77 -0.89 -13.67
N GLY A 83 3.65 -1.38 -13.17
CA GLY A 83 2.41 -1.29 -13.93
C GLY A 83 1.48 -0.22 -13.39
N SER A 84 0.22 -0.25 -13.84
CA SER A 84 -0.78 0.70 -13.42
C SER A 84 -1.22 0.42 -11.99
N GLU A 85 -2.03 -0.61 -11.82
CA GLU A 85 -2.48 -1.02 -10.51
C GLU A 85 -2.01 -2.44 -10.21
N GLN A 86 -1.41 -3.06 -11.21
CA GLN A 86 -0.86 -4.41 -11.08
C GLN A 86 0.23 -4.43 -10.02
N ALA A 87 0.47 -5.62 -9.47
CA ALA A 87 1.49 -5.80 -8.47
C ALA A 87 2.83 -6.05 -9.13
N PRO A 88 3.79 -5.12 -8.96
CA PRO A 88 5.14 -5.34 -9.41
C PRO A 88 5.87 -6.31 -8.48
N LEU A 89 5.35 -7.53 -8.40
CA LEU A 89 5.94 -8.56 -7.60
C LEU A 89 7.24 -9.06 -8.23
N MET A 90 8.24 -8.22 -8.10
CA MET A 90 9.57 -8.49 -8.61
C MET A 90 10.28 -9.52 -7.73
N SER A 91 10.34 -9.21 -6.44
CA SER A 91 10.89 -10.10 -5.42
C SER A 91 10.33 -9.65 -4.09
N GLU A 92 9.66 -10.55 -3.39
CA GLU A 92 8.89 -10.20 -2.19
C GLU A 92 9.77 -9.60 -1.09
N ASP A 93 11.01 -10.07 -0.99
CA ASP A 93 11.93 -9.53 0.01
C ASP A 93 12.33 -8.11 -0.33
N GLU A 94 12.56 -7.87 -1.61
CA GLU A 94 12.85 -6.53 -2.12
C GLU A 94 11.59 -5.67 -2.02
N LEU A 95 10.46 -6.31 -2.26
CA LEU A 95 9.16 -5.71 -2.17
C LEU A 95 8.89 -5.29 -0.72
N ILE A 96 9.35 -6.10 0.22
CA ILE A 96 9.27 -5.78 1.64
C ILE A 96 10.07 -4.51 1.95
N ASN A 97 11.23 -4.37 1.32
CA ASN A 97 12.03 -3.15 1.44
C ASN A 97 11.25 -1.98 0.86
N ILE A 98 10.60 -2.26 -0.28
CA ILE A 98 9.72 -1.29 -0.94
C ILE A 98 8.58 -0.87 0.00
N ILE A 99 8.06 -1.84 0.75
CA ILE A 99 7.04 -1.57 1.75
C ILE A 99 7.55 -0.60 2.79
N ASP A 100 8.76 -0.87 3.30
CA ASP A 100 9.37 -0.02 4.32
C ASP A 100 9.56 1.37 3.76
N GLY A 101 9.96 1.44 2.49
CA GLY A 101 10.09 2.71 1.80
C GLY A 101 8.80 3.50 1.84
N VAL A 102 7.68 2.80 1.88
CA VAL A 102 6.39 3.43 2.04
C VAL A 102 6.26 4.02 3.44
N LEU A 103 6.58 3.21 4.44
CA LEU A 103 6.52 3.63 5.85
C LEU A 103 7.51 4.77 6.12
N ARG A 104 8.37 5.01 5.15
CA ARG A 104 9.36 6.07 5.27
C ARG A 104 8.95 7.31 4.46
N ASP A 105 8.57 7.10 3.20
CA ASP A 105 8.31 8.22 2.29
C ASP A 105 6.85 8.34 1.87
N ASP A 106 6.22 7.23 1.53
CA ASP A 106 4.83 7.26 1.05
C ASP A 106 3.89 7.64 2.19
N ASP A 107 4.33 7.37 3.41
CA ASP A 107 3.65 7.86 4.59
C ASP A 107 3.95 9.35 4.75
N LYS A 108 3.05 10.15 4.21
CA LYS A 108 3.26 11.59 4.12
C LYS A 108 2.98 12.27 5.45
N ASN A 109 2.26 11.58 6.32
CA ASN A 109 1.75 12.17 7.54
C ASN A 109 2.66 11.85 8.72
N ASN A 110 3.70 11.06 8.44
CA ASN A 110 4.65 10.62 9.47
C ASN A 110 3.92 9.80 10.55
N ASP A 111 2.89 9.07 10.13
CA ASP A 111 2.13 8.24 11.06
C ASP A 111 2.60 6.79 10.96
N GLY A 112 3.54 6.56 10.05
CA GLY A 112 4.17 5.25 9.93
C GLY A 112 3.34 4.26 9.13
N TYR A 113 2.04 4.47 9.07
CA TYR A 113 1.16 3.53 8.40
C TYR A 113 0.49 4.19 7.21
N ILE A 114 -0.35 3.44 6.52
CA ILE A 114 -1.06 3.98 5.39
C ILE A 114 -2.56 4.13 5.65
N ASP A 115 -3.05 5.33 5.35
CA ASP A 115 -4.48 5.64 5.37
C ASP A 115 -4.99 5.66 3.94
N TYR A 116 -6.32 5.68 3.76
CA TYR A 116 -6.91 5.65 2.43
C TYR A 116 -6.29 6.72 1.52
N ALA A 117 -6.12 7.92 2.07
CA ALA A 117 -5.66 9.06 1.29
C ALA A 117 -4.23 8.92 0.81
N GLU A 118 -3.40 8.24 1.58
CA GLU A 118 -1.97 8.24 1.29
C GLU A 118 -1.56 7.09 0.37
N PHE A 119 -2.28 5.97 0.43
CA PHE A 119 -2.05 4.92 -0.55
C PHE A 119 -2.69 5.33 -1.87
N ALA A 120 -3.79 6.07 -1.77
CA ALA A 120 -4.54 6.49 -2.94
C ALA A 120 -3.70 7.42 -3.80
N LYS A 121 -3.02 8.33 -3.14
CA LYS A 121 -2.12 9.23 -3.84
C LYS A 121 -0.87 8.50 -4.31
N SER A 122 -0.51 7.45 -3.57
CA SER A 122 0.69 6.72 -3.88
C SER A 122 0.51 5.91 -5.17
N LEU A 123 -0.72 5.42 -5.38
CA LEU A 123 -1.03 4.60 -6.55
C LEU A 123 -1.41 5.46 -7.76
N GLN A 124 -1.18 6.78 -7.65
CA GLN A 124 -1.45 7.69 -8.76
C GLN A 124 -0.24 7.79 -9.67
CA CA B . -5.44 -2.21 10.03
CA CA C . 0.32 7.51 7.08
N MET A 45 -12.49 -5.35 -10.77
CA MET A 45 -13.10 -4.19 -10.11
C MET A 45 -12.61 -2.92 -10.79
N SER A 46 -13.17 -1.78 -10.40
CA SER A 46 -12.76 -0.50 -10.96
C SER A 46 -11.77 0.21 -10.03
N PRO A 47 -10.73 0.83 -10.61
CA PRO A 47 -9.59 1.43 -9.88
C PRO A 47 -9.99 2.37 -8.74
N GLN A 48 -11.14 3.01 -8.85
CA GLN A 48 -11.59 3.93 -7.81
C GLN A 48 -11.86 3.20 -6.49
N GLU A 49 -12.65 2.12 -6.56
CA GLU A 49 -12.88 1.25 -5.41
C GLU A 49 -11.63 0.43 -5.14
N LEU A 50 -10.82 0.19 -6.17
CA LEU A 50 -9.60 -0.59 -6.01
C LEU A 50 -8.59 0.14 -5.14
N GLN A 51 -8.77 1.42 -4.97
CA GLN A 51 -7.95 2.15 -4.01
C GLN A 51 -8.42 1.76 -2.62
N LEU A 52 -9.73 1.65 -2.46
CA LEU A 52 -10.30 1.12 -1.22
C LEU A 52 -9.95 -0.36 -1.10
N HIS A 53 -9.63 -0.97 -2.24
CA HIS A 53 -9.17 -2.36 -2.24
C HIS A 53 -7.81 -2.45 -1.58
N TYR A 54 -6.99 -1.42 -1.75
CA TYR A 54 -5.68 -1.38 -1.09
C TYR A 54 -5.88 -1.12 0.39
N PHE A 55 -6.91 -0.35 0.70
CA PHE A 55 -7.28 -0.02 2.06
C PHE A 55 -7.76 -1.27 2.79
N LYS A 56 -8.73 -1.95 2.19
CA LYS A 56 -9.35 -3.12 2.80
C LYS A 56 -8.49 -4.37 2.59
N MET A 57 -7.48 -4.24 1.72
CA MET A 57 -6.64 -5.36 1.27
C MET A 57 -6.25 -6.28 2.42
N HIS A 58 -5.87 -5.69 3.53
CA HIS A 58 -5.49 -6.47 4.69
C HIS A 58 -6.01 -5.83 5.97
N ASP A 59 -6.85 -4.82 5.83
CA ASP A 59 -7.34 -4.10 7.01
C ASP A 59 -8.49 -4.83 7.66
N TYR A 60 -8.14 -5.84 8.46
CA TYR A 60 -9.13 -6.62 9.20
C TYR A 60 -9.05 -6.28 10.68
N ASP A 61 -8.05 -5.47 11.04
CA ASP A 61 -7.78 -5.14 12.44
C ASP A 61 -8.78 -4.14 12.99
N GLY A 62 -9.54 -3.52 12.09
CA GLY A 62 -10.59 -2.61 12.49
C GLY A 62 -10.08 -1.26 12.96
N ASN A 63 -8.88 -0.87 12.53
CA ASN A 63 -8.35 0.43 12.91
C ASN A 63 -8.36 1.40 11.72
N ASN A 64 -8.66 0.87 10.55
CA ASN A 64 -8.77 1.66 9.31
C ASN A 64 -7.43 2.27 8.92
N LEU A 65 -6.36 1.69 9.44
CA LEU A 65 -5.01 2.05 9.05
C LEU A 65 -4.27 0.79 8.66
N LEU A 66 -3.23 0.92 7.87
CA LEU A 66 -2.50 -0.24 7.39
C LEU A 66 -1.08 -0.27 7.96
N ASP A 67 -0.86 -1.25 8.83
CA ASP A 67 0.43 -1.47 9.49
C ASP A 67 1.36 -2.28 8.59
N GLY A 68 2.67 -2.23 8.85
CA GLY A 68 3.66 -2.91 8.02
C GLY A 68 3.28 -4.32 7.59
N LEU A 69 3.00 -5.20 8.56
CA LEU A 69 2.76 -6.61 8.25
C LEU A 69 1.39 -6.80 7.60
N GLU A 70 0.45 -5.95 7.97
CA GLU A 70 -0.88 -5.95 7.38
C GLU A 70 -0.79 -5.46 5.94
N LEU A 71 -0.28 -4.26 5.83
CA LEU A 71 -0.07 -3.56 4.57
C LEU A 71 0.89 -4.30 3.65
N SER A 72 1.55 -5.32 4.19
CA SER A 72 2.50 -6.14 3.44
C SER A 72 1.88 -6.67 2.13
N THR A 73 0.58 -6.93 2.14
CA THR A 73 -0.07 -7.46 0.94
C THR A 73 -0.50 -6.33 -0.01
N ALA A 74 -0.76 -5.16 0.54
CA ALA A 74 -1.32 -4.07 -0.23
C ALA A 74 -0.24 -3.27 -0.95
N ILE A 75 0.89 -3.07 -0.30
CA ILE A 75 1.98 -2.29 -0.88
C ILE A 75 2.53 -2.95 -2.13
N THR A 76 2.31 -4.24 -2.24
CA THR A 76 2.68 -4.96 -3.44
C THR A 76 1.99 -4.34 -4.66
N HIS A 77 0.80 -3.79 -4.44
CA HIS A 77 0.07 -3.10 -5.50
C HIS A 77 0.21 -1.57 -5.35
N VAL A 78 0.31 -1.10 -4.10
CA VAL A 78 0.50 0.33 -3.83
C VAL A 78 1.75 0.86 -4.54
N HIS A 79 2.90 0.19 -4.32
CA HIS A 79 4.09 0.50 -5.08
C HIS A 79 3.92 0.07 -6.54
N LYS A 80 3.24 0.92 -7.30
CA LYS A 80 3.06 0.70 -8.72
C LYS A 80 4.40 0.74 -9.46
N GLU A 81 4.48 0.06 -10.60
CA GLU A 81 5.70 0.01 -11.37
C GLU A 81 5.40 -0.03 -12.86
N GLU A 82 4.83 -1.14 -13.31
CA GLU A 82 4.47 -1.30 -14.72
C GLU A 82 3.04 -0.81 -14.97
N GLY A 83 2.35 -0.55 -13.87
CA GLY A 83 0.99 -0.05 -13.93
C GLY A 83 0.50 0.25 -12.54
N SER A 84 -0.69 0.82 -12.42
CA SER A 84 -1.23 1.20 -11.11
C SER A 84 -1.54 -0.03 -10.27
N GLU A 85 -2.53 -0.81 -10.72
CA GLU A 85 -2.94 -2.01 -10.00
C GLU A 85 -1.91 -3.13 -10.17
N GLN A 86 -1.06 -2.97 -11.17
CA GLN A 86 -0.08 -3.98 -11.50
C GLN A 86 1.03 -4.04 -10.46
N ALA A 87 0.99 -5.12 -9.69
CA ALA A 87 1.97 -5.36 -8.65
C ALA A 87 3.25 -5.86 -9.25
N PRO A 88 4.34 -5.18 -8.99
CA PRO A 88 5.64 -5.62 -9.44
C PRO A 88 6.23 -6.65 -8.49
N LEU A 89 5.60 -7.82 -8.43
CA LEU A 89 6.13 -8.95 -7.68
C LEU A 89 7.43 -9.41 -8.31
N MET A 90 8.47 -8.67 -7.98
CA MET A 90 9.80 -8.90 -8.51
C MET A 90 10.59 -9.81 -7.59
N SER A 91 10.73 -9.40 -6.35
CA SER A 91 11.45 -10.13 -5.32
C SER A 91 10.99 -9.59 -3.97
N GLU A 92 10.44 -10.47 -3.15
CA GLU A 92 9.86 -10.07 -1.86
C GLU A 92 10.86 -9.33 -0.98
N ASP A 93 12.16 -9.59 -1.14
CA ASP A 93 13.17 -8.86 -0.38
C ASP A 93 13.14 -7.40 -0.76
N GLU A 94 13.13 -7.15 -2.06
CA GLU A 94 13.05 -5.79 -2.57
C GLU A 94 11.69 -5.21 -2.22
N LEU A 95 10.70 -6.08 -2.32
CA LEU A 95 9.33 -5.76 -2.01
C LEU A 95 9.20 -5.34 -0.54
N ILE A 96 9.94 -6.02 0.33
CA ILE A 96 10.01 -5.67 1.74
C ILE A 96 10.54 -4.25 1.92
N ASN A 97 11.66 -3.94 1.26
CA ASN A 97 12.24 -2.61 1.33
C ASN A 97 11.31 -1.58 0.70
N ILE A 98 10.57 -2.04 -0.31
CA ILE A 98 9.58 -1.21 -0.97
C ILE A 98 8.44 -0.84 0.00
N ILE A 99 7.95 -1.83 0.74
CA ILE A 99 6.92 -1.58 1.75
C ILE A 99 7.47 -0.63 2.82
N ASP A 100 8.68 -0.91 3.26
CA ASP A 100 9.35 -0.13 4.29
C ASP A 100 9.43 1.31 3.85
N GLY A 101 9.82 1.50 2.58
CA GLY A 101 9.89 2.83 2.00
C GLY A 101 8.57 3.57 2.08
N VAL A 102 7.48 2.84 2.02
CA VAL A 102 6.16 3.42 2.22
C VAL A 102 6.03 3.98 3.63
N LEU A 103 6.36 3.15 4.62
CA LEU A 103 6.28 3.54 6.02
C LEU A 103 7.33 4.61 6.35
N ARG A 104 8.20 4.90 5.39
CA ARG A 104 9.23 5.91 5.56
C ARG A 104 8.84 7.21 4.86
N ASP A 105 8.41 7.09 3.61
CA ASP A 105 8.18 8.27 2.77
C ASP A 105 6.70 8.43 2.40
N ASP A 106 6.06 7.34 2.00
CA ASP A 106 4.66 7.40 1.56
C ASP A 106 3.73 7.66 2.75
N ASP A 107 4.21 7.34 3.94
CA ASP A 107 3.54 7.74 5.16
C ASP A 107 3.91 9.19 5.46
N LYS A 108 3.17 10.09 4.83
CA LYS A 108 3.45 11.51 4.89
C LYS A 108 3.12 12.04 6.28
N ASN A 109 2.19 11.37 6.94
CA ASN A 109 1.64 11.82 8.21
C ASN A 109 2.61 11.55 9.35
N ASN A 110 3.60 10.71 9.08
CA ASN A 110 4.55 10.27 10.09
C ASN A 110 3.81 9.47 11.17
N ASP A 111 2.68 8.88 10.77
CA ASP A 111 1.84 8.15 11.71
C ASP A 111 2.23 6.68 11.71
N GLY A 112 2.99 6.29 10.70
CA GLY A 112 3.49 4.93 10.63
C GLY A 112 2.70 4.06 9.67
N TYR A 113 1.44 4.41 9.44
CA TYR A 113 0.59 3.60 8.58
C TYR A 113 0.17 4.37 7.34
N ILE A 114 -0.31 3.64 6.34
CA ILE A 114 -0.78 4.27 5.12
C ILE A 114 -2.29 4.45 5.17
N ASP A 115 -2.73 5.66 4.86
CA ASP A 115 -4.14 6.01 4.85
C ASP A 115 -4.63 6.07 3.40
N TYR A 116 -5.94 6.23 3.20
CA TYR A 116 -6.53 6.24 1.87
C TYR A 116 -5.84 7.26 0.99
N ALA A 117 -5.67 8.47 1.51
CA ALA A 117 -5.07 9.57 0.74
C ALA A 117 -3.63 9.27 0.38
N GLU A 118 -2.94 8.52 1.23
CA GLU A 118 -1.52 8.26 1.06
C GLU A 118 -1.30 7.24 -0.05
N PHE A 119 -1.97 6.09 0.05
CA PHE A 119 -1.79 5.07 -0.98
C PHE A 119 -2.44 5.52 -2.28
N ALA A 120 -3.47 6.36 -2.18
CA ALA A 120 -4.12 6.89 -3.38
C ALA A 120 -3.16 7.75 -4.18
N LYS A 121 -2.36 8.53 -3.48
CA LYS A 121 -1.33 9.34 -4.13
C LYS A 121 -0.17 8.47 -4.58
N SER A 122 0.06 7.38 -3.87
CA SER A 122 1.19 6.54 -4.14
C SER A 122 0.93 5.60 -5.33
N LEU A 123 -0.34 5.15 -5.48
CA LEU A 123 -0.69 4.23 -6.55
C LEU A 123 -0.95 4.97 -7.86
N GLN A 124 -1.66 6.11 -7.78
CA GLN A 124 -1.98 6.93 -8.96
C GLN A 124 -2.68 6.15 -10.07
CA CA B . -5.36 -2.25 9.86
CA CA C . 0.09 7.78 7.05
N MET A 45 -11.36 -4.95 -10.61
CA MET A 45 -11.98 -3.76 -10.03
C MET A 45 -11.40 -2.50 -10.66
N SER A 46 -12.06 -1.38 -10.44
CA SER A 46 -11.59 -0.11 -10.99
C SER A 46 -10.72 0.62 -9.95
N PRO A 47 -9.90 1.59 -10.38
CA PRO A 47 -8.91 2.26 -9.51
C PRO A 47 -9.50 2.79 -8.21
N GLN A 48 -10.62 3.48 -8.32
CA GLN A 48 -11.22 4.18 -7.19
C GLN A 48 -11.61 3.22 -6.05
N GLU A 49 -12.32 2.15 -6.37
CA GLU A 49 -12.68 1.15 -5.36
C GLU A 49 -11.45 0.33 -4.99
N LEU A 50 -10.51 0.18 -5.91
CA LEU A 50 -9.30 -0.58 -5.60
C LEU A 50 -8.46 0.13 -4.56
N GLN A 51 -8.67 1.41 -4.42
CA GLN A 51 -8.01 2.16 -3.36
C GLN A 51 -8.61 1.71 -2.04
N LEU A 52 -9.94 1.63 -2.01
CA LEU A 52 -10.65 1.09 -0.87
C LEU A 52 -10.31 -0.40 -0.73
N HIS A 53 -9.87 -1.01 -1.82
CA HIS A 53 -9.49 -2.41 -1.80
C HIS A 53 -8.21 -2.60 -1.01
N TYR A 54 -7.25 -1.72 -1.22
CA TYR A 54 -5.97 -1.81 -0.52
C TYR A 54 -6.19 -1.50 0.95
N PHE A 55 -7.23 -0.72 1.19
CA PHE A 55 -7.60 -0.33 2.53
C PHE A 55 -8.26 -1.50 3.25
N LYS A 56 -9.28 -2.09 2.63
CA LYS A 56 -10.03 -3.14 3.29
C LYS A 56 -9.34 -4.49 3.22
N MET A 57 -8.49 -4.68 2.21
CA MET A 57 -7.88 -5.98 1.91
C MET A 57 -7.36 -6.67 3.16
N HIS A 58 -6.67 -5.93 3.99
CA HIS A 58 -5.94 -6.53 5.09
C HIS A 58 -6.24 -5.83 6.39
N ASP A 59 -7.21 -4.94 6.39
CA ASP A 59 -7.52 -4.18 7.59
C ASP A 59 -8.47 -4.99 8.47
N TYR A 60 -7.95 -6.12 8.95
CA TYR A 60 -8.71 -7.05 9.76
C TYR A 60 -8.48 -6.80 11.24
N ASP A 61 -7.70 -5.77 11.52
CA ASP A 61 -7.36 -5.40 12.89
C ASP A 61 -8.40 -4.42 13.47
N GLY A 62 -9.21 -3.87 12.57
CA GLY A 62 -10.31 -3.01 12.98
C GLY A 62 -9.87 -1.65 13.49
N ASN A 63 -8.71 -1.16 13.04
CA ASN A 63 -8.21 0.13 13.51
C ASN A 63 -8.29 1.20 12.42
N ASN A 64 -8.74 0.81 11.23
CA ASN A 64 -8.93 1.74 10.11
C ASN A 64 -7.60 2.27 9.59
N LEU A 65 -6.51 1.63 9.98
CA LEU A 65 -5.19 1.98 9.48
C LEU A 65 -4.51 0.75 8.93
N LEU A 66 -3.59 0.94 8.01
CA LEU A 66 -2.87 -0.15 7.40
C LEU A 66 -1.41 -0.14 7.85
N ASP A 67 -1.01 -1.15 8.60
CA ASP A 67 0.36 -1.26 9.09
C ASP A 67 1.22 -2.04 8.10
N GLY A 68 2.52 -2.14 8.38
CA GLY A 68 3.45 -2.82 7.50
C GLY A 68 3.05 -4.24 7.15
N LEU A 69 2.75 -5.06 8.15
CA LEU A 69 2.49 -6.47 7.89
C LEU A 69 1.11 -6.65 7.25
N GLU A 70 0.19 -5.72 7.50
CA GLU A 70 -1.05 -5.66 6.74
C GLU A 70 -0.72 -5.34 5.29
N LEU A 71 0.00 -4.24 5.14
CA LEU A 71 0.36 -3.69 3.83
C LEU A 71 1.18 -4.66 3.00
N SER A 72 1.62 -5.74 3.62
CA SER A 72 2.42 -6.75 2.95
C SER A 72 1.75 -7.22 1.66
N THR A 73 0.42 -7.24 1.63
CA THR A 73 -0.32 -7.67 0.46
C THR A 73 -0.64 -6.51 -0.48
N ALA A 74 -0.86 -5.32 0.08
CA ALA A 74 -1.41 -4.22 -0.70
C ALA A 74 -0.33 -3.31 -1.26
N ILE A 75 0.78 -3.17 -0.55
CA ILE A 75 1.86 -2.29 -0.97
C ILE A 75 2.47 -2.80 -2.26
N THR A 76 2.32 -4.09 -2.49
CA THR A 76 2.74 -4.72 -3.73
C THR A 76 2.03 -4.09 -4.93
N HIS A 77 0.92 -3.40 -4.65
CA HIS A 77 0.23 -2.63 -5.68
C HIS A 77 0.38 -1.14 -5.41
N VAL A 78 0.35 -0.77 -4.12
CA VAL A 78 0.48 0.63 -3.72
C VAL A 78 1.79 1.23 -4.23
N HIS A 79 2.91 0.64 -3.84
CA HIS A 79 4.21 1.12 -4.29
C HIS A 79 4.54 0.49 -5.63
N LYS A 80 3.74 0.85 -6.62
CA LYS A 80 3.87 0.34 -7.97
C LYS A 80 5.23 0.64 -8.59
N GLU A 81 5.56 -0.10 -9.64
CA GLU A 81 6.82 0.06 -10.32
C GLU A 81 6.63 -0.08 -11.83
N GLU A 82 6.54 -1.32 -12.30
CA GLU A 82 6.29 -1.58 -13.71
C GLU A 82 4.83 -1.33 -14.04
N GLY A 83 3.95 -2.07 -13.39
CA GLY A 83 2.54 -1.84 -13.53
C GLY A 83 2.07 -0.74 -12.60
N SER A 84 0.86 -0.23 -12.84
CA SER A 84 0.34 0.87 -12.04
C SER A 84 -0.53 0.34 -10.90
N GLU A 85 -1.61 -0.34 -11.26
CA GLU A 85 -2.52 -0.88 -10.29
C GLU A 85 -2.40 -2.39 -10.21
N GLN A 86 -1.45 -2.91 -10.98
CA GLN A 86 -1.16 -4.33 -10.99
C GLN A 86 0.15 -4.60 -10.24
N ALA A 87 0.23 -5.75 -9.59
CA ALA A 87 1.40 -6.09 -8.78
C ALA A 87 2.56 -6.50 -9.64
N PRO A 88 3.65 -5.76 -9.60
CA PRO A 88 4.85 -6.10 -10.31
C PRO A 88 5.79 -6.93 -9.46
N LEU A 89 5.39 -8.18 -9.18
CA LEU A 89 6.23 -9.14 -8.49
C LEU A 89 7.60 -9.24 -9.15
N MET A 90 8.53 -8.46 -8.64
CA MET A 90 9.88 -8.41 -9.15
C MET A 90 10.83 -9.23 -8.28
N SER A 91 10.84 -8.92 -7.00
CA SER A 91 11.68 -9.60 -6.02
C SER A 91 11.10 -9.33 -4.63
N GLU A 92 10.70 -10.40 -3.96
CA GLU A 92 10.03 -10.30 -2.66
C GLU A 92 10.82 -9.51 -1.63
N ASP A 93 12.15 -9.64 -1.63
CA ASP A 93 12.97 -8.92 -0.66
C ASP A 93 12.91 -7.42 -0.93
N GLU A 94 13.13 -7.06 -2.18
CA GLU A 94 13.00 -5.67 -2.62
C GLU A 94 11.59 -5.17 -2.34
N LEU A 95 10.62 -6.06 -2.51
CA LEU A 95 9.23 -5.74 -2.29
C LEU A 95 8.98 -5.48 -0.80
N ILE A 96 9.61 -6.29 0.04
CA ILE A 96 9.55 -6.12 1.49
C ILE A 96 10.11 -4.75 1.88
N ASN A 97 11.23 -4.40 1.27
CA ASN A 97 11.86 -3.10 1.49
C ASN A 97 11.01 -1.99 0.88
N ILE A 98 10.33 -2.31 -0.21
CA ILE A 98 9.42 -1.39 -0.87
C ILE A 98 8.27 -1.02 0.08
N ILE A 99 7.80 -2.00 0.85
CA ILE A 99 6.78 -1.76 1.85
C ILE A 99 7.31 -0.82 2.92
N ASP A 100 8.56 -1.05 3.32
CA ASP A 100 9.20 -0.22 4.33
C ASP A 100 9.29 1.21 3.84
N GLY A 101 9.68 1.36 2.58
CA GLY A 101 9.77 2.68 1.95
C GLY A 101 8.47 3.42 2.01
N VAL A 102 7.36 2.68 2.00
CA VAL A 102 6.04 3.29 2.16
C VAL A 102 5.92 3.93 3.55
N LEU A 103 6.27 3.16 4.57
CA LEU A 103 6.24 3.66 5.94
C LEU A 103 7.31 4.72 6.17
N ARG A 104 8.15 4.93 5.16
CA ARG A 104 9.21 5.93 5.24
C ARG A 104 8.80 7.22 4.52
N ASP A 105 8.29 7.10 3.30
CA ASP A 105 7.99 8.27 2.48
C ASP A 105 6.51 8.35 2.08
N ASP A 106 5.90 7.21 1.73
CA ASP A 106 4.50 7.19 1.29
C ASP A 106 3.56 7.56 2.43
N ASP A 107 4.04 7.39 3.65
CA ASP A 107 3.39 7.96 4.82
C ASP A 107 3.71 9.45 4.86
N LYS A 108 2.82 10.24 4.27
CA LYS A 108 3.08 11.66 4.02
C LYS A 108 2.90 12.49 5.26
N ASN A 109 2.05 12.02 6.14
CA ASN A 109 1.61 12.79 7.28
C ASN A 109 2.27 12.34 8.56
N ASN A 110 3.21 11.41 8.41
CA ASN A 110 4.01 10.90 9.52
C ASN A 110 3.12 10.31 10.62
N ASP A 111 2.24 9.41 10.24
CA ASP A 111 1.42 8.70 11.22
C ASP A 111 1.88 7.26 11.33
N GLY A 112 2.85 6.89 10.48
CA GLY A 112 3.44 5.58 10.55
C GLY A 112 2.70 4.55 9.72
N TYR A 113 1.45 4.86 9.37
CA TYR A 113 0.64 3.95 8.59
C TYR A 113 0.27 4.58 7.27
N ILE A 114 -0.43 3.85 6.43
CA ILE A 114 -0.92 4.41 5.20
C ILE A 114 -2.45 4.47 5.23
N ASP A 115 -2.99 5.67 5.04
CA ASP A 115 -4.43 5.85 4.99
C ASP A 115 -4.88 5.99 3.54
N TYR A 116 -6.18 6.19 3.37
CA TYR A 116 -6.80 6.20 2.04
C TYR A 116 -6.07 7.16 1.11
N ALA A 117 -5.88 8.39 1.55
CA ALA A 117 -5.28 9.43 0.71
C ALA A 117 -3.81 9.16 0.43
N GLU A 118 -3.19 8.36 1.28
CA GLU A 118 -1.76 8.12 1.17
C GLU A 118 -1.49 7.09 0.09
N PHE A 119 -2.17 5.95 0.15
CA PHE A 119 -2.00 4.96 -0.89
C PHE A 119 -2.64 5.44 -2.18
N ALA A 120 -3.74 6.19 -2.07
CA ALA A 120 -4.43 6.73 -3.25
C ALA A 120 -3.49 7.60 -4.07
N LYS A 121 -2.65 8.36 -3.38
CA LYS A 121 -1.65 9.17 -4.05
C LYS A 121 -0.53 8.32 -4.61
N SER A 122 -0.26 7.19 -3.98
CA SER A 122 0.86 6.38 -4.39
C SER A 122 0.44 5.54 -5.59
N LEU A 123 -0.86 5.42 -5.74
CA LEU A 123 -1.47 4.68 -6.83
C LEU A 123 -1.61 5.53 -8.07
N GLN A 124 -1.15 6.76 -7.99
CA GLN A 124 -1.20 7.68 -9.11
C GLN A 124 0.20 8.05 -9.56
CA CA B . -5.29 -2.33 10.14
CA CA C . 0.09 7.91 7.21
N MET A 45 -12.75 -5.30 -9.32
CA MET A 45 -13.34 -4.05 -8.86
C MET A 45 -12.91 -2.91 -9.79
N SER A 46 -13.42 -1.71 -9.55
CA SER A 46 -13.05 -0.54 -10.35
C SER A 46 -11.95 0.25 -9.63
N PRO A 47 -11.10 0.99 -10.36
CA PRO A 47 -9.92 1.68 -9.78
C PRO A 47 -10.25 2.49 -8.53
N GLN A 48 -11.34 3.22 -8.59
CA GLN A 48 -11.82 4.01 -7.46
C GLN A 48 -12.02 3.15 -6.21
N GLU A 49 -12.63 1.99 -6.40
CA GLU A 49 -12.78 1.00 -5.34
C GLU A 49 -11.43 0.50 -4.94
N LEU A 50 -10.59 0.22 -5.93
CA LEU A 50 -9.34 -0.49 -5.68
C LEU A 50 -8.46 0.23 -4.68
N GLN A 51 -8.64 1.51 -4.55
CA GLN A 51 -7.94 2.25 -3.52
C GLN A 51 -8.43 1.73 -2.16
N LEU A 52 -9.74 1.68 -2.01
CA LEU A 52 -10.37 1.07 -0.85
C LEU A 52 -10.04 -0.43 -0.81
N HIS A 53 -9.73 -1.01 -1.98
CA HIS A 53 -9.35 -2.42 -2.03
C HIS A 53 -8.04 -2.62 -1.32
N TYR A 54 -7.13 -1.67 -1.48
CA TYR A 54 -5.84 -1.73 -0.82
C TYR A 54 -6.02 -1.47 0.65
N PHE A 55 -6.94 -0.57 0.97
CA PHE A 55 -7.26 -0.24 2.33
C PHE A 55 -7.80 -1.45 3.06
N LYS A 56 -8.81 -2.08 2.48
CA LYS A 56 -9.44 -3.23 3.09
C LYS A 56 -8.63 -4.50 2.87
N MET A 57 -7.68 -4.43 1.93
CA MET A 57 -6.93 -5.59 1.43
C MET A 57 -6.48 -6.47 2.57
N HIS A 58 -5.95 -5.85 3.60
CA HIS A 58 -5.45 -6.57 4.74
C HIS A 58 -5.81 -5.87 6.04
N ASP A 59 -6.66 -4.86 5.95
CA ASP A 59 -7.04 -4.10 7.15
C ASP A 59 -8.19 -4.81 7.85
N TYR A 60 -7.83 -5.80 8.64
CA TYR A 60 -8.78 -6.63 9.35
C TYR A 60 -8.53 -6.56 10.84
N ASP A 61 -7.76 -5.57 11.24
CA ASP A 61 -7.33 -5.40 12.63
C ASP A 61 -8.26 -4.45 13.37
N GLY A 62 -9.08 -3.73 12.63
CA GLY A 62 -10.05 -2.84 13.24
C GLY A 62 -9.46 -1.49 13.62
N ASN A 63 -8.26 -1.18 13.14
CA ASN A 63 -7.62 0.08 13.51
C ASN A 63 -7.81 1.12 12.41
N ASN A 64 -8.42 0.69 11.30
CA ASN A 64 -8.75 1.57 10.18
C ASN A 64 -7.50 2.23 9.60
N LEU A 65 -6.41 1.49 9.64
CA LEU A 65 -5.13 1.94 9.10
C LEU A 65 -4.33 0.74 8.64
N LEU A 66 -3.51 0.93 7.63
CA LEU A 66 -2.72 -0.15 7.08
C LEU A 66 -1.33 -0.20 7.68
N ASP A 67 -1.08 -1.27 8.44
CA ASP A 67 0.20 -1.54 9.07
C ASP A 67 1.08 -2.40 8.17
N GLY A 68 2.37 -2.51 8.49
CA GLY A 68 3.32 -3.21 7.64
C GLY A 68 2.88 -4.61 7.23
N LEU A 69 2.47 -5.43 8.18
CA LEU A 69 2.11 -6.81 7.88
C LEU A 69 0.83 -6.86 7.05
N GLU A 70 -0.03 -5.87 7.23
CA GLU A 70 -1.22 -5.75 6.40
C GLU A 70 -0.79 -5.35 5.00
N LEU A 71 0.06 -4.34 4.96
CA LEU A 71 0.57 -3.77 3.74
C LEU A 71 1.44 -4.75 2.97
N SER A 72 1.79 -5.85 3.60
CA SER A 72 2.60 -6.86 2.95
C SER A 72 1.91 -7.38 1.68
N THR A 73 0.58 -7.43 1.70
CA THR A 73 -0.18 -7.81 0.52
C THR A 73 -0.61 -6.57 -0.29
N ALA A 74 -0.75 -5.45 0.39
CA ALA A 74 -1.36 -4.26 -0.22
C ALA A 74 -0.33 -3.41 -0.95
N ILE A 75 0.85 -3.25 -0.36
CA ILE A 75 1.90 -2.42 -0.94
C ILE A 75 2.38 -3.02 -2.26
N THR A 76 2.13 -4.32 -2.43
CA THR A 76 2.41 -4.99 -3.68
C THR A 76 1.67 -4.32 -4.83
N HIS A 77 0.60 -3.61 -4.50
CA HIS A 77 -0.15 -2.86 -5.51
C HIS A 77 -0.07 -1.35 -5.26
N VAL A 78 0.54 -0.96 -4.15
CA VAL A 78 0.66 0.46 -3.80
C VAL A 78 1.95 1.08 -4.35
N HIS A 79 3.08 0.39 -4.18
CA HIS A 79 4.36 0.90 -4.69
C HIS A 79 4.37 0.94 -6.21
N LYS A 80 4.03 2.10 -6.77
CA LYS A 80 4.07 2.31 -8.20
C LYS A 80 5.49 2.24 -8.74
N GLU A 81 5.64 1.58 -9.87
CA GLU A 81 6.92 1.50 -10.59
C GLU A 81 6.75 0.65 -11.83
N GLU A 82 6.52 -0.64 -11.62
CA GLU A 82 6.20 -1.56 -12.72
C GLU A 82 4.86 -1.16 -13.31
N GLY A 83 4.03 -0.59 -12.45
CA GLY A 83 2.76 -0.04 -12.84
C GLY A 83 2.15 0.72 -11.68
N SER A 84 0.97 1.26 -11.86
CA SER A 84 0.30 1.98 -10.79
C SER A 84 -0.71 1.07 -10.09
N GLU A 85 -1.45 0.31 -10.88
CA GLU A 85 -2.46 -0.58 -10.37
C GLU A 85 -1.93 -2.02 -10.25
N GLN A 86 -0.98 -2.36 -11.10
CA GLN A 86 -0.48 -3.73 -11.18
C GLN A 86 0.60 -3.97 -10.11
N ALA A 87 0.67 -5.21 -9.66
CA ALA A 87 1.64 -5.62 -8.67
C ALA A 87 2.97 -5.98 -9.31
N PRO A 88 4.05 -5.31 -8.92
CA PRO A 88 5.37 -5.66 -9.38
C PRO A 88 5.95 -6.84 -8.59
N LEU A 89 5.43 -8.04 -8.84
CA LEU A 89 6.02 -9.26 -8.32
C LEU A 89 7.43 -9.44 -8.89
N MET A 90 8.35 -8.73 -8.26
CA MET A 90 9.74 -8.74 -8.68
C MET A 90 10.56 -9.68 -7.79
N SER A 91 10.58 -9.39 -6.51
CA SER A 91 11.27 -10.20 -5.50
C SER A 91 10.78 -9.76 -4.13
N GLU A 92 10.19 -10.70 -3.40
CA GLU A 92 9.53 -10.41 -2.13
C GLU A 92 10.45 -9.72 -1.13
N ASP A 93 11.74 -10.07 -1.12
CA ASP A 93 12.68 -9.42 -0.21
C ASP A 93 12.75 -7.92 -0.47
N GLU A 94 12.87 -7.58 -1.74
CA GLU A 94 12.94 -6.18 -2.13
C GLU A 94 11.58 -5.54 -2.02
N LEU A 95 10.54 -6.33 -2.30
CA LEU A 95 9.17 -5.89 -2.15
C LEU A 95 8.89 -5.52 -0.70
N ILE A 96 9.45 -6.31 0.21
CA ILE A 96 9.34 -6.05 1.65
C ILE A 96 10.00 -4.71 2.01
N ASN A 97 11.17 -4.44 1.44
CA ASN A 97 11.85 -3.16 1.65
C ASN A 97 11.06 -2.04 0.96
N ILE A 98 10.44 -2.37 -0.15
CA ILE A 98 9.56 -1.46 -0.86
C ILE A 98 8.39 -1.05 0.03
N ILE A 99 7.86 -2.01 0.78
CA ILE A 99 6.79 -1.74 1.73
C ILE A 99 7.26 -0.77 2.79
N ASP A 100 8.45 -1.01 3.33
CA ASP A 100 9.02 -0.18 4.38
C ASP A 100 9.15 1.24 3.87
N GLY A 101 9.63 1.37 2.64
CA GLY A 101 9.77 2.68 2.01
C GLY A 101 8.47 3.45 2.01
N VAL A 102 7.36 2.73 1.89
CA VAL A 102 6.04 3.33 2.00
C VAL A 102 5.82 3.92 3.38
N LEU A 103 6.03 3.10 4.40
CA LEU A 103 5.82 3.51 5.79
C LEU A 103 6.78 4.63 6.17
N ARG A 104 7.81 4.81 5.36
CA ARG A 104 8.81 5.84 5.62
C ARG A 104 8.48 7.12 4.87
N ASP A 105 8.22 7.02 3.58
CA ASP A 105 8.11 8.19 2.72
C ASP A 105 6.72 8.35 2.10
N ASP A 106 6.11 7.27 1.63
CA ASP A 106 4.77 7.36 1.05
C ASP A 106 3.76 7.70 2.13
N ASP A 107 4.17 7.47 3.37
CA ASP A 107 3.49 8.03 4.52
C ASP A 107 3.78 9.53 4.58
N LYS A 108 2.90 10.29 3.96
CA LYS A 108 3.14 11.72 3.76
C LYS A 108 2.81 12.51 5.02
N ASN A 109 2.08 11.89 5.92
CA ASN A 109 1.55 12.59 7.07
C ASN A 109 2.16 12.11 8.38
N ASN A 110 3.26 11.36 8.26
CA ASN A 110 4.06 10.92 9.40
C ASN A 110 3.22 10.20 10.45
N ASP A 111 2.42 9.23 10.03
CA ASP A 111 1.69 8.41 10.98
C ASP A 111 2.24 6.99 10.99
N GLY A 112 3.12 6.70 10.03
CA GLY A 112 3.76 5.39 9.97
C GLY A 112 2.87 4.35 9.35
N TYR A 113 1.68 4.75 8.95
CA TYR A 113 0.75 3.87 8.28
C TYR A 113 0.32 4.50 6.96
N ILE A 114 -0.46 3.78 6.18
CA ILE A 114 -0.94 4.34 4.93
C ILE A 114 -2.47 4.42 4.93
N ASP A 115 -2.98 5.63 4.76
CA ASP A 115 -4.42 5.85 4.72
C ASP A 115 -4.89 5.99 3.28
N TYR A 116 -6.18 6.26 3.11
CA TYR A 116 -6.81 6.28 1.79
C TYR A 116 -6.07 7.20 0.83
N ALA A 117 -5.80 8.44 1.26
CA ALA A 117 -5.17 9.41 0.39
C ALA A 117 -3.73 9.02 0.08
N GLU A 118 -3.07 8.41 1.05
CA GLU A 118 -1.66 8.08 0.94
C GLU A 118 -1.45 7.02 -0.14
N PHE A 119 -2.16 5.89 -0.03
CA PHE A 119 -2.02 4.85 -1.03
C PHE A 119 -2.66 5.26 -2.34
N ALA A 120 -3.75 6.03 -2.28
CA ALA A 120 -4.43 6.49 -3.49
C ALA A 120 -3.50 7.36 -4.31
N LYS A 121 -2.76 8.22 -3.62
CA LYS A 121 -1.77 9.07 -4.26
C LYS A 121 -0.59 8.24 -4.75
N SER A 122 -0.32 7.14 -4.07
CA SER A 122 0.84 6.32 -4.38
C SER A 122 0.53 5.38 -5.56
N LEU A 123 -0.73 4.94 -5.66
CA LEU A 123 -1.15 4.02 -6.72
C LEU A 123 -1.49 4.79 -8.00
N GLN A 124 -1.12 6.05 -8.05
CA GLN A 124 -1.36 6.88 -9.21
C GLN A 124 -0.05 7.25 -9.88
CA CA B . -5.06 -2.32 10.09
CA CA C . 0.20 7.79 6.97
N MET A 45 -12.67 -4.51 -10.40
CA MET A 45 -13.25 -3.32 -9.79
C MET A 45 -12.76 -2.06 -10.48
N SER A 46 -13.38 -0.94 -10.17
CA SER A 46 -13.01 0.33 -10.75
C SER A 46 -12.09 1.10 -9.80
N PRO A 47 -11.36 2.12 -10.32
CA PRO A 47 -10.33 2.83 -9.55
C PRO A 47 -10.79 3.34 -8.18
N GLN A 48 -11.97 3.97 -8.15
CA GLN A 48 -12.43 4.67 -6.95
C GLN A 48 -12.56 3.73 -5.74
N GLU A 49 -13.21 2.59 -5.90
CA GLU A 49 -13.30 1.61 -4.83
C GLU A 49 -12.01 0.82 -4.70
N LEU A 50 -11.25 0.68 -5.78
CA LEU A 50 -10.02 -0.09 -5.74
C LEU A 50 -8.97 0.53 -4.83
N GLN A 51 -9.12 1.79 -4.53
CA GLN A 51 -8.23 2.42 -3.58
C GLN A 51 -8.61 1.93 -2.19
N LEU A 52 -9.92 1.87 -1.96
CA LEU A 52 -10.45 1.28 -0.74
C LEU A 52 -10.14 -0.21 -0.70
N HIS A 53 -9.95 -0.80 -1.89
CA HIS A 53 -9.56 -2.20 -1.99
C HIS A 53 -8.19 -2.41 -1.37
N TYR A 54 -7.32 -1.44 -1.55
CA TYR A 54 -5.98 -1.50 -0.96
C TYR A 54 -6.08 -1.35 0.54
N PHE A 55 -7.04 -0.53 0.96
CA PHE A 55 -7.25 -0.25 2.36
C PHE A 55 -7.77 -1.48 3.08
N LYS A 56 -8.82 -2.09 2.53
CA LYS A 56 -9.43 -3.24 3.18
C LYS A 56 -8.64 -4.52 2.92
N MET A 57 -7.73 -4.44 1.94
CA MET A 57 -6.99 -5.60 1.43
C MET A 57 -6.47 -6.52 2.53
N HIS A 58 -5.96 -5.92 3.59
CA HIS A 58 -5.39 -6.68 4.68
C HIS A 58 -5.73 -6.06 6.02
N ASP A 59 -6.63 -5.08 6.01
CA ASP A 59 -7.03 -4.42 7.26
C ASP A 59 -8.10 -5.24 7.96
N TYR A 60 -7.63 -6.25 8.68
CA TYR A 60 -8.48 -7.20 9.38
C TYR A 60 -8.32 -7.07 10.89
N ASP A 61 -7.73 -5.95 11.31
CA ASP A 61 -7.49 -5.70 12.72
C ASP A 61 -8.55 -4.78 13.31
N GLY A 62 -9.33 -4.16 12.43
CA GLY A 62 -10.39 -3.28 12.85
C GLY A 62 -9.88 -1.97 13.43
N ASN A 63 -8.71 -1.51 12.97
CA ASN A 63 -8.17 -0.25 13.47
C ASN A 63 -8.29 0.86 12.42
N ASN A 64 -8.78 0.48 11.24
CA ASN A 64 -9.00 1.41 10.12
C ASN A 64 -7.67 2.06 9.71
N LEU A 65 -6.64 1.24 9.64
CA LEU A 65 -5.32 1.67 9.21
C LEU A 65 -4.52 0.46 8.74
N LEU A 66 -3.59 0.68 7.85
CA LEU A 66 -2.74 -0.40 7.37
C LEU A 66 -1.34 -0.31 7.95
N ASP A 67 -1.01 -1.29 8.77
CA ASP A 67 0.34 -1.45 9.30
C ASP A 67 1.15 -2.28 8.31
N GLY A 68 2.47 -2.18 8.34
CA GLY A 68 3.30 -2.91 7.38
C GLY A 68 2.91 -4.37 7.23
N LEU A 69 2.49 -4.99 8.33
CA LEU A 69 2.14 -6.41 8.36
C LEU A 69 0.91 -6.68 7.49
N GLU A 70 -0.06 -5.80 7.57
CA GLU A 70 -1.22 -5.85 6.69
C GLU A 70 -0.80 -5.38 5.29
N LEU A 71 -0.05 -4.30 5.31
CA LEU A 71 0.30 -3.53 4.14
C LEU A 71 1.14 -4.33 3.16
N SER A 72 1.64 -5.47 3.62
CA SER A 72 2.46 -6.35 2.81
C SER A 72 1.77 -6.69 1.49
N THR A 73 0.51 -7.08 1.55
CA THR A 73 -0.23 -7.48 0.36
C THR A 73 -0.69 -6.27 -0.45
N ALA A 74 -0.88 -5.15 0.24
CA ALA A 74 -1.45 -3.97 -0.40
C ALA A 74 -0.40 -3.19 -1.17
N ILE A 75 0.80 -3.05 -0.60
CA ILE A 75 1.86 -2.27 -1.23
C ILE A 75 2.33 -2.93 -2.52
N THR A 76 2.01 -4.21 -2.67
CA THR A 76 2.33 -4.92 -3.89
C THR A 76 1.58 -4.32 -5.08
N HIS A 77 0.57 -3.50 -4.77
CA HIS A 77 -0.13 -2.72 -5.80
C HIS A 77 0.09 -1.22 -5.57
N VAL A 78 0.21 -0.82 -4.30
CA VAL A 78 0.40 0.59 -3.95
C VAL A 78 1.67 1.16 -4.57
N HIS A 79 2.81 0.51 -4.34
CA HIS A 79 4.07 0.98 -4.93
C HIS A 79 4.11 0.67 -6.42
N LYS A 80 3.36 1.43 -7.19
CA LYS A 80 3.36 1.29 -8.64
C LYS A 80 4.67 1.80 -9.21
N GLU A 81 5.14 1.16 -10.27
CA GLU A 81 6.31 1.65 -10.99
C GLU A 81 6.26 1.24 -12.46
N GLU A 82 6.58 -0.02 -12.77
CA GLU A 82 6.47 -0.51 -14.13
C GLU A 82 5.06 -1.02 -14.40
N GLY A 83 4.15 -0.66 -13.49
CA GLY A 83 2.76 -1.03 -13.60
C GLY A 83 1.97 -0.50 -12.41
N SER A 84 0.77 -0.01 -12.66
CA SER A 84 -0.06 0.53 -11.59
C SER A 84 -0.88 -0.58 -10.95
N GLU A 85 -1.40 -1.44 -11.80
CA GLU A 85 -2.26 -2.52 -11.39
C GLU A 85 -1.44 -3.79 -11.20
N GLN A 86 -0.34 -3.87 -11.94
CA GLN A 86 0.52 -5.04 -11.93
C GLN A 86 1.37 -5.08 -10.67
N ALA A 87 1.54 -6.28 -10.14
CA ALA A 87 2.33 -6.49 -8.94
C ALA A 87 3.78 -6.70 -9.31
N PRO A 88 4.66 -5.82 -8.84
CA PRO A 88 6.09 -5.95 -9.08
C PRO A 88 6.71 -7.07 -8.23
N LEU A 89 6.21 -8.28 -8.44
CA LEU A 89 6.76 -9.47 -7.80
C LEU A 89 8.17 -9.73 -8.30
N MET A 90 9.09 -8.96 -7.76
CA MET A 90 10.50 -9.03 -8.11
C MET A 90 11.25 -9.91 -7.12
N SER A 91 11.21 -9.52 -5.85
CA SER A 91 11.85 -10.23 -4.77
C SER A 91 11.20 -9.79 -3.47
N GLU A 92 10.59 -10.75 -2.78
CA GLU A 92 9.76 -10.46 -1.61
C GLU A 92 10.47 -9.61 -0.57
N ASP A 93 11.76 -9.83 -0.39
CA ASP A 93 12.53 -9.06 0.59
C ASP A 93 12.61 -7.59 0.17
N GLU A 94 12.83 -7.37 -1.11
CA GLU A 94 12.90 -6.02 -1.65
C GLU A 94 11.50 -5.42 -1.74
N LEU A 95 10.52 -6.29 -1.94
CA LEU A 95 9.13 -5.88 -1.93
C LEU A 95 8.78 -5.41 -0.53
N ILE A 96 9.31 -6.10 0.47
CA ILE A 96 9.19 -5.68 1.86
C ILE A 96 9.85 -4.31 2.08
N ASN A 97 11.03 -4.14 1.48
CA ASN A 97 11.72 -2.85 1.51
C ASN A 97 10.91 -1.80 0.78
N ILE A 98 10.23 -2.22 -0.27
CA ILE A 98 9.34 -1.35 -1.03
C ILE A 98 8.16 -0.90 -0.15
N ILE A 99 7.66 -1.83 0.66
CA ILE A 99 6.60 -1.52 1.61
C ILE A 99 7.14 -0.56 2.67
N ASP A 100 8.36 -0.83 3.12
CA ASP A 100 9.03 -0.01 4.12
C ASP A 100 9.22 1.39 3.58
N GLY A 101 9.65 1.48 2.32
CA GLY A 101 9.82 2.76 1.66
C GLY A 101 8.55 3.59 1.71
N VAL A 102 7.41 2.91 1.64
CA VAL A 102 6.12 3.56 1.82
C VAL A 102 6.06 4.20 3.20
N LEU A 103 6.34 3.42 4.23
CA LEU A 103 6.31 3.90 5.60
C LEU A 103 7.45 4.89 5.87
N ARG A 104 8.26 5.15 4.86
CA ARG A 104 9.36 6.10 4.97
C ARG A 104 9.01 7.42 4.27
N ASP A 105 8.50 7.33 3.04
CA ASP A 105 8.27 8.53 2.24
C ASP A 105 6.81 8.68 1.82
N ASP A 106 6.14 7.57 1.49
CA ASP A 106 4.73 7.62 1.08
C ASP A 106 3.83 7.83 2.29
N ASP A 107 4.38 7.59 3.47
CA ASP A 107 3.73 7.96 4.71
C ASP A 107 3.93 9.46 4.93
N LYS A 108 3.02 10.25 4.36
CA LYS A 108 3.19 11.69 4.28
C LYS A 108 2.95 12.36 5.62
N ASN A 109 2.06 11.78 6.40
CA ASN A 109 1.69 12.35 7.70
C ASN A 109 2.60 11.86 8.81
N ASN A 110 3.53 10.97 8.45
CA ASN A 110 4.49 10.42 9.39
C ASN A 110 3.79 9.67 10.52
N ASP A 111 2.78 8.88 10.17
CA ASP A 111 2.03 8.12 11.17
C ASP A 111 2.54 6.68 11.24
N GLY A 112 3.34 6.30 10.25
CA GLY A 112 3.90 4.96 10.25
C GLY A 112 2.94 3.95 9.64
N TYR A 113 1.81 4.43 9.16
CA TYR A 113 0.84 3.60 8.46
C TYR A 113 0.48 4.25 7.15
N ILE A 114 -0.39 3.62 6.39
CA ILE A 114 -0.87 4.23 5.18
C ILE A 114 -2.40 4.39 5.24
N ASP A 115 -2.86 5.63 5.13
CA ASP A 115 -4.29 5.90 5.09
C ASP A 115 -4.71 6.07 3.63
N TYR A 116 -5.99 6.36 3.43
CA TYR A 116 -6.58 6.38 2.09
C TYR A 116 -5.80 7.30 1.16
N ALA A 117 -5.54 8.53 1.59
CA ALA A 117 -4.90 9.52 0.72
C ALA A 117 -3.46 9.13 0.39
N GLU A 118 -2.80 8.45 1.32
CA GLU A 118 -1.40 8.09 1.16
C GLU A 118 -1.25 7.04 0.05
N PHE A 119 -2.03 5.95 0.14
CA PHE A 119 -1.94 4.93 -0.89
C PHE A 119 -2.62 5.38 -2.17
N ALA A 120 -3.68 6.19 -2.04
CA ALA A 120 -4.39 6.71 -3.21
C ALA A 120 -3.45 7.55 -4.05
N LYS A 121 -2.70 8.41 -3.38
CA LYS A 121 -1.71 9.25 -4.07
C LYS A 121 -0.59 8.41 -4.67
N SER A 122 -0.31 7.29 -4.04
CA SER A 122 0.80 6.46 -4.45
C SER A 122 0.41 5.55 -5.62
N LEU A 123 -0.84 5.05 -5.60
CA LEU A 123 -1.31 4.11 -6.60
C LEU A 123 -1.77 4.85 -7.86
N GLN A 124 -2.20 6.09 -7.72
CA GLN A 124 -2.65 6.88 -8.85
C GLN A 124 -1.47 7.48 -9.59
CA CA B . -5.22 -2.51 10.30
CA CA C . 0.50 7.49 7.18
N MET A 45 -12.20 -5.01 -10.95
CA MET A 45 -12.48 -3.93 -10.02
C MET A 45 -12.40 -2.57 -10.69
N SER A 46 -13.16 -1.62 -10.17
CA SER A 46 -13.14 -0.26 -10.66
C SER A 46 -12.11 0.56 -9.89
N PRO A 47 -11.54 1.62 -10.48
CA PRO A 47 -10.48 2.41 -9.82
C PRO A 47 -10.85 2.89 -8.42
N GLN A 48 -12.03 3.48 -8.30
CA GLN A 48 -12.48 4.08 -7.04
C GLN A 48 -12.56 3.04 -5.92
N GLU A 49 -13.05 1.85 -6.26
CA GLU A 49 -13.16 0.78 -5.30
C GLU A 49 -11.79 0.17 -5.05
N LEU A 50 -10.96 0.14 -6.09
CA LEU A 50 -9.67 -0.52 -6.02
C LEU A 50 -8.75 0.17 -5.03
N GLN A 51 -9.04 1.42 -4.75
CA GLN A 51 -8.30 2.14 -3.75
C GLN A 51 -8.71 1.61 -2.38
N LEU A 52 -10.01 1.42 -2.20
CA LEU A 52 -10.53 0.76 -1.02
C LEU A 52 -10.05 -0.69 -0.97
N HIS A 53 -9.66 -1.23 -2.12
CA HIS A 53 -9.08 -2.56 -2.17
C HIS A 53 -7.78 -2.61 -1.42
N TYR A 54 -6.96 -1.59 -1.64
CA TYR A 54 -5.67 -1.51 -0.99
C TYR A 54 -5.88 -1.32 0.50
N PHE A 55 -7.03 -0.75 0.85
CA PHE A 55 -7.40 -0.54 2.22
C PHE A 55 -7.82 -1.86 2.87
N LYS A 56 -8.77 -2.56 2.24
CA LYS A 56 -9.33 -3.77 2.85
C LYS A 56 -8.41 -4.96 2.63
N MET A 57 -7.43 -4.80 1.73
CA MET A 57 -6.53 -5.88 1.30
C MET A 57 -6.02 -6.70 2.48
N HIS A 58 -5.77 -6.03 3.59
CA HIS A 58 -5.27 -6.72 4.76
C HIS A 58 -5.80 -6.08 6.04
N ASP A 59 -6.77 -5.17 5.90
CA ASP A 59 -7.33 -4.49 7.06
C ASP A 59 -8.43 -5.34 7.68
N TYR A 60 -8.00 -6.30 8.48
CA TYR A 60 -8.90 -7.17 9.21
C TYR A 60 -9.05 -6.70 10.66
N ASP A 61 -8.25 -5.69 11.01
CA ASP A 61 -8.19 -5.21 12.38
C ASP A 61 -9.10 -4.00 12.60
N GLY A 62 -9.55 -3.41 11.50
CA GLY A 62 -10.54 -2.35 11.55
C GLY A 62 -10.06 -1.07 12.22
N ASN A 63 -8.76 -0.81 12.24
CA ASN A 63 -8.24 0.45 12.80
C ASN A 63 -8.29 1.56 11.75
N ASN A 64 -8.82 1.24 10.57
CA ASN A 64 -8.89 2.18 9.46
C ASN A 64 -7.50 2.66 9.03
N LEU A 65 -6.51 1.81 9.27
CA LEU A 65 -5.14 2.11 8.89
C LEU A 65 -4.41 0.80 8.56
N LEU A 66 -3.24 0.94 7.96
CA LEU A 66 -2.45 -0.21 7.58
C LEU A 66 -0.99 0.01 7.96
N ASP A 67 -0.44 -0.88 8.77
CA ASP A 67 0.99 -0.87 9.06
C ASP A 67 1.67 -1.98 8.28
N GLY A 68 2.94 -2.23 8.59
CA GLY A 68 3.74 -3.19 7.82
C GLY A 68 3.08 -4.54 7.64
N LEU A 69 2.40 -5.03 8.69
CA LEU A 69 1.80 -6.36 8.65
C LEU A 69 0.66 -6.43 7.66
N GLU A 70 -0.15 -5.38 7.63
CA GLU A 70 -1.24 -5.29 6.68
C GLU A 70 -0.69 -4.97 5.29
N LEU A 71 0.21 -4.02 5.25
CA LEU A 71 0.72 -3.47 4.01
C LEU A 71 1.49 -4.49 3.19
N SER A 72 1.96 -5.54 3.82
CA SER A 72 2.75 -6.55 3.13
C SER A 72 2.03 -7.07 1.89
N THR A 73 0.72 -7.21 1.97
CA THR A 73 -0.06 -7.69 0.83
C THR A 73 -0.51 -6.53 -0.06
N ALA A 74 -0.79 -5.39 0.57
CA ALA A 74 -1.41 -4.27 -0.11
C ALA A 74 -0.41 -3.47 -0.92
N ILE A 75 0.72 -3.15 -0.30
CA ILE A 75 1.73 -2.28 -0.90
C ILE A 75 2.26 -2.86 -2.21
N THR A 76 2.12 -4.17 -2.36
CA THR A 76 2.49 -4.85 -3.58
C THR A 76 1.72 -4.29 -4.78
N HIS A 77 0.61 -3.61 -4.51
CA HIS A 77 -0.16 -2.97 -5.56
C HIS A 77 -0.14 -1.46 -5.43
N VAL A 78 0.26 -0.97 -4.26
CA VAL A 78 0.21 0.46 -4.01
C VAL A 78 1.51 1.16 -4.45
N HIS A 79 2.65 0.65 -4.00
CA HIS A 79 3.92 1.29 -4.31
C HIS A 79 4.27 1.10 -5.79
N LYS A 80 4.15 2.18 -6.55
CA LYS A 80 4.48 2.15 -7.97
C LYS A 80 5.94 1.79 -8.20
N GLU A 81 6.19 0.99 -9.23
CA GLU A 81 7.53 0.62 -9.63
C GLU A 81 7.52 0.09 -11.05
N GLU A 82 7.05 -1.14 -11.20
CA GLU A 82 6.84 -1.73 -12.52
C GLU A 82 5.36 -1.64 -12.89
N GLY A 83 4.51 -1.77 -11.88
CA GLY A 83 3.10 -1.68 -12.10
C GLY A 83 2.47 -0.58 -11.25
N SER A 84 1.59 0.20 -11.86
CA SER A 84 0.88 1.24 -11.13
C SER A 84 -0.24 0.63 -10.30
N GLU A 85 -0.97 -0.27 -10.91
CA GLU A 85 -2.05 -0.97 -10.25
C GLU A 85 -1.70 -2.45 -10.05
N GLN A 86 -0.95 -2.99 -10.98
CA GLN A 86 -0.60 -4.40 -10.96
C GLN A 86 0.53 -4.67 -10.00
N ALA A 87 0.59 -5.92 -9.52
CA ALA A 87 1.62 -6.33 -8.60
C ALA A 87 2.91 -6.64 -9.32
N PRO A 88 3.94 -5.82 -9.13
CA PRO A 88 5.22 -6.07 -9.72
C PRO A 88 6.02 -7.06 -8.88
N LEU A 89 5.53 -8.28 -8.79
CA LEU A 89 6.21 -9.34 -8.07
C LEU A 89 7.55 -9.66 -8.71
N MET A 90 8.51 -8.85 -8.37
CA MET A 90 9.87 -8.99 -8.84
C MET A 90 10.69 -9.88 -7.91
N SER A 91 10.72 -9.50 -6.64
CA SER A 91 11.39 -10.26 -5.59
C SER A 91 10.81 -9.84 -4.25
N GLU A 92 10.30 -10.82 -3.52
CA GLU A 92 9.56 -10.60 -2.27
C GLU A 92 10.33 -9.75 -1.27
N ASP A 93 11.62 -9.99 -1.16
CA ASP A 93 12.46 -9.28 -0.19
C ASP A 93 12.66 -7.83 -0.60
N GLU A 94 12.84 -7.59 -1.89
CA GLU A 94 12.94 -6.24 -2.41
C GLU A 94 11.58 -5.55 -2.28
N LEU A 95 10.54 -6.33 -2.50
CA LEU A 95 9.18 -5.88 -2.36
C LEU A 95 8.91 -5.45 -0.92
N ILE A 96 9.57 -6.12 0.02
CA ILE A 96 9.51 -5.74 1.42
C ILE A 96 10.11 -4.35 1.62
N ASN A 97 11.25 -4.08 0.98
CA ASN A 97 11.86 -2.75 1.03
C ASN A 97 11.01 -1.74 0.26
N ILE A 98 10.22 -2.24 -0.67
CA ILE A 98 9.25 -1.41 -1.37
C ILE A 98 8.17 -0.95 -0.39
N ILE A 99 7.79 -1.85 0.49
CA ILE A 99 6.85 -1.54 1.56
C ILE A 99 7.52 -0.58 2.55
N ASP A 100 8.81 -0.81 2.81
CA ASP A 100 9.62 0.11 3.58
C ASP A 100 9.53 1.50 3.00
N GLY A 101 9.73 1.59 1.69
CA GLY A 101 9.63 2.86 0.99
C GLY A 101 8.33 3.57 1.29
N VAL A 102 7.28 2.81 1.48
CA VAL A 102 6.01 3.37 1.88
C VAL A 102 6.08 3.92 3.30
N LEU A 103 6.55 3.09 4.22
CA LEU A 103 6.64 3.45 5.63
C LEU A 103 7.69 4.55 5.85
N ARG A 104 8.48 4.80 4.82
CA ARG A 104 9.54 5.78 4.90
C ARG A 104 9.18 7.06 4.14
N ASP A 105 8.41 6.94 3.06
CA ASP A 105 8.16 8.07 2.18
C ASP A 105 6.68 8.25 1.84
N ASP A 106 5.98 7.17 1.51
CA ASP A 106 4.57 7.26 1.09
C ASP A 106 3.66 7.60 2.26
N ASP A 107 4.14 7.37 3.47
CA ASP A 107 3.49 7.90 4.66
C ASP A 107 3.83 9.38 4.78
N LYS A 108 2.91 10.22 4.36
CA LYS A 108 3.19 11.65 4.21
C LYS A 108 3.08 12.38 5.56
N ASN A 109 2.41 11.77 6.51
CA ASN A 109 2.08 12.45 7.76
C ASN A 109 3.02 12.05 8.89
N ASN A 110 3.93 11.11 8.59
CA ASN A 110 4.87 10.59 9.58
C ASN A 110 4.16 9.80 10.68
N ASP A 111 3.06 9.13 10.30
CA ASP A 111 2.34 8.28 11.23
C ASP A 111 2.77 6.83 11.07
N GLY A 112 3.55 6.59 10.02
CA GLY A 112 4.10 5.27 9.80
C GLY A 112 3.11 4.32 9.15
N TYR A 113 1.85 4.75 9.04
CA TYR A 113 0.82 3.91 8.45
C TYR A 113 0.31 4.57 7.18
N ILE A 114 -0.43 3.83 6.38
CA ILE A 114 -0.98 4.38 5.16
C ILE A 114 -2.51 4.50 5.26
N ASP A 115 -2.99 5.73 5.17
CA ASP A 115 -4.41 6.03 5.21
C ASP A 115 -5.00 5.96 3.80
N TYR A 116 -6.32 5.99 3.68
CA TYR A 116 -6.99 5.92 2.39
C TYR A 116 -6.40 6.96 1.43
N ALA A 117 -6.25 8.20 1.92
CA ALA A 117 -5.71 9.28 1.10
C ALA A 117 -4.26 9.03 0.74
N GLU A 118 -3.52 8.39 1.63
CA GLU A 118 -2.10 8.17 1.44
C GLU A 118 -1.87 7.17 0.32
N PHE A 119 -2.48 5.99 0.42
CA PHE A 119 -2.29 5.00 -0.62
C PHE A 119 -3.00 5.42 -1.89
N ALA A 120 -4.10 6.16 -1.76
CA ALA A 120 -4.82 6.68 -2.92
C ALA A 120 -3.92 7.61 -3.71
N LYS A 121 -3.31 8.56 -3.00
CA LYS A 121 -2.39 9.51 -3.61
C LYS A 121 -1.17 8.79 -4.18
N SER A 122 -0.76 7.72 -3.53
CA SER A 122 0.41 6.98 -3.94
C SER A 122 0.10 6.11 -5.16
N LEU A 123 -1.16 5.68 -5.28
CA LEU A 123 -1.57 4.83 -6.39
C LEU A 123 -2.03 5.67 -7.59
N GLN A 124 -2.09 6.99 -7.40
CA GLN A 124 -2.48 7.91 -8.47
C GLN A 124 -1.45 7.87 -9.60
CA CA B . -5.66 -2.22 9.95
CA CA C . 0.22 7.96 7.33
N MET A 45 -12.45 -5.38 -10.06
CA MET A 45 -13.12 -4.21 -9.49
C MET A 45 -12.66 -2.97 -10.22
N SER A 46 -13.37 -1.86 -10.05
CA SER A 46 -13.02 -0.61 -10.71
C SER A 46 -12.02 0.20 -9.88
N PRO A 47 -11.19 1.05 -10.53
CA PRO A 47 -10.06 1.73 -9.89
C PRO A 47 -10.41 2.47 -8.59
N GLN A 48 -11.52 3.18 -8.61
CA GLN A 48 -11.91 4.02 -7.47
C GLN A 48 -12.09 3.21 -6.19
N GLU A 49 -12.83 2.10 -6.27
CA GLU A 49 -12.98 1.22 -5.13
C GLU A 49 -11.71 0.40 -4.91
N LEU A 50 -10.94 0.18 -5.97
CA LEU A 50 -9.69 -0.56 -5.85
C LEU A 50 -8.69 0.14 -4.96
N GLN A 51 -8.89 1.42 -4.75
CA GLN A 51 -8.09 2.15 -3.79
C GLN A 51 -8.50 1.69 -2.40
N LEU A 52 -9.81 1.61 -2.18
CA LEU A 52 -10.35 1.06 -0.95
C LEU A 52 -9.99 -0.42 -0.86
N HIS A 53 -9.67 -1.03 -2.01
CA HIS A 53 -9.25 -2.41 -2.05
C HIS A 53 -7.91 -2.57 -1.37
N TYR A 54 -7.02 -1.62 -1.59
CA TYR A 54 -5.70 -1.65 -0.97
C TYR A 54 -5.84 -1.42 0.52
N PHE A 55 -6.83 -0.61 0.86
CA PHE A 55 -7.11 -0.27 2.23
C PHE A 55 -7.67 -1.48 2.98
N LYS A 56 -8.71 -2.09 2.41
CA LYS A 56 -9.39 -3.19 3.07
C LYS A 56 -8.63 -4.50 2.92
N MET A 57 -7.72 -4.55 1.95
CA MET A 57 -7.02 -5.78 1.56
C MET A 57 -6.55 -6.59 2.76
N HIS A 58 -5.90 -5.94 3.70
CA HIS A 58 -5.35 -6.64 4.83
C HIS A 58 -5.75 -5.97 6.14
N ASP A 59 -6.67 -5.02 6.07
CA ASP A 59 -7.12 -4.31 7.26
C ASP A 59 -8.15 -5.15 8.01
N TYR A 60 -7.65 -6.18 8.69
CA TYR A 60 -8.49 -7.10 9.45
C TYR A 60 -8.64 -6.63 10.89
N ASP A 61 -7.77 -5.71 11.30
CA ASP A 61 -7.77 -5.23 12.67
C ASP A 61 -8.92 -4.24 12.92
N GLY A 62 -9.52 -3.78 11.82
CA GLY A 62 -10.62 -2.85 11.89
C GLY A 62 -10.24 -1.52 12.52
N ASN A 63 -8.98 -1.11 12.35
CA ASN A 63 -8.51 0.13 12.95
C ASN A 63 -8.47 1.27 11.94
N ASN A 64 -8.91 0.97 10.71
CA ASN A 64 -9.00 1.97 9.64
C ASN A 64 -7.60 2.47 9.27
N LEU A 65 -6.63 1.58 9.34
CA LEU A 65 -5.25 1.89 9.00
C LEU A 65 -4.51 0.60 8.64
N LEU A 66 -3.42 0.73 7.90
CA LEU A 66 -2.62 -0.42 7.51
C LEU A 66 -1.21 -0.29 8.03
N ASP A 67 -0.77 -1.26 8.83
CA ASP A 67 0.59 -1.28 9.34
C ASP A 67 1.48 -2.10 8.41
N GLY A 68 2.75 -2.27 8.76
CA GLY A 68 3.66 -3.01 7.91
C GLY A 68 3.18 -4.43 7.61
N LEU A 69 2.55 -5.06 8.59
CA LEU A 69 2.09 -6.44 8.44
C LEU A 69 0.93 -6.50 7.44
N GLU A 70 -0.03 -5.60 7.62
CA GLU A 70 -1.15 -5.49 6.70
C GLU A 70 -0.66 -5.07 5.32
N LEU A 71 0.27 -4.12 5.32
CA LEU A 71 0.79 -3.54 4.09
C LEU A 71 1.58 -4.53 3.26
N SER A 72 2.02 -5.62 3.86
CA SER A 72 2.79 -6.62 3.14
C SER A 72 2.02 -7.14 1.93
N THR A 73 0.70 -7.20 2.03
CA THR A 73 -0.12 -7.64 0.93
C THR A 73 -0.58 -6.46 0.07
N ALA A 74 -0.74 -5.30 0.70
CA ALA A 74 -1.35 -4.15 0.03
C ALA A 74 -0.34 -3.33 -0.74
N ILE A 75 0.82 -3.08 -0.14
CA ILE A 75 1.84 -2.22 -0.72
C ILE A 75 2.39 -2.83 -2.00
N THR A 76 2.32 -4.14 -2.10
CA THR A 76 2.70 -4.84 -3.31
C THR A 76 1.88 -4.35 -4.51
N HIS A 77 0.73 -3.73 -4.23
CA HIS A 77 -0.08 -3.10 -5.26
C HIS A 77 -0.03 -1.57 -5.14
N VAL A 78 0.19 -1.07 -3.91
CA VAL A 78 0.28 0.36 -3.67
C VAL A 78 1.53 0.96 -4.32
N HIS A 79 2.70 0.46 -3.95
CA HIS A 79 3.94 1.00 -4.50
C HIS A 79 4.22 0.39 -5.86
N LYS A 80 3.40 0.77 -6.83
CA LYS A 80 3.54 0.31 -8.20
C LYS A 80 4.83 0.80 -8.84
N GLU A 81 5.53 -0.11 -9.53
CA GLU A 81 6.78 0.23 -10.19
C GLU A 81 6.65 0.13 -11.71
N GLU A 82 6.12 -0.98 -12.19
CA GLU A 82 6.04 -1.23 -13.63
C GLU A 82 4.72 -0.74 -14.22
N GLY A 83 3.71 -0.59 -13.38
CA GLY A 83 2.40 -0.16 -13.85
C GLY A 83 1.68 0.65 -12.81
N SER A 84 0.38 0.47 -12.70
CA SER A 84 -0.41 1.17 -11.69
C SER A 84 -1.14 0.18 -10.81
N GLU A 85 -1.91 -0.70 -11.42
CA GLU A 85 -2.67 -1.70 -10.71
C GLU A 85 -1.82 -2.93 -10.46
N GLN A 86 -1.01 -3.27 -11.45
CA GLN A 86 -0.23 -4.49 -11.42
C GLN A 86 0.81 -4.49 -10.32
N ALA A 87 0.82 -5.59 -9.55
CA ALA A 87 1.81 -5.80 -8.53
C ALA A 87 3.13 -6.15 -9.16
N PRO A 88 4.17 -5.38 -8.90
CA PRO A 88 5.48 -5.67 -9.42
C PRO A 88 6.17 -6.78 -8.62
N LEU A 89 5.59 -7.98 -8.71
CA LEU A 89 6.20 -9.17 -8.12
C LEU A 89 7.58 -9.43 -8.69
N MET A 90 8.54 -8.72 -8.14
CA MET A 90 9.92 -8.80 -8.57
C MET A 90 10.70 -9.72 -7.65
N SER A 91 10.69 -9.40 -6.37
CA SER A 91 11.31 -10.16 -5.32
C SER A 91 10.70 -9.70 -4.01
N GLU A 92 10.16 -10.64 -3.25
CA GLU A 92 9.42 -10.36 -2.03
C GLU A 92 10.25 -9.52 -1.04
N ASP A 93 11.54 -9.79 -0.97
CA ASP A 93 12.41 -9.05 -0.06
C ASP A 93 12.52 -7.60 -0.50
N GLU A 94 12.70 -7.39 -1.79
CA GLU A 94 12.78 -6.04 -2.34
C GLU A 94 11.44 -5.35 -2.21
N LEU A 95 10.38 -6.11 -2.44
CA LEU A 95 9.03 -5.64 -2.28
C LEU A 95 8.75 -5.27 -0.81
N ILE A 96 9.30 -6.04 0.11
CA ILE A 96 9.24 -5.70 1.54
C ILE A 96 9.94 -4.36 1.80
N ASN A 97 11.09 -4.16 1.17
CA ASN A 97 11.81 -2.89 1.27
C ASN A 97 11.03 -1.78 0.59
N ILE A 98 10.27 -2.15 -0.44
CA ILE A 98 9.39 -1.22 -1.11
C ILE A 98 8.28 -0.77 -0.16
N ILE A 99 7.86 -1.69 0.71
CA ILE A 99 6.89 -1.39 1.75
C ILE A 99 7.51 -0.42 2.76
N ASP A 100 8.79 -0.63 3.05
CA ASP A 100 9.54 0.24 3.94
C ASP A 100 9.57 1.64 3.35
N GLY A 101 9.86 1.72 2.06
CA GLY A 101 9.81 2.99 1.36
C GLY A 101 8.51 3.72 1.57
N VAL A 102 7.41 2.97 1.63
CA VAL A 102 6.11 3.52 1.96
C VAL A 102 6.11 4.07 3.38
N LEU A 103 6.56 3.24 4.31
CA LEU A 103 6.58 3.60 5.72
C LEU A 103 7.54 4.76 5.99
N ARG A 104 8.30 5.14 4.97
CA ARG A 104 9.24 6.24 5.10
C ARG A 104 8.72 7.48 4.38
N ASP A 105 8.32 7.29 3.13
CA ASP A 105 8.01 8.41 2.24
C ASP A 105 6.54 8.50 1.89
N ASP A 106 5.91 7.36 1.56
CA ASP A 106 4.51 7.38 1.15
C ASP A 106 3.62 7.66 2.35
N ASP A 107 4.13 7.36 3.53
CA ASP A 107 3.54 7.80 4.78
C ASP A 107 3.85 9.28 4.98
N LYS A 108 2.99 10.13 4.43
CA LYS A 108 3.25 11.55 4.35
C LYS A 108 3.08 12.24 5.69
N ASN A 109 2.34 11.60 6.56
CA ASN A 109 1.92 12.22 7.81
C ASN A 109 2.65 11.63 9.01
N ASN A 110 3.61 10.77 8.74
CA ASN A 110 4.47 10.19 9.77
C ASN A 110 3.66 9.42 10.81
N ASP A 111 2.63 8.71 10.37
CA ASP A 111 1.83 7.91 11.30
C ASP A 111 2.30 6.47 11.30
N GLY A 112 3.11 6.12 10.29
CA GLY A 112 3.65 4.77 10.21
C GLY A 112 2.68 3.81 9.56
N TYR A 113 1.55 4.33 9.12
CA TYR A 113 0.56 3.55 8.42
C TYR A 113 0.25 4.22 7.09
N ILE A 114 -0.54 3.55 6.27
CA ILE A 114 -1.02 4.16 5.06
C ILE A 114 -2.54 4.30 5.11
N ASP A 115 -3.02 5.52 4.95
CA ASP A 115 -4.45 5.76 4.89
C ASP A 115 -4.87 5.94 3.44
N TYR A 116 -6.15 6.18 3.23
CA TYR A 116 -6.72 6.25 1.90
C TYR A 116 -5.97 7.25 1.03
N ALA A 117 -5.78 8.46 1.56
CA ALA A 117 -5.14 9.53 0.79
C ALA A 117 -3.66 9.24 0.56
N GLU A 118 -3.08 8.36 1.36
CA GLU A 118 -1.66 8.07 1.27
C GLU A 118 -1.41 7.11 0.12
N PHE A 119 -2.12 5.97 0.12
CA PHE A 119 -1.96 5.03 -0.97
C PHE A 119 -2.54 5.59 -2.26
N ALA A 120 -3.62 6.37 -2.14
CA ALA A 120 -4.26 6.97 -3.32
C ALA A 120 -3.28 7.86 -4.06
N LYS A 121 -2.50 8.64 -3.32
CA LYS A 121 -1.47 9.47 -3.92
C LYS A 121 -0.33 8.63 -4.47
N SER A 122 -0.11 7.47 -3.86
CA SER A 122 1.01 6.64 -4.23
C SER A 122 0.63 5.85 -5.49
N LEU A 123 -0.67 5.80 -5.73
CA LEU A 123 -1.25 5.13 -6.89
C LEU A 123 -1.34 6.09 -8.07
N GLN A 124 -0.91 7.32 -7.85
CA GLN A 124 -0.92 8.32 -8.90
C GLN A 124 0.49 8.87 -9.10
CA CA B . -5.34 -2.33 10.16
CA CA C . 0.31 7.46 7.26
N MET A 45 -12.07 -4.66 -10.57
CA MET A 45 -12.64 -3.48 -9.90
C MET A 45 -12.06 -2.20 -10.47
N SER A 46 -12.69 -1.07 -10.18
CA SER A 46 -12.22 0.23 -10.67
C SER A 46 -11.28 0.88 -9.64
N PRO A 47 -10.42 1.82 -10.07
CA PRO A 47 -9.38 2.41 -9.20
C PRO A 47 -9.93 2.95 -7.87
N GLN A 48 -11.06 3.64 -7.95
CA GLN A 48 -11.65 4.31 -6.79
C GLN A 48 -11.92 3.34 -5.64
N GLU A 49 -12.66 2.28 -5.95
CA GLU A 49 -12.94 1.24 -4.96
C GLU A 49 -11.69 0.42 -4.69
N LEU A 50 -10.81 0.29 -5.67
CA LEU A 50 -9.57 -0.46 -5.48
C LEU A 50 -8.69 0.20 -4.42
N GLN A 51 -8.95 1.46 -4.15
CA GLN A 51 -8.27 2.16 -3.09
C GLN A 51 -8.69 1.54 -1.76
N LEU A 52 -9.97 1.21 -1.67
CA LEU A 52 -10.52 0.48 -0.54
C LEU A 52 -10.15 -0.99 -0.65
N HIS A 53 -9.79 -1.43 -1.86
CA HIS A 53 -9.39 -2.82 -2.06
C HIS A 53 -8.02 -3.03 -1.46
N TYR A 54 -7.16 -2.03 -1.63
CA TYR A 54 -5.85 -2.05 -1.02
C TYR A 54 -5.99 -1.95 0.49
N PHE A 55 -6.90 -1.07 0.90
CA PHE A 55 -7.12 -0.76 2.30
C PHE A 55 -7.67 -1.97 3.03
N LYS A 56 -8.75 -2.55 2.50
CA LYS A 56 -9.41 -3.65 3.16
C LYS A 56 -8.65 -4.95 2.95
N MET A 57 -7.74 -4.94 1.96
CA MET A 57 -6.99 -6.15 1.57
C MET A 57 -6.46 -6.90 2.78
N HIS A 58 -5.89 -6.19 3.72
CA HIS A 58 -5.36 -6.82 4.91
C HIS A 58 -5.81 -6.10 6.18
N ASP A 59 -6.72 -5.14 6.03
CA ASP A 59 -7.24 -4.43 7.20
C ASP A 59 -8.50 -5.12 7.69
N TYR A 60 -8.31 -6.14 8.50
CA TYR A 60 -9.41 -6.87 9.09
C TYR A 60 -9.69 -6.33 10.48
N ASP A 61 -8.80 -5.46 10.95
CA ASP A 61 -8.87 -4.93 12.31
C ASP A 61 -9.73 -3.66 12.37
N GLY A 62 -9.97 -3.06 11.20
CA GLY A 62 -10.82 -1.89 11.10
C GLY A 62 -10.33 -0.70 11.92
N ASN A 63 -9.02 -0.61 12.13
CA ASN A 63 -8.47 0.43 13.00
C ASN A 63 -8.00 1.65 12.20
N ASN A 64 -8.50 1.76 10.96
CA ASN A 64 -8.26 2.91 10.09
C ASN A 64 -6.85 2.89 9.48
N LEU A 65 -5.91 2.26 10.15
CA LEU A 65 -4.53 2.26 9.68
C LEU A 65 -4.07 0.88 9.24
N LEU A 66 -3.00 0.89 8.48
CA LEU A 66 -2.34 -0.32 8.02
C LEU A 66 -0.85 -0.22 8.27
N ASP A 67 -0.31 -1.18 9.01
CA ASP A 67 1.14 -1.25 9.23
C ASP A 67 1.75 -2.21 8.24
N GLY A 68 3.09 -2.33 8.25
CA GLY A 68 3.79 -3.21 7.31
C GLY A 68 3.19 -4.61 7.21
N LEU A 69 2.73 -5.16 8.32
CA LEU A 69 2.18 -6.52 8.32
C LEU A 69 0.92 -6.59 7.48
N GLU A 70 -0.03 -5.71 7.75
CA GLU A 70 -1.23 -5.60 6.93
C GLU A 70 -0.83 -5.23 5.51
N LEU A 71 -0.11 -4.13 5.44
CA LEU A 71 0.16 -3.43 4.21
C LEU A 71 1.01 -4.24 3.24
N SER A 72 1.56 -5.35 3.70
CA SER A 72 2.37 -6.20 2.86
C SER A 72 1.63 -6.65 1.61
N THR A 73 0.38 -7.07 1.77
CA THR A 73 -0.40 -7.57 0.65
C THR A 73 -0.92 -6.43 -0.23
N ALA A 74 -1.02 -5.25 0.36
CA ALA A 74 -1.58 -4.09 -0.35
C ALA A 74 -0.51 -3.36 -1.15
N ILE A 75 0.52 -2.90 -0.46
CA ILE A 75 1.54 -2.04 -1.05
C ILE A 75 2.28 -2.71 -2.19
N THR A 76 2.24 -4.03 -2.22
CA THR A 76 2.78 -4.78 -3.34
C THR A 76 2.20 -4.29 -4.66
N HIS A 77 0.94 -3.82 -4.62
CA HIS A 77 0.30 -3.25 -5.79
C HIS A 77 0.45 -1.74 -5.82
N VAL A 78 0.39 -1.13 -4.65
CA VAL A 78 0.32 0.31 -4.52
C VAL A 78 1.65 0.98 -4.85
N HIS A 79 2.73 0.51 -4.23
CA HIS A 79 4.04 1.06 -4.51
C HIS A 79 4.56 0.48 -5.82
N LYS A 80 3.93 0.90 -6.91
CA LYS A 80 4.24 0.42 -8.25
C LYS A 80 5.65 0.82 -8.67
N GLU A 81 6.62 -0.01 -8.30
CA GLU A 81 8.00 0.20 -8.68
C GLU A 81 8.17 0.02 -10.18
N GLU A 82 7.87 -1.18 -10.66
CA GLU A 82 7.97 -1.50 -12.08
C GLU A 82 6.64 -2.03 -12.60
N GLY A 83 5.61 -1.22 -12.42
CA GLY A 83 4.28 -1.62 -12.84
C GLY A 83 3.31 -0.45 -12.72
N SER A 84 2.03 -0.74 -12.79
CA SER A 84 1.02 0.30 -12.70
C SER A 84 0.00 -0.05 -11.62
N GLU A 85 -1.08 -0.73 -11.99
CA GLU A 85 -2.11 -1.06 -11.04
C GLU A 85 -1.85 -2.46 -10.48
N GLN A 86 -1.19 -3.27 -11.30
CA GLN A 86 -0.88 -4.63 -10.92
C GLN A 86 0.42 -4.69 -10.13
N ALA A 87 0.63 -5.82 -9.45
CA ALA A 87 1.76 -5.98 -8.56
C ALA A 87 3.02 -6.27 -9.33
N PRO A 88 4.01 -5.39 -9.24
CA PRO A 88 5.31 -5.63 -9.84
C PRO A 88 6.13 -6.61 -9.01
N LEU A 89 5.66 -7.86 -8.96
CA LEU A 89 6.39 -8.96 -8.33
C LEU A 89 7.76 -9.16 -8.96
N MET A 90 8.68 -8.33 -8.53
CA MET A 90 10.05 -8.35 -9.01
C MET A 90 10.88 -9.35 -8.19
N SER A 91 10.89 -9.13 -6.88
CA SER A 91 11.56 -9.99 -5.92
C SER A 91 11.01 -9.64 -4.55
N GLU A 92 10.54 -10.67 -3.86
CA GLU A 92 9.85 -10.53 -2.58
C GLU A 92 10.63 -9.70 -1.58
N ASP A 93 11.95 -9.85 -1.57
CA ASP A 93 12.80 -9.10 -0.64
C ASP A 93 12.76 -7.62 -0.95
N GLU A 94 12.97 -7.29 -2.22
CA GLU A 94 12.93 -5.90 -2.67
C GLU A 94 11.52 -5.35 -2.51
N LEU A 95 10.55 -6.22 -2.72
CA LEU A 95 9.14 -5.90 -2.58
C LEU A 95 8.82 -5.58 -1.12
N ILE A 96 9.38 -6.36 -0.22
CA ILE A 96 9.25 -6.12 1.21
C ILE A 96 9.84 -4.77 1.59
N ASN A 97 10.99 -4.46 1.03
CA ASN A 97 11.63 -3.17 1.25
C ASN A 97 10.86 -2.05 0.54
N ILE A 98 10.12 -2.42 -0.49
CA ILE A 98 9.24 -1.49 -1.18
C ILE A 98 8.07 -1.10 -0.26
N ILE A 99 7.65 -2.06 0.55
CA ILE A 99 6.63 -1.81 1.57
C ILE A 99 7.25 -1.03 2.75
N ASP A 100 8.56 -1.02 2.83
CA ASP A 100 9.25 -0.13 3.76
C ASP A 100 9.20 1.26 3.17
N GLY A 101 9.33 1.31 1.84
CA GLY A 101 9.27 2.56 1.11
C GLY A 101 7.98 3.33 1.33
N VAL A 102 6.86 2.62 1.45
CA VAL A 102 5.59 3.29 1.74
C VAL A 102 5.68 4.02 3.07
N LEU A 103 6.26 3.36 4.05
CA LEU A 103 6.39 3.92 5.38
C LEU A 103 7.39 5.08 5.39
N ARG A 104 8.16 5.21 4.32
CA ARG A 104 9.16 6.26 4.24
C ARG A 104 8.66 7.45 3.42
N ASP A 105 8.13 7.18 2.22
CA ASP A 105 7.86 8.25 1.26
C ASP A 105 6.38 8.35 0.90
N ASP A 106 5.62 7.29 1.10
CA ASP A 106 4.19 7.33 0.80
C ASP A 106 3.41 7.80 2.02
N ASP A 107 3.96 7.53 3.19
CA ASP A 107 3.42 8.04 4.45
C ASP A 107 3.81 9.50 4.60
N LYS A 108 2.92 10.38 4.17
CA LYS A 108 3.22 11.80 4.09
C LYS A 108 3.09 12.48 5.44
N ASN A 109 2.18 11.98 6.25
CA ASN A 109 1.88 12.60 7.54
C ASN A 109 2.78 12.06 8.64
N ASN A 110 3.68 11.14 8.28
CA ASN A 110 4.66 10.58 9.21
C ASN A 110 3.98 9.80 10.33
N ASP A 111 2.80 9.24 10.08
CA ASP A 111 2.12 8.45 11.10
C ASP A 111 2.65 7.02 11.11
N GLY A 112 3.38 6.66 10.06
CA GLY A 112 4.00 5.36 9.99
C GLY A 112 3.07 4.30 9.44
N TYR A 113 1.88 4.72 9.06
CA TYR A 113 0.91 3.81 8.44
C TYR A 113 0.37 4.46 7.19
N ILE A 114 -0.47 3.74 6.47
CA ILE A 114 -1.13 4.32 5.32
C ILE A 114 -2.62 4.49 5.59
N ASP A 115 -3.09 5.72 5.45
CA ASP A 115 -4.51 6.01 5.52
C ASP A 115 -5.09 6.00 4.12
N TYR A 116 -6.41 6.00 4.00
CA TYR A 116 -7.07 5.96 2.70
C TYR A 116 -6.54 7.03 1.76
N ALA A 117 -6.31 8.24 2.29
CA ALA A 117 -5.80 9.35 1.48
C ALA A 117 -4.40 9.03 0.97
N GLU A 118 -3.56 8.50 1.84
CA GLU A 118 -2.19 8.18 1.50
C GLU A 118 -2.18 7.04 0.50
N PHE A 119 -3.04 6.08 0.75
CA PHE A 119 -3.20 4.93 -0.13
C PHE A 119 -3.60 5.40 -1.52
N ALA A 120 -4.69 6.17 -1.56
CA ALA A 120 -5.22 6.71 -2.80
C ALA A 120 -4.16 7.55 -3.51
N LYS A 121 -3.51 8.43 -2.76
CA LYS A 121 -2.50 9.31 -3.32
C LYS A 121 -1.29 8.54 -3.84
N SER A 122 -0.95 7.46 -3.17
CA SER A 122 0.22 6.69 -3.54
C SER A 122 -0.05 5.86 -4.80
N LEU A 123 -1.31 5.47 -4.98
CA LEU A 123 -1.68 4.64 -6.12
C LEU A 123 -2.01 5.50 -7.35
N GLN A 124 -1.97 6.82 -7.18
CA GLN A 124 -2.20 7.75 -8.29
C GLN A 124 -1.03 7.72 -9.25
CA CA B . -5.47 -2.38 10.37
CA CA C . 0.30 7.81 7.28
N MET A 45 -12.18 -4.98 -10.12
CA MET A 45 -12.88 -3.88 -9.44
C MET A 45 -12.57 -2.54 -10.08
N SER A 46 -13.34 -1.52 -9.70
CA SER A 46 -13.19 -0.17 -10.25
C SER A 46 -12.05 0.58 -9.55
N PRO A 47 -11.42 1.57 -10.20
CA PRO A 47 -10.23 2.26 -9.66
C PRO A 47 -10.42 2.83 -8.25
N GLN A 48 -11.47 3.60 -8.04
CA GLN A 48 -11.71 4.22 -6.73
C GLN A 48 -12.03 3.16 -5.68
N GLU A 49 -12.73 2.13 -6.13
CA GLU A 49 -13.00 0.96 -5.31
C GLU A 49 -11.70 0.35 -4.89
N LEU A 50 -10.87 0.10 -5.88
CA LEU A 50 -9.62 -0.57 -5.70
C LEU A 50 -8.70 0.16 -4.73
N GLN A 51 -8.90 1.44 -4.55
CA GLN A 51 -8.13 2.16 -3.56
C GLN A 51 -8.58 1.70 -2.19
N LEU A 52 -9.90 1.56 -2.03
CA LEU A 52 -10.46 0.96 -0.84
C LEU A 52 -10.06 -0.52 -0.78
N HIS A 53 -9.79 -1.10 -1.94
CA HIS A 53 -9.28 -2.46 -2.01
C HIS A 53 -7.91 -2.55 -1.36
N TYR A 54 -7.08 -1.53 -1.61
CA TYR A 54 -5.76 -1.48 -1.00
C TYR A 54 -5.88 -1.26 0.51
N PHE A 55 -6.94 -0.57 0.89
CA PHE A 55 -7.23 -0.33 2.29
C PHE A 55 -7.66 -1.64 2.96
N LYS A 56 -8.62 -2.31 2.37
CA LYS A 56 -9.15 -3.54 2.94
C LYS A 56 -8.24 -4.74 2.68
N MET A 57 -7.28 -4.53 1.77
CA MET A 57 -6.41 -5.60 1.25
C MET A 57 -5.87 -6.51 2.36
N HIS A 58 -5.57 -5.94 3.50
CA HIS A 58 -5.06 -6.72 4.60
C HIS A 58 -5.52 -6.14 5.94
N ASP A 59 -6.45 -5.19 5.87
CA ASP A 59 -6.93 -4.53 7.08
C ASP A 59 -8.07 -5.34 7.71
N TYR A 60 -7.69 -6.29 8.56
CA TYR A 60 -8.65 -7.13 9.26
C TYR A 60 -8.64 -6.80 10.75
N ASP A 61 -7.77 -5.87 11.13
CA ASP A 61 -7.51 -5.57 12.54
C ASP A 61 -8.53 -4.59 13.12
N GLY A 62 -9.27 -3.93 12.24
CA GLY A 62 -10.29 -2.99 12.68
C GLY A 62 -9.71 -1.67 13.17
N ASN A 63 -8.43 -1.42 12.88
CA ASN A 63 -7.80 -0.17 13.37
C ASN A 63 -7.91 0.93 12.31
N ASN A 64 -8.42 0.56 11.13
CA ASN A 64 -8.67 1.51 10.04
C ASN A 64 -7.37 2.15 9.56
N LEU A 65 -6.26 1.48 9.86
CA LEU A 65 -4.96 1.88 9.37
C LEU A 65 -4.24 0.66 8.81
N LEU A 66 -3.35 0.89 7.88
CA LEU A 66 -2.58 -0.19 7.27
C LEU A 66 -1.15 -0.16 7.79
N ASP A 67 -0.77 -1.19 8.51
CA ASP A 67 0.60 -1.29 9.04
C ASP A 67 1.47 -2.09 8.08
N GLY A 68 2.74 -2.28 8.45
CA GLY A 68 3.70 -2.96 7.60
C GLY A 68 3.25 -4.33 7.13
N LEU A 69 2.81 -5.18 8.04
CA LEU A 69 2.47 -6.54 7.69
C LEU A 69 1.15 -6.60 6.93
N GLU A 70 0.26 -5.64 7.19
CA GLU A 70 -0.95 -5.51 6.40
C GLU A 70 -0.55 -5.11 4.98
N LEU A 71 0.23 -4.05 4.91
CA LEU A 71 0.66 -3.50 3.63
C LEU A 71 1.57 -4.44 2.87
N SER A 72 1.97 -5.52 3.51
CA SER A 72 2.79 -6.52 2.84
C SER A 72 2.10 -7.05 1.57
N THR A 73 0.78 -7.08 1.58
CA THR A 73 0.02 -7.48 0.39
C THR A 73 -0.33 -6.26 -0.46
N ALA A 74 -0.55 -5.12 0.19
CA ALA A 74 -1.12 -3.95 -0.47
C ALA A 74 -0.06 -3.12 -1.18
N ILE A 75 1.08 -2.95 -0.54
CA ILE A 75 2.14 -2.13 -1.09
C ILE A 75 2.75 -2.76 -2.33
N THR A 76 2.50 -4.06 -2.49
CA THR A 76 2.91 -4.77 -3.69
C THR A 76 2.25 -4.14 -4.93
N HIS A 77 1.10 -3.51 -4.71
CA HIS A 77 0.42 -2.79 -5.77
C HIS A 77 0.62 -1.29 -5.62
N VAL A 78 0.70 -0.82 -4.37
CA VAL A 78 0.94 0.60 -4.10
C VAL A 78 2.26 1.07 -4.74
N HIS A 79 3.35 0.34 -4.48
CA HIS A 79 4.56 0.56 -5.27
C HIS A 79 4.36 0.03 -6.69
N LYS A 80 3.80 0.87 -7.55
CA LYS A 80 3.65 0.54 -8.95
C LYS A 80 4.97 0.80 -9.67
N GLU A 81 5.15 0.20 -10.84
CA GLU A 81 6.42 0.36 -11.55
C GLU A 81 6.21 0.23 -13.06
N GLU A 82 6.20 -1.00 -13.58
CA GLU A 82 5.98 -1.21 -15.01
C GLU A 82 4.50 -1.04 -15.35
N GLY A 83 3.67 -1.24 -14.35
CA GLY A 83 2.25 -0.97 -14.47
C GLY A 83 1.79 -0.14 -13.30
N SER A 84 0.56 0.34 -13.33
CA SER A 84 0.04 1.15 -12.24
C SER A 84 -0.84 0.32 -11.33
N GLU A 85 -1.73 -0.45 -11.94
CA GLU A 85 -2.64 -1.30 -11.22
C GLU A 85 -2.03 -2.68 -10.96
N GLN A 86 -1.17 -3.12 -11.87
CA GLN A 86 -0.56 -4.44 -11.75
C GLN A 86 0.58 -4.40 -10.73
N ALA A 87 0.66 -5.44 -9.91
CA ALA A 87 1.72 -5.58 -8.94
C ALA A 87 2.99 -6.06 -9.63
N PRO A 88 4.08 -5.31 -9.47
CA PRO A 88 5.34 -5.72 -10.02
C PRO A 88 6.03 -6.75 -9.14
N LEU A 89 5.40 -7.92 -9.05
CA LEU A 89 5.95 -9.07 -8.33
C LEU A 89 7.39 -9.35 -8.74
N MET A 90 8.30 -8.80 -7.97
CA MET A 90 9.73 -8.94 -8.22
C MET A 90 10.34 -9.90 -7.20
N SER A 91 10.02 -9.66 -5.94
CA SER A 91 10.51 -10.40 -4.79
C SER A 91 9.89 -9.80 -3.56
N GLU A 92 9.12 -10.61 -2.85
CA GLU A 92 8.37 -10.14 -1.68
C GLU A 92 9.27 -9.52 -0.63
N ASP A 93 10.47 -10.07 -0.46
CA ASP A 93 11.40 -9.54 0.53
C ASP A 93 11.86 -8.14 0.14
N GLU A 94 12.21 -7.98 -1.13
CA GLU A 94 12.61 -6.67 -1.66
C GLU A 94 11.44 -5.70 -1.58
N LEU A 95 10.28 -6.20 -1.96
CA LEU A 95 9.05 -5.46 -1.90
C LEU A 95 8.72 -5.05 -0.46
N ILE A 96 9.01 -5.92 0.50
CA ILE A 96 8.86 -5.59 1.93
C ILE A 96 9.77 -4.41 2.31
N ASN A 97 10.96 -4.36 1.73
CA ASN A 97 11.86 -3.22 1.93
C ASN A 97 11.23 -1.97 1.31
N ILE A 98 10.59 -2.17 0.17
CA ILE A 98 9.84 -1.13 -0.50
C ILE A 98 8.69 -0.62 0.40
N ILE A 99 8.01 -1.57 1.04
CA ILE A 99 6.91 -1.27 1.94
C ILE A 99 7.39 -0.39 3.10
N ASP A 100 8.61 -0.66 3.56
CA ASP A 100 9.23 0.11 4.64
C ASP A 100 9.36 1.55 4.19
N GLY A 101 9.80 1.74 2.95
CA GLY A 101 9.92 3.07 2.39
C GLY A 101 8.61 3.82 2.42
N VAL A 102 7.53 3.07 2.34
CA VAL A 102 6.20 3.64 2.48
C VAL A 102 5.99 4.20 3.88
N LEU A 103 6.22 3.38 4.90
CA LEU A 103 5.98 3.76 6.28
C LEU A 103 6.91 4.89 6.71
N ARG A 104 7.94 5.13 5.92
CA ARG A 104 8.93 6.15 6.24
C ARG A 104 8.73 7.40 5.39
N ASP A 105 8.34 7.22 4.15
CA ASP A 105 8.31 8.32 3.19
C ASP A 105 6.94 8.53 2.57
N ASP A 106 6.31 7.45 2.10
CA ASP A 106 5.00 7.56 1.45
C ASP A 106 3.93 7.89 2.49
N ASP A 107 4.27 7.62 3.74
CA ASP A 107 3.51 8.13 4.87
C ASP A 107 3.79 9.63 5.01
N LYS A 108 2.96 10.42 4.37
CA LYS A 108 3.20 11.85 4.23
C LYS A 108 2.83 12.61 5.49
N ASN A 109 1.88 12.06 6.24
CA ASN A 109 1.39 12.72 7.44
C ASN A 109 2.20 12.33 8.67
N ASN A 110 3.16 11.42 8.46
CA ASN A 110 4.04 10.96 9.54
C ASN A 110 3.23 10.28 10.64
N ASP A 111 2.37 9.35 10.25
CA ASP A 111 1.59 8.59 11.23
C ASP A 111 2.08 7.16 11.31
N GLY A 112 2.99 6.80 10.41
CA GLY A 112 3.61 5.48 10.45
C GLY A 112 2.77 4.40 9.82
N TYR A 113 1.61 4.79 9.30
CA TYR A 113 0.75 3.87 8.57
C TYR A 113 0.34 4.51 7.26
N ILE A 114 -0.41 3.79 6.45
CA ILE A 114 -0.94 4.35 5.23
C ILE A 114 -2.46 4.41 5.32
N ASP A 115 -3.01 5.60 5.09
CA ASP A 115 -4.45 5.77 5.04
C ASP A 115 -4.91 5.89 3.59
N TYR A 116 -6.21 6.09 3.40
CA TYR A 116 -6.79 6.07 2.07
C TYR A 116 -6.14 7.08 1.15
N ALA A 117 -5.94 8.30 1.62
CA ALA A 117 -5.39 9.37 0.80
C ALA A 117 -3.92 9.10 0.47
N GLU A 118 -3.24 8.38 1.36
CA GLU A 118 -1.82 8.14 1.22
C GLU A 118 -1.56 7.14 0.10
N PHE A 119 -2.16 5.97 0.18
CA PHE A 119 -1.95 4.95 -0.84
C PHE A 119 -2.62 5.35 -2.15
N ALA A 120 -3.69 6.14 -2.07
CA ALA A 120 -4.40 6.59 -3.26
C ALA A 120 -3.50 7.48 -4.09
N LYS A 121 -2.65 8.25 -3.42
CA LYS A 121 -1.70 9.11 -4.12
C LYS A 121 -0.54 8.30 -4.67
N SER A 122 -0.15 7.25 -3.96
CA SER A 122 1.02 6.49 -4.35
C SER A 122 0.71 5.49 -5.45
N LEU A 123 -0.53 4.99 -5.48
CA LEU A 123 -0.94 4.04 -6.51
C LEU A 123 -1.24 4.77 -7.82
N GLN A 124 -1.07 6.09 -7.81
CA GLN A 124 -1.23 6.91 -9.00
C GLN A 124 0.08 7.61 -9.32
CA CA B . -5.10 -2.47 10.05
CA CA C . 0.13 7.81 7.27
N MET A 45 -12.31 -4.81 -10.31
CA MET A 45 -12.92 -3.69 -9.58
C MET A 45 -12.46 -2.36 -10.15
N SER A 46 -13.28 -1.34 -9.96
CA SER A 46 -13.00 0.00 -10.46
C SER A 46 -11.95 0.71 -9.60
N PRO A 47 -11.29 1.75 -10.13
CA PRO A 47 -10.24 2.49 -9.42
C PRO A 47 -10.69 2.96 -8.04
N GLN A 48 -11.91 3.50 -7.98
CA GLN A 48 -12.50 3.97 -6.74
C GLN A 48 -12.55 2.85 -5.71
N GLU A 49 -13.03 1.69 -6.13
CA GLU A 49 -13.05 0.49 -5.29
C GLU A 49 -11.64 0.15 -4.90
N LEU A 50 -10.78 0.03 -5.90
CA LEU A 50 -9.48 -0.57 -5.72
C LEU A 50 -8.62 0.16 -4.70
N GLN A 51 -8.92 1.42 -4.46
CA GLN A 51 -8.22 2.14 -3.41
C GLN A 51 -8.68 1.58 -2.07
N LEU A 52 -9.99 1.41 -1.93
CA LEU A 52 -10.56 0.73 -0.78
C LEU A 52 -10.15 -0.74 -0.78
N HIS A 53 -9.79 -1.26 -1.95
CA HIS A 53 -9.31 -2.63 -2.06
C HIS A 53 -7.98 -2.78 -1.36
N TYR A 54 -7.12 -1.80 -1.55
CA TYR A 54 -5.82 -1.80 -0.89
C TYR A 54 -5.99 -1.53 0.59
N PHE A 55 -7.03 -0.76 0.90
CA PHE A 55 -7.35 -0.40 2.26
C PHE A 55 -7.81 -1.63 3.03
N LYS A 56 -8.80 -2.33 2.50
CA LYS A 56 -9.36 -3.49 3.18
C LYS A 56 -8.50 -4.72 2.97
N MET A 57 -7.57 -4.64 2.01
CA MET A 57 -6.78 -5.79 1.53
C MET A 57 -6.25 -6.63 2.67
N HIS A 58 -5.81 -5.98 3.73
CA HIS A 58 -5.28 -6.71 4.87
C HIS A 58 -5.60 -5.99 6.17
N ASP A 59 -6.47 -4.98 6.09
CA ASP A 59 -6.86 -4.24 7.29
C ASP A 59 -7.99 -4.96 8.00
N TYR A 60 -7.62 -5.91 8.84
CA TYR A 60 -8.60 -6.72 9.56
C TYR A 60 -8.69 -6.28 11.01
N ASP A 61 -7.81 -5.37 11.41
CA ASP A 61 -7.78 -4.89 12.79
C ASP A 61 -8.89 -3.88 13.05
N GLY A 62 -9.50 -3.40 11.96
CA GLY A 62 -10.61 -2.48 12.06
C GLY A 62 -10.21 -1.13 12.62
N ASN A 63 -8.95 -0.73 12.44
CA ASN A 63 -8.50 0.57 12.93
C ASN A 63 -8.47 1.58 11.79
N ASN A 64 -8.78 1.10 10.58
CA ASN A 64 -8.83 1.93 9.38
C ASN A 64 -7.47 2.51 9.05
N LEU A 65 -6.43 1.76 9.38
CA LEU A 65 -5.08 2.11 9.03
C LEU A 65 -4.31 0.86 8.66
N LEU A 66 -3.47 0.98 7.64
CA LEU A 66 -2.68 -0.15 7.17
C LEU A 66 -1.30 -0.14 7.79
N ASP A 67 -1.07 -1.10 8.69
CA ASP A 67 0.24 -1.29 9.30
C ASP A 67 1.13 -2.13 8.40
N GLY A 68 2.43 -2.09 8.62
CA GLY A 68 3.36 -2.82 7.77
C GLY A 68 2.97 -4.27 7.54
N LEU A 69 2.63 -4.99 8.60
CA LEU A 69 2.32 -6.41 8.47
C LEU A 69 1.02 -6.65 7.69
N GLU A 70 0.06 -5.72 7.81
CA GLU A 70 -1.16 -5.78 7.03
C GLU A 70 -0.82 -5.45 5.59
N LEU A 71 -0.28 -4.26 5.46
CA LEU A 71 0.03 -3.64 4.19
C LEU A 71 1.03 -4.47 3.39
N SER A 72 1.62 -5.46 4.06
CA SER A 72 2.58 -6.37 3.45
C SER A 72 2.05 -7.03 2.17
N THR A 73 0.74 -7.26 2.11
CA THR A 73 0.17 -7.85 0.90
C THR A 73 -0.26 -6.76 -0.09
N ALA A 74 -0.73 -5.65 0.46
CA ALA A 74 -1.36 -4.62 -0.35
C ALA A 74 -0.34 -3.80 -1.12
N ILE A 75 0.78 -3.46 -0.48
CA ILE A 75 1.78 -2.59 -1.10
C ILE A 75 2.35 -3.16 -2.39
N THR A 76 2.18 -4.47 -2.57
CA THR A 76 2.53 -5.11 -3.82
C THR A 76 1.80 -4.44 -4.98
N HIS A 77 0.63 -3.87 -4.69
CA HIS A 77 -0.16 -3.19 -5.70
C HIS A 77 -0.14 -1.68 -5.52
N VAL A 78 0.26 -1.22 -4.34
CA VAL A 78 0.19 0.19 -4.04
C VAL A 78 1.43 0.92 -4.54
N HIS A 79 2.61 0.45 -4.14
CA HIS A 79 3.86 1.06 -4.58
C HIS A 79 4.06 0.86 -6.08
N LYS A 80 3.72 1.88 -6.86
CA LYS A 80 3.84 1.81 -8.31
C LYS A 80 5.29 1.95 -8.77
N GLU A 81 6.04 0.87 -8.65
CA GLU A 81 7.44 0.86 -9.06
C GLU A 81 7.56 0.48 -10.53
N GLU A 82 6.88 -0.59 -10.90
CA GLU A 82 6.92 -1.09 -12.26
C GLU A 82 5.73 -0.56 -13.05
N GLY A 83 4.54 -1.02 -12.68
CA GLY A 83 3.32 -0.45 -13.22
C GLY A 83 2.75 0.55 -12.24
N SER A 84 1.45 0.77 -12.28
CA SER A 84 0.79 1.61 -11.28
C SER A 84 0.01 0.76 -10.31
N GLU A 85 -1.21 0.40 -10.67
CA GLU A 85 -2.01 -0.53 -9.88
C GLU A 85 -1.52 -1.96 -10.06
N GLN A 86 -0.58 -2.13 -10.99
CA GLN A 86 0.00 -3.43 -11.27
C GLN A 86 0.91 -3.88 -10.13
N ALA A 87 0.81 -5.15 -9.77
CA ALA A 87 1.72 -5.72 -8.78
C ALA A 87 3.02 -6.14 -9.43
N PRO A 88 4.12 -5.46 -9.11
CA PRO A 88 5.42 -5.87 -9.58
C PRO A 88 5.99 -7.00 -8.74
N LEU A 89 5.39 -8.18 -8.85
CA LEU A 89 5.92 -9.38 -8.24
C LEU A 89 7.27 -9.74 -8.84
N MET A 90 8.25 -8.98 -8.43
CA MET A 90 9.62 -9.13 -8.91
C MET A 90 10.42 -10.00 -7.94
N SER A 91 10.48 -9.57 -6.70
CA SER A 91 11.12 -10.30 -5.63
C SER A 91 10.60 -9.78 -4.31
N GLU A 92 10.14 -10.71 -3.50
CA GLU A 92 9.56 -10.42 -2.19
C GLU A 92 10.50 -9.59 -1.33
N ASP A 93 11.78 -9.88 -1.40
CA ASP A 93 12.78 -9.15 -0.62
C ASP A 93 12.83 -7.69 -1.04
N GLU A 94 12.88 -7.47 -2.35
CA GLU A 94 12.88 -6.11 -2.89
C GLU A 94 11.56 -5.43 -2.55
N LEU A 95 10.49 -6.21 -2.61
CA LEU A 95 9.16 -5.76 -2.29
C LEU A 95 9.08 -5.35 -0.82
N ILE A 96 9.85 -6.04 0.02
CA ILE A 96 9.97 -5.70 1.42
C ILE A 96 10.50 -4.27 1.58
N ASN A 97 11.54 -3.95 0.80
CA ASN A 97 12.09 -2.59 0.78
C ASN A 97 11.06 -1.62 0.24
N ILE A 98 10.31 -2.08 -0.75
CA ILE A 98 9.23 -1.32 -1.36
C ILE A 98 8.17 -0.94 -0.32
N ILE A 99 7.77 -1.91 0.50
CA ILE A 99 6.79 -1.65 1.56
C ILE A 99 7.36 -0.65 2.58
N ASP A 100 8.62 -0.86 2.96
CA ASP A 100 9.28 0.01 3.91
C ASP A 100 9.30 1.42 3.40
N GLY A 101 9.63 1.58 2.11
CA GLY A 101 9.63 2.88 1.49
C GLY A 101 8.30 3.57 1.65
N VAL A 102 7.23 2.79 1.69
CA VAL A 102 5.90 3.34 1.95
C VAL A 102 5.82 3.90 3.36
N LEU A 103 6.15 3.08 4.35
CA LEU A 103 6.05 3.46 5.75
C LEU A 103 7.06 4.54 6.10
N ARG A 104 7.95 4.83 5.16
CA ARG A 104 8.97 5.82 5.39
C ARG A 104 8.70 7.11 4.60
N ASP A 105 8.15 6.99 3.39
CA ASP A 105 7.97 8.17 2.55
C ASP A 105 6.53 8.34 2.05
N ASP A 106 5.89 7.24 1.63
CA ASP A 106 4.51 7.31 1.13
C ASP A 106 3.55 7.57 2.28
N ASP A 107 4.02 7.31 3.48
CA ASP A 107 3.38 7.78 4.68
C ASP A 107 3.70 9.27 4.87
N LYS A 108 2.82 10.11 4.34
CA LYS A 108 3.10 11.54 4.23
C LYS A 108 2.90 12.25 5.55
N ASN A 109 2.12 11.63 6.43
CA ASN A 109 1.79 12.25 7.71
C ASN A 109 2.78 11.84 8.78
N ASN A 110 3.69 10.92 8.41
CA ASN A 110 4.68 10.38 9.34
C ASN A 110 3.99 9.66 10.49
N ASP A 111 2.87 9.02 10.18
CA ASP A 111 2.08 8.33 11.18
C ASP A 111 2.46 6.86 11.26
N GLY A 112 3.18 6.38 10.26
CA GLY A 112 3.64 5.00 10.25
C GLY A 112 2.67 4.06 9.55
N TYR A 113 1.55 4.59 9.10
CA TYR A 113 0.57 3.81 8.38
C TYR A 113 0.19 4.51 7.08
N ILE A 114 -0.44 3.77 6.20
CA ILE A 114 -0.94 4.36 4.97
C ILE A 114 -2.46 4.50 5.04
N ASP A 115 -2.96 5.70 4.80
CA ASP A 115 -4.39 5.96 4.78
C ASP A 115 -4.87 6.07 3.34
N TYR A 116 -6.16 6.28 3.16
CA TYR A 116 -6.77 6.33 1.84
C TYR A 116 -6.05 7.33 0.94
N ALA A 117 -5.81 8.54 1.44
CA ALA A 117 -5.19 9.60 0.64
C ALA A 117 -3.75 9.26 0.29
N GLU A 118 -3.09 8.52 1.16
CA GLU A 118 -1.69 8.18 0.99
C GLU A 118 -1.54 7.13 -0.10
N PHE A 119 -2.30 6.04 -0.01
CA PHE A 119 -2.21 5.02 -1.03
C PHE A 119 -2.91 5.49 -2.31
N ALA A 120 -3.88 6.39 -2.18
CA ALA A 120 -4.55 6.95 -3.34
C ALA A 120 -3.54 7.65 -4.25
N LYS A 121 -2.62 8.38 -3.63
CA LYS A 121 -1.56 9.04 -4.38
C LYS A 121 -0.52 8.03 -4.81
N SER A 122 -0.37 6.97 -4.04
CA SER A 122 0.71 6.03 -4.23
C SER A 122 0.41 5.08 -5.39
N LEU A 123 -0.83 4.59 -5.46
CA LEU A 123 -1.21 3.60 -6.46
C LEU A 123 -1.58 4.27 -7.79
N GLN A 124 -1.66 5.59 -7.78
CA GLN A 124 -2.05 6.33 -8.97
C GLN A 124 -0.90 7.17 -9.48
CA CA B . -5.14 -2.09 10.30
CA CA C . 0.09 7.93 7.04
#